data_2RJ3
#
_entry.id   2RJ3
#
_cell.length_a   89.000
_cell.length_b   124.260
_cell.length_c   133.960
_cell.angle_alpha   90.00
_cell.angle_beta   90.00
_cell.angle_gamma   90.00
#
_symmetry.space_group_name_H-M   'P 21 21 21'
#
loop_
_entity.id
_entity.type
_entity.pdbx_description
1 polymer 'Uridine phosphorylase'
2 non-polymer 'PHOSPHATE ION'
3 non-polymer URACIL
4 water water
#
_entity_poly.entity_id   1
_entity_poly.type   'polypeptide(L)'
_entity_poly.pdbx_seq_one_letter_code
;SKSDVFHLGLTKNDLQGAQLAIVPGDPERVEKIAALMDKPVKLASHREFTSWRAELDGKAVIVCSTGIGGPSTSIAVEEL
AQLGIRTFLRIGTTGAIQPHINVGDVLVTTASVRLDGASLHFAPMEFPAVADFACTTALVEAAKSIGATTHVGVTASSDT
FYPGQERYDTYSGRVVRRFKGSMEEWQAMGVMNYEMESATLLTMCASQGLRAGMVAGVIVNRTQQEIPNAETMKQTESHA
VKIVVEAARRLL
;
_entity_poly.pdbx_strand_id   A,C,D,F,E,B
#
loop_
_chem_comp.id
_chem_comp.type
_chem_comp.name
_chem_comp.formula
PO4 non-polymer 'PHOSPHATE ION' 'O4 P -3'
URA non-polymer URACIL 'C4 H4 N2 O2'
#
# COMPACT_ATOMS: atom_id res chain seq x y z
N SER A 3 38.05 -4.16 -17.47
CA SER A 3 37.23 -3.09 -16.85
C SER A 3 36.88 -3.37 -15.38
N ASP A 4 36.80 -2.29 -14.59
CA ASP A 4 36.46 -2.37 -13.16
C ASP A 4 35.00 -2.71 -12.89
N VAL A 5 34.14 -2.45 -13.86
CA VAL A 5 32.68 -2.64 -13.70
C VAL A 5 32.11 -3.67 -14.68
N PHE A 6 30.92 -4.18 -14.36
CA PHE A 6 30.34 -5.31 -15.09
C PHE A 6 29.65 -4.94 -16.41
N HIS A 7 28.92 -3.83 -16.44
CA HIS A 7 28.18 -3.45 -17.64
C HIS A 7 28.89 -2.42 -18.52
N LEU A 8 29.48 -1.41 -17.90
CA LEU A 8 29.91 -0.20 -18.59
C LEU A 8 31.19 -0.30 -19.42
N GLY A 9 32.05 -1.27 -19.09
CA GLY A 9 33.29 -1.49 -19.81
C GLY A 9 34.31 -0.38 -19.58
N LEU A 10 34.34 0.12 -18.36
CA LEU A 10 35.20 1.24 -18.01
C LEU A 10 36.07 0.94 -16.80
N THR A 11 37.28 1.49 -16.82
CA THR A 11 38.22 1.39 -15.71
C THR A 11 38.42 2.79 -15.10
N LYS A 12 38.92 2.87 -13.86
CA LYS A 12 39.08 4.15 -13.18
C LYS A 12 40.03 5.09 -13.92
N ASN A 13 41.03 4.51 -14.59
CA ASN A 13 41.96 5.26 -15.41
C ASN A 13 41.25 6.02 -16.54
N ASP A 14 40.27 5.38 -17.17
CA ASP A 14 39.46 5.99 -18.23
C ASP A 14 38.90 7.35 -17.83
N LEU A 15 38.59 7.51 -16.55
CA LEU A 15 37.97 8.73 -16.03
C LEU A 15 38.96 9.88 -15.88
N GLN A 16 40.24 9.54 -15.72
CA GLN A 16 41.31 10.54 -15.56
C GLN A 16 41.03 11.52 -14.42
N GLY A 17 40.50 11.01 -13.32
CA GLY A 17 40.19 11.82 -12.15
C GLY A 17 38.86 12.54 -12.20
N ALA A 18 38.07 12.28 -13.24
CA ALA A 18 36.75 12.89 -13.41
C ALA A 18 35.82 12.55 -12.25
N GLN A 19 35.04 13.54 -11.80
CA GLN A 19 34.08 13.33 -10.72
C GLN A 19 32.67 13.75 -11.12
N LEU A 20 32.53 14.26 -12.34
CA LEU A 20 31.22 14.66 -12.87
C LEU A 20 30.85 13.84 -14.09
N ALA A 21 29.58 13.43 -14.15
CA ALA A 21 29.03 12.72 -15.29
C ALA A 21 27.80 13.42 -15.85
N ILE A 22 27.78 13.61 -17.16
CA ILE A 22 26.57 14.04 -17.87
C ILE A 22 25.92 12.76 -18.39
N VAL A 23 24.67 12.54 -18.03
CA VAL A 23 24.00 11.27 -18.32
C VAL A 23 22.73 11.39 -19.19
N PRO A 24 22.90 11.47 -20.52
CA PRO A 24 21.74 11.52 -21.41
C PRO A 24 21.06 10.16 -21.51
N GLY A 25 19.82 10.12 -21.98
CA GLY A 25 19.11 8.87 -22.17
C GLY A 25 19.56 8.15 -23.43
N ASP A 26 19.69 8.92 -24.51
CA ASP A 26 20.04 8.40 -25.83
C ASP A 26 21.56 8.22 -25.97
N PRO A 27 22.02 6.98 -26.27
CA PRO A 27 23.44 6.71 -26.53
C PRO A 27 24.04 7.46 -27.72
N GLU A 28 23.21 7.91 -28.66
CA GLU A 28 23.68 8.67 -29.83
C GLU A 28 23.93 10.14 -29.49
N ARG A 29 23.42 10.59 -28.34
CA ARG A 29 23.58 11.98 -27.91
C ARG A 29 24.91 12.21 -27.18
N VAL A 30 25.50 11.12 -26.67
CA VAL A 30 26.75 11.18 -25.90
C VAL A 30 27.84 11.95 -26.65
N GLU A 31 28.09 11.57 -27.91
CA GLU A 31 29.06 12.25 -28.75
C GLU A 31 28.73 13.74 -28.95
N LYS A 32 27.47 14.04 -29.24
CA LYS A 32 27.00 15.42 -29.43
C LYS A 32 27.30 16.33 -28.24
N ILE A 33 27.08 15.81 -27.04
CA ILE A 33 27.34 16.54 -25.79
C ILE A 33 28.84 16.72 -25.56
N ALA A 34 29.61 15.66 -25.79
CA ALA A 34 31.07 15.69 -25.63
C ALA A 34 31.73 16.63 -26.63
N ALA A 35 31.04 16.90 -27.74
CA ALA A 35 31.53 17.80 -28.79
C ALA A 35 31.46 19.29 -28.40
N LEU A 36 30.76 19.60 -27.31
CA LEU A 36 30.73 20.98 -26.78
C LEU A 36 31.84 21.20 -25.73
N MET A 37 32.70 20.20 -25.58
CA MET A 37 33.81 20.27 -24.62
C MET A 37 35.14 20.07 -25.33
N ASP A 38 36.24 20.11 -24.57
CA ASP A 38 37.58 20.01 -25.15
C ASP A 38 38.13 18.58 -25.09
N LYS A 39 38.84 18.20 -26.14
CA LYS A 39 39.46 16.87 -26.30
C LYS A 39 38.52 15.69 -25.98
N PRO A 40 37.38 15.60 -26.69
CA PRO A 40 36.51 14.45 -26.46
C PRO A 40 37.08 13.18 -27.10
N VAL A 41 37.06 12.08 -26.32
CA VAL A 41 37.48 10.78 -26.81
C VAL A 41 36.45 9.73 -26.44
N LYS A 42 36.15 8.84 -27.39
CA LYS A 42 35.27 7.71 -27.14
C LYS A 42 35.98 6.69 -26.25
N LEU A 43 35.29 6.29 -25.19
CA LEU A 43 35.83 5.32 -24.24
C LEU A 43 35.32 3.91 -24.51
N ALA A 44 34.00 3.75 -24.57
CA ALA A 44 33.37 2.43 -24.72
C ALA A 44 31.91 2.51 -25.19
N SER A 45 31.44 1.41 -25.77
CA SER A 45 30.03 1.23 -26.10
C SER A 45 29.60 -0.20 -25.81
N HIS A 46 28.75 -0.37 -24.81
CA HIS A 46 28.18 -1.68 -24.48
C HIS A 46 26.70 -1.55 -24.19
N ARG A 47 25.90 -2.37 -24.87
CA ARG A 47 24.45 -2.35 -24.73
C ARG A 47 23.93 -0.94 -25.00
N GLU A 48 23.18 -0.37 -24.05
CA GLU A 48 22.71 1.02 -24.17
C GLU A 48 23.69 2.03 -23.59
N PHE A 49 24.83 1.55 -23.09
CA PHE A 49 25.80 2.41 -22.41
C PHE A 49 26.99 2.83 -23.31
N THR A 50 26.86 3.99 -23.93
CA THR A 50 27.94 4.63 -24.69
C THR A 50 28.58 5.72 -23.83
N SER A 51 29.90 5.66 -23.65
CA SER A 51 30.61 6.64 -22.83
C SER A 51 31.75 7.38 -23.54
N TRP A 52 31.89 8.66 -23.20
CA TRP A 52 32.92 9.54 -23.76
C TRP A 52 33.57 10.34 -22.62
N ARG A 53 34.87 10.60 -22.75
CA ARG A 53 35.56 11.52 -21.85
C ARG A 53 35.90 12.79 -22.59
N ALA A 54 35.80 13.92 -21.88
CA ALA A 54 36.18 15.22 -22.42
C ALA A 54 36.69 16.14 -21.30
N GLU A 55 37.25 17.28 -21.69
CA GLU A 55 37.75 18.28 -20.75
C GLU A 55 36.85 19.49 -20.72
N LEU A 56 36.58 19.98 -19.53
CA LEU A 56 35.79 21.20 -19.35
C LEU A 56 36.54 22.12 -18.40
N ASP A 57 36.97 23.27 -18.94
CA ASP A 57 37.83 24.21 -18.22
C ASP A 57 39.09 23.54 -17.63
N GLY A 58 39.65 22.58 -18.37
CA GLY A 58 40.85 21.87 -17.95
C GLY A 58 40.63 20.61 -17.12
N LYS A 59 39.41 20.42 -16.61
CA LYS A 59 39.09 19.27 -15.76
C LYS A 59 38.41 18.15 -16.56
N ALA A 60 38.69 16.91 -16.17
CA ALA A 60 38.11 15.74 -16.82
C ALA A 60 36.63 15.58 -16.47
N VAL A 61 35.83 15.20 -17.48
CA VAL A 61 34.38 15.05 -17.34
C VAL A 61 33.92 13.86 -18.17
N ILE A 62 33.01 13.06 -17.62
CA ILE A 62 32.47 11.89 -18.30
C ILE A 62 31.08 12.17 -18.85
N VAL A 63 30.82 11.71 -20.07
CA VAL A 63 29.46 11.66 -20.61
C VAL A 63 29.13 10.21 -20.87
N CYS A 64 28.01 9.75 -20.31
CA CYS A 64 27.60 8.36 -20.41
C CYS A 64 26.08 8.19 -20.48
N SER A 65 25.62 7.45 -21.49
CA SER A 65 24.19 7.21 -21.68
C SER A 65 23.62 6.24 -20.66
N THR A 66 22.35 6.41 -20.37
CA THR A 66 21.67 5.59 -19.37
C THR A 66 20.74 4.59 -20.03
N GLY A 67 20.29 4.88 -21.25
CA GLY A 67 19.18 4.15 -21.87
C GLY A 67 17.87 4.66 -21.31
N ILE A 68 16.75 4.26 -21.91
CA ILE A 68 15.44 4.63 -21.40
C ILE A 68 15.08 3.80 -20.16
N GLY A 69 14.68 4.50 -19.10
CA GLY A 69 14.14 3.85 -17.91
C GLY A 69 15.03 3.87 -16.69
N GLY A 70 14.42 3.68 -15.53
CA GLY A 70 15.12 3.64 -14.26
C GLY A 70 16.12 2.50 -14.07
N PRO A 71 15.76 1.27 -14.47
CA PRO A 71 16.67 0.13 -14.38
C PRO A 71 18.03 0.32 -15.06
N SER A 72 18.03 0.87 -16.27
CA SER A 72 19.27 1.13 -17.00
C SER A 72 20.06 2.24 -16.33
N THR A 73 19.34 3.29 -15.94
CA THR A 73 19.89 4.43 -15.22
C THR A 73 20.58 3.98 -13.94
N SER A 74 19.92 3.07 -13.21
CA SER A 74 20.43 2.61 -11.92
C SER A 74 21.76 1.86 -12.05
N ILE A 75 21.93 1.13 -13.16
CA ILE A 75 23.18 0.42 -13.44
C ILE A 75 24.31 1.42 -13.76
N ALA A 76 24.03 2.33 -14.69
CA ALA A 76 25.02 3.33 -15.12
C ALA A 76 25.52 4.16 -13.94
N VAL A 77 24.59 4.73 -13.18
CA VAL A 77 24.90 5.58 -12.04
C VAL A 77 25.64 4.83 -10.94
N GLU A 78 25.25 3.59 -10.68
CA GLU A 78 25.92 2.76 -9.69
C GLU A 78 27.36 2.50 -10.10
N GLU A 79 27.55 2.11 -11.37
CA GLU A 79 28.85 1.68 -11.84
C GLU A 79 29.80 2.87 -12.05
N LEU A 80 29.24 4.00 -12.48
CA LEU A 80 29.99 5.26 -12.53
C LEU A 80 30.44 5.70 -11.14
N ALA A 81 29.55 5.53 -10.15
CA ALA A 81 29.87 5.80 -8.75
C ALA A 81 31.01 4.92 -8.24
N GLN A 82 31.00 3.65 -8.64
CA GLN A 82 32.09 2.73 -8.31
C GLN A 82 33.40 3.21 -8.92
N LEU A 83 33.31 3.86 -10.09
CA LEU A 83 34.48 4.35 -10.81
C LEU A 83 35.02 5.68 -10.26
N GLY A 84 34.24 6.36 -9.43
CA GLY A 84 34.69 7.58 -8.78
C GLY A 84 33.77 8.79 -8.89
N ILE A 85 32.78 8.71 -9.77
CA ILE A 85 31.83 9.82 -9.99
C ILE A 85 31.01 10.13 -8.74
N ARG A 86 30.86 11.43 -8.45
CA ARG A 86 30.07 11.90 -7.31
C ARG A 86 28.91 12.79 -7.75
N THR A 87 29.02 13.39 -8.94
CA THR A 87 28.01 14.33 -9.42
C THR A 87 27.45 13.90 -10.78
N PHE A 88 26.12 13.88 -10.87
CA PHE A 88 25.42 13.42 -12.07
C PHE A 88 24.48 14.50 -12.59
N LEU A 89 24.58 14.78 -13.89
CA LEU A 89 23.67 15.71 -14.53
C LEU A 89 22.90 15.03 -15.65
N ARG A 90 21.57 15.00 -15.50
CA ARG A 90 20.69 14.43 -16.50
C ARG A 90 20.26 15.51 -17.48
N ILE A 91 20.55 15.27 -18.75
CA ILE A 91 19.97 16.04 -19.85
C ILE A 91 19.07 15.10 -20.66
N GLY A 92 17.80 15.45 -20.77
CA GLY A 92 16.83 14.61 -21.48
C GLY A 92 15.87 15.36 -22.39
N THR A 93 14.94 14.62 -22.99
CA THR A 93 13.81 15.20 -23.72
C THR A 93 12.54 14.88 -22.94
N THR A 94 11.51 15.71 -23.11
CA THR A 94 10.32 15.61 -22.28
C THR A 94 9.05 16.06 -23.00
N GLY A 95 7.91 15.63 -22.48
CA GLY A 95 6.62 16.10 -22.92
C GLY A 95 6.02 17.02 -21.88
N ALA A 96 5.85 18.29 -22.24
CA ALA A 96 5.26 19.27 -21.34
C ALA A 96 3.76 19.04 -21.22
N ILE A 97 3.21 19.29 -20.04
CA ILE A 97 1.78 19.07 -19.80
C ILE A 97 0.99 20.33 -19.41
N GLN A 98 1.69 21.45 -19.22
CA GLN A 98 1.05 22.72 -18.94
C GLN A 98 0.89 23.55 -20.22
N PRO A 99 -0.29 24.15 -20.43
CA PRO A 99 -0.56 24.93 -21.64
C PRO A 99 0.44 26.07 -21.90
N HIS A 100 0.96 26.68 -20.84
CA HIS A 100 1.86 27.83 -20.98
C HIS A 100 3.29 27.49 -21.39
N ILE A 101 3.72 26.25 -21.16
CA ILE A 101 5.06 25.80 -21.54
C ILE A 101 5.07 25.37 -23.02
N ASN A 102 5.95 25.98 -23.81
CA ASN A 102 6.01 25.71 -25.25
C ASN A 102 7.15 24.78 -25.65
N VAL A 103 7.03 24.21 -26.85
CA VAL A 103 8.09 23.44 -27.48
C VAL A 103 9.33 24.31 -27.60
N GLY A 104 10.47 23.78 -27.19
CA GLY A 104 11.73 24.54 -27.22
C GLY A 104 12.16 25.06 -25.86
N ASP A 105 11.21 25.12 -24.93
CA ASP A 105 11.51 25.54 -23.56
C ASP A 105 12.44 24.56 -22.86
N VAL A 106 13.12 25.05 -21.82
CA VAL A 106 14.04 24.24 -21.03
C VAL A 106 13.43 24.07 -19.63
N LEU A 107 13.45 22.85 -19.12
CA LEU A 107 12.83 22.55 -17.82
C LEU A 107 13.80 21.93 -16.84
N VAL A 108 13.92 22.57 -15.67
CA VAL A 108 14.80 22.09 -14.62
C VAL A 108 13.95 21.50 -13.50
N THR A 109 14.29 20.28 -13.11
CA THR A 109 13.49 19.55 -12.14
C THR A 109 14.09 19.70 -10.75
N THR A 110 13.28 20.23 -9.83
CA THR A 110 13.65 20.28 -8.42
C THR A 110 13.43 18.92 -7.78
N ALA A 111 12.31 18.29 -8.14
CA ALA A 111 11.93 16.96 -7.64
C ALA A 111 10.91 16.30 -8.54
N SER A 112 10.82 14.97 -8.46
CA SER A 112 9.94 14.20 -9.34
C SER A 112 8.86 13.40 -8.62
N VAL A 113 7.71 13.27 -9.28
CA VAL A 113 6.67 12.34 -8.88
C VAL A 113 7.17 10.94 -9.26
N ARG A 114 7.21 10.05 -8.26
CA ARG A 114 7.79 8.73 -8.46
C ARG A 114 6.80 7.74 -9.07
N LEU A 115 6.72 7.74 -10.40
CA LEU A 115 5.87 6.81 -11.11
C LEU A 115 6.71 5.66 -11.66
N ASP A 116 7.82 5.41 -10.99
CA ASP A 116 8.78 4.37 -11.35
C ASP A 116 8.83 3.31 -10.25
N GLY A 117 9.59 2.24 -10.50
CA GLY A 117 9.77 1.18 -9.52
C GLY A 117 11.16 1.08 -8.96
N ALA A 118 12.15 1.60 -9.68
CA ALA A 118 13.55 1.49 -9.29
C ALA A 118 13.94 2.35 -8.09
N SER A 119 13.22 3.46 -7.89
CA SER A 119 13.48 4.33 -6.74
C SER A 119 13.18 3.59 -5.43
N LEU A 120 12.12 2.79 -5.44
CA LEU A 120 11.74 1.93 -4.31
C LEU A 120 12.85 0.95 -3.90
N HIS A 121 13.81 0.74 -4.80
CA HIS A 121 14.96 -0.13 -4.55
C HIS A 121 16.09 0.60 -3.82
N PHE A 122 15.89 1.89 -3.57
CA PHE A 122 16.89 2.69 -2.86
C PHE A 122 16.28 3.38 -1.66
N ALA A 123 14.99 3.66 -1.72
CA ALA A 123 14.28 4.35 -0.65
C ALA A 123 12.78 4.10 -0.74
N PRO A 124 12.09 4.04 0.42
CA PRO A 124 10.63 3.88 0.43
C PRO A 124 9.96 5.05 -0.29
N MET A 125 8.69 4.91 -0.63
CA MET A 125 7.98 5.92 -1.40
C MET A 125 7.92 7.29 -0.72
N GLU A 126 7.91 7.31 0.60
CA GLU A 126 7.79 8.56 1.35
C GLU A 126 9.02 9.48 1.21
N PHE A 127 10.15 8.89 0.82
CA PHE A 127 11.37 9.64 0.54
C PHE A 127 11.22 10.47 -0.74
N PRO A 128 11.67 11.74 -0.71
CA PRO A 128 11.53 12.58 -1.90
C PRO A 128 12.57 12.30 -2.98
N ALA A 129 12.11 12.21 -4.22
CA ALA A 129 13.01 12.16 -5.37
C ALA A 129 13.43 13.59 -5.71
N VAL A 130 14.33 14.13 -4.88
CA VAL A 130 14.71 15.54 -4.95
C VAL A 130 16.12 15.71 -5.54
N ALA A 131 16.27 16.74 -6.38
CA ALA A 131 17.56 17.12 -6.94
C ALA A 131 18.46 17.80 -5.90
N ASP A 132 19.77 17.66 -6.08
CA ASP A 132 20.76 18.36 -5.25
C ASP A 132 20.70 19.86 -5.51
N PHE A 133 20.86 20.65 -4.44
CA PHE A 133 20.73 22.11 -4.51
C PHE A 133 21.75 22.77 -5.47
N ALA A 134 23.02 22.40 -5.35
CA ALA A 134 24.07 22.98 -6.18
C ALA A 134 23.85 22.72 -7.68
N CYS A 135 23.53 21.46 -8.01
CA CYS A 135 23.25 21.05 -9.39
C CYS A 135 22.09 21.84 -10.00
N THR A 136 21.03 21.99 -9.22
CA THR A 136 19.85 22.73 -9.62
C THR A 136 20.16 24.21 -9.81
N THR A 137 20.96 24.76 -8.91
CA THR A 137 21.42 26.15 -9.02
C THR A 137 22.22 26.34 -10.30
N ALA A 138 23.20 25.45 -10.52
CA ALA A 138 24.04 25.47 -11.71
C ALA A 138 23.23 25.43 -13.01
N LEU A 139 22.14 24.68 -13.01
CA LEU A 139 21.30 24.54 -14.21
C LEU A 139 20.41 25.77 -14.45
N VAL A 140 19.97 26.41 -13.38
CA VAL A 140 19.13 27.61 -13.46
C VAL A 140 19.97 28.78 -13.97
N GLU A 141 21.19 28.86 -13.48
CA GLU A 141 22.11 29.93 -13.86
C GLU A 141 22.59 29.74 -15.29
N ALA A 142 22.96 28.50 -15.63
CA ALA A 142 23.41 28.17 -16.98
C ALA A 142 22.34 28.49 -18.02
N ALA A 143 21.09 28.12 -17.73
CA ALA A 143 19.95 28.43 -18.59
C ALA A 143 19.86 29.93 -18.87
N LYS A 144 20.04 30.72 -17.81
CA LYS A 144 20.03 32.18 -17.86
C LYS A 144 21.26 32.72 -18.60
N SER A 145 22.39 32.03 -18.44
CA SER A 145 23.65 32.37 -19.10
C SER A 145 23.64 32.07 -20.60
N ILE A 146 22.89 31.03 -20.98
CA ILE A 146 22.78 30.61 -22.38
C ILE A 146 21.73 31.45 -23.10
N GLY A 147 20.61 31.70 -22.42
CA GLY A 147 19.49 32.43 -23.01
C GLY A 147 18.41 31.44 -23.42
N ALA A 148 17.44 31.23 -22.54
CA ALA A 148 16.38 30.24 -22.77
C ALA A 148 15.10 30.60 -22.03
N THR A 149 13.97 30.12 -22.52
CA THR A 149 12.73 30.17 -21.75
C THR A 149 12.78 29.00 -20.77
N THR A 150 12.89 29.32 -19.49
CA THR A 150 13.11 28.30 -18.46
C THR A 150 11.99 28.23 -17.42
N HIS A 151 11.52 27.01 -17.17
CA HIS A 151 10.57 26.74 -16.09
C HIS A 151 11.18 25.74 -15.11
N VAL A 152 11.01 26.03 -13.82
CA VAL A 152 11.58 25.23 -12.74
C VAL A 152 10.45 24.68 -11.88
N GLY A 153 10.49 23.38 -11.58
CA GLY A 153 9.47 22.74 -10.75
C GLY A 153 9.42 21.23 -10.80
N VAL A 154 8.26 20.69 -10.47
CA VAL A 154 8.06 19.23 -10.30
C VAL A 154 7.83 18.51 -11.63
N THR A 155 8.41 17.31 -11.76
CA THR A 155 8.29 16.47 -12.96
C THR A 155 7.64 15.13 -12.63
N ALA A 156 6.83 14.63 -13.56
CA ALA A 156 6.30 13.27 -13.48
C ALA A 156 7.25 12.31 -14.18
N SER A 157 7.87 11.43 -13.40
CA SER A 157 8.84 10.47 -13.92
C SER A 157 8.21 9.07 -14.01
N SER A 158 7.84 8.67 -15.23
CA SER A 158 7.06 7.45 -15.47
C SER A 158 7.86 6.28 -16.03
N ASP A 159 7.55 5.08 -15.54
CA ASP A 159 8.18 3.85 -16.05
C ASP A 159 7.67 3.42 -17.44
N THR A 160 6.66 4.10 -17.96
CA THR A 160 6.21 3.86 -19.33
C THR A 160 6.09 5.16 -20.13
N PHE A 161 6.26 5.02 -21.45
CA PHE A 161 6.07 6.13 -22.38
C PHE A 161 4.58 6.32 -22.67
N TYR A 162 3.80 5.25 -22.51
CA TYR A 162 2.41 5.25 -22.95
C TYR A 162 1.37 5.34 -21.82
N PRO A 163 1.02 4.21 -21.16
CA PRO A 163 -0.08 4.25 -20.18
C PRO A 163 0.22 5.12 -18.95
N GLY A 164 1.45 5.07 -18.44
CA GLY A 164 1.86 5.89 -17.31
C GLY A 164 1.90 7.38 -17.61
N GLN A 165 1.84 7.71 -18.89
CA GLN A 165 1.77 9.11 -19.33
C GLN A 165 0.42 9.33 -20.00
N GLU A 166 -0.54 8.49 -19.62
CA GLU A 166 -1.91 8.50 -20.13
C GLU A 166 -2.05 8.78 -21.63
N ARG A 167 -1.23 8.07 -22.42
CA ARG A 167 -1.39 8.03 -23.87
C ARG A 167 -2.40 6.95 -24.23
N TYR A 168 -3.29 7.28 -25.15
CA TYR A 168 -4.41 6.41 -25.51
C TYR A 168 -4.32 5.81 -26.91
N ASP A 169 -3.57 6.46 -27.81
CA ASP A 169 -3.38 5.89 -29.15
C ASP A 169 -2.33 4.79 -29.10
N THR A 170 -2.73 3.65 -28.56
CA THR A 170 -1.87 2.50 -28.34
C THR A 170 -2.53 1.27 -28.98
N TYR A 171 -1.86 0.13 -28.87
CA TYR A 171 -2.42 -1.14 -29.33
C TYR A 171 -3.74 -1.46 -28.62
N SER A 172 -3.76 -1.29 -27.29
CA SER A 172 -4.92 -1.64 -26.48
C SER A 172 -5.96 -0.53 -26.42
N GLY A 173 -5.50 0.72 -26.49
CA GLY A 173 -6.38 1.89 -26.38
C GLY A 173 -6.92 2.13 -24.99
N ARG A 174 -6.49 1.32 -24.03
CA ARG A 174 -6.95 1.44 -22.64
C ARG A 174 -5.81 1.84 -21.70
N VAL A 175 -6.15 2.51 -20.60
CA VAL A 175 -5.19 2.87 -19.56
C VAL A 175 -5.68 2.32 -18.22
N VAL A 176 -4.80 1.62 -17.51
CA VAL A 176 -5.10 1.03 -16.21
C VAL A 176 -5.66 2.06 -15.22
N ARG A 177 -6.62 1.62 -14.42
CA ARG A 177 -7.31 2.44 -13.41
C ARG A 177 -6.41 3.48 -12.72
N ARG A 178 -5.25 3.02 -12.26
CA ARG A 178 -4.26 3.86 -11.57
C ARG A 178 -3.93 5.14 -12.32
N PHE A 179 -3.90 5.05 -13.65
CA PHE A 179 -3.49 6.17 -14.50
C PHE A 179 -4.62 6.82 -15.30
N LYS A 180 -5.87 6.39 -15.07
CA LYS A 180 -7.02 7.05 -15.67
C LYS A 180 -7.22 8.44 -15.07
N GLY A 181 -7.23 9.46 -15.93
CA GLY A 181 -7.37 10.85 -15.50
C GLY A 181 -6.21 11.37 -14.68
N SER A 182 -5.06 10.70 -14.78
CA SER A 182 -3.87 11.06 -14.02
C SER A 182 -3.19 12.32 -14.53
N MET A 183 -3.12 12.48 -15.86
CA MET A 183 -2.51 13.66 -16.46
C MET A 183 -3.22 14.93 -16.03
N GLU A 184 -4.56 14.90 -16.05
CA GLU A 184 -5.38 16.01 -15.57
C GLU A 184 -5.11 16.35 -14.10
N GLU A 185 -4.84 15.31 -13.30
CA GLU A 185 -4.54 15.48 -11.89
C GLU A 185 -3.16 16.09 -11.67
N TRP A 186 -2.15 15.60 -12.38
CA TRP A 186 -0.80 16.19 -12.30
C TRP A 186 -0.80 17.65 -12.78
N GLN A 187 -1.56 17.92 -13.85
CA GLN A 187 -1.73 19.28 -14.38
C GLN A 187 -2.28 20.23 -13.32
N ALA A 188 -3.31 19.77 -12.61
CA ALA A 188 -3.89 20.54 -11.51
C ALA A 188 -2.91 20.73 -10.35
N MET A 189 -2.00 19.78 -10.19
CA MET A 189 -0.99 19.85 -9.12
C MET A 189 0.27 20.63 -9.53
N GLY A 190 0.22 21.28 -10.69
CA GLY A 190 1.33 22.13 -11.14
C GLY A 190 2.51 21.42 -11.78
N VAL A 191 2.48 20.10 -11.81
CA VAL A 191 3.50 19.29 -12.50
C VAL A 191 3.65 19.78 -13.93
N MET A 192 4.88 19.93 -14.39
CA MET A 192 5.13 20.56 -15.68
C MET A 192 5.42 19.62 -16.85
N ASN A 193 5.83 18.38 -16.57
CA ASN A 193 6.26 17.47 -17.64
C ASN A 193 6.36 15.99 -17.32
N TYR A 194 6.38 15.17 -18.37
CA TYR A 194 6.64 13.74 -18.28
C TYR A 194 8.02 13.41 -18.85
N GLU A 195 8.81 12.67 -18.08
CA GLU A 195 9.99 11.98 -18.61
C GLU A 195 10.11 10.59 -17.93
N MET A 196 11.21 9.88 -18.14
CA MET A 196 11.27 8.48 -17.76
C MET A 196 12.43 7.99 -16.88
N GLU A 197 13.27 8.89 -16.39
CA GLU A 197 14.38 8.43 -15.52
C GLU A 197 14.79 9.33 -14.35
N SER A 198 14.13 10.47 -14.18
CA SER A 198 14.51 11.40 -13.11
C SER A 198 14.22 10.87 -11.70
N ALA A 199 13.08 10.21 -11.50
CA ALA A 199 12.71 9.67 -10.19
C ALA A 199 13.72 8.67 -9.66
N THR A 200 14.16 7.76 -10.52
CA THR A 200 15.18 6.78 -10.17
C THR A 200 16.47 7.50 -9.83
N LEU A 201 16.95 8.33 -10.76
CA LEU A 201 18.21 9.05 -10.60
C LEU A 201 18.23 9.93 -9.34
N LEU A 202 17.21 10.74 -9.15
CA LEU A 202 17.16 11.68 -8.03
C LEU A 202 17.09 11.00 -6.68
N THR A 203 16.34 9.90 -6.59
CA THR A 203 16.22 9.14 -5.34
C THR A 203 17.52 8.43 -4.98
N MET A 204 18.08 7.71 -5.94
CA MET A 204 19.26 6.89 -5.69
C MET A 204 20.49 7.73 -5.37
N CYS A 205 20.54 8.95 -5.90
CA CYS A 205 21.63 9.88 -5.58
C CYS A 205 21.43 10.55 -4.22
N ALA A 206 20.24 11.12 -4.00
CA ALA A 206 19.91 11.80 -2.75
C ALA A 206 19.94 10.87 -1.54
N SER A 207 19.70 9.58 -1.75
CA SER A 207 19.70 8.61 -0.66
C SER A 207 21.05 7.93 -0.47
N GLN A 208 22.05 8.36 -1.24
CA GLN A 208 23.36 7.72 -1.20
C GLN A 208 24.55 8.69 -1.18
N GLY A 209 24.29 9.96 -0.91
CA GLY A 209 25.34 10.98 -0.84
C GLY A 209 25.89 11.45 -2.18
N LEU A 210 25.23 11.08 -3.28
CA LEU A 210 25.59 11.60 -4.59
C LEU A 210 24.76 12.82 -4.93
N ARG A 211 25.36 13.74 -5.70
CA ARG A 211 24.65 14.92 -6.18
C ARG A 211 24.12 14.68 -7.58
N ALA A 212 22.87 15.09 -7.80
CA ALA A 212 22.21 14.87 -9.09
C ALA A 212 21.41 16.09 -9.54
N GLY A 213 21.42 16.31 -10.85
CA GLY A 213 20.67 17.39 -11.48
C GLY A 213 19.87 16.88 -12.65
N MET A 214 18.77 17.56 -12.95
CA MET A 214 17.83 17.12 -13.98
C MET A 214 17.34 18.29 -14.85
N VAL A 215 17.70 18.22 -16.14
CA VAL A 215 17.27 19.21 -17.12
C VAL A 215 16.80 18.49 -18.39
N ALA A 216 15.79 19.06 -19.04
CA ALA A 216 15.23 18.47 -20.26
C ALA A 216 14.68 19.52 -21.21
N GLY A 217 14.69 19.20 -22.50
CA GLY A 217 14.13 20.06 -23.54
C GLY A 217 12.77 19.57 -23.98
N VAL A 218 11.80 20.49 -24.04
CA VAL A 218 10.42 20.15 -24.41
C VAL A 218 10.28 19.89 -25.91
N ILE A 219 10.00 18.64 -26.26
CA ILE A 219 9.84 18.23 -27.66
C ILE A 219 8.37 18.10 -28.09
N VAL A 220 7.48 18.00 -27.11
CA VAL A 220 6.04 17.95 -27.36
C VAL A 220 5.27 18.59 -26.20
N ASN A 221 4.12 19.19 -26.52
CA ASN A 221 3.16 19.62 -25.50
C ASN A 221 1.86 18.85 -25.69
N ARG A 222 1.42 18.21 -24.61
CA ARG A 222 0.26 17.31 -24.64
C ARG A 222 -1.08 18.03 -24.69
N THR A 223 -1.07 19.35 -24.53
CA THR A 223 -2.29 20.15 -24.60
C THR A 223 -2.48 20.85 -25.95
N GLN A 224 -1.52 20.65 -26.86
CA GLN A 224 -1.55 21.28 -28.18
C GLN A 224 -1.65 20.24 -29.31
N GLN A 225 -2.24 20.65 -30.43
CA GLN A 225 -2.40 19.78 -31.60
C GLN A 225 -1.17 19.76 -32.51
N GLU A 226 -0.43 20.87 -32.49
CA GLU A 226 0.80 21.01 -33.28
C GLU A 226 1.90 20.05 -32.80
N ILE A 227 2.40 19.24 -33.72
CA ILE A 227 3.50 18.32 -33.43
C ILE A 227 4.71 18.68 -34.31
N PRO A 228 5.81 19.04 -33.69
CA PRO A 228 6.99 19.51 -34.41
C PRO A 228 7.56 18.43 -35.32
N ASN A 229 7.95 18.86 -36.51
CA ASN A 229 9.25 18.78 -37.16
C ASN A 229 10.38 17.86 -37.69
N ALA A 230 11.62 18.21 -37.44
CA ALA A 230 12.85 17.55 -37.00
C ALA A 230 13.22 18.31 -35.73
N GLU A 231 12.52 19.42 -35.49
CA GLU A 231 12.77 20.34 -34.36
C GLU A 231 12.79 19.65 -32.99
N THR A 232 12.22 18.44 -32.94
CA THR A 232 12.32 17.54 -31.79
C THR A 232 13.80 17.35 -31.44
N MET A 233 14.50 16.57 -32.28
CA MET A 233 15.95 16.37 -32.16
C MET A 233 16.70 17.36 -33.06
N LYS A 234 16.57 18.60 -32.65
CA LYS A 234 16.95 19.75 -33.38
C LYS A 234 17.53 21.12 -33.37
N GLN A 235 16.85 21.97 -32.63
CA GLN A 235 17.16 23.15 -31.82
C GLN A 235 16.89 22.93 -30.34
N THR A 236 15.77 22.29 -30.03
CA THR A 236 15.37 22.05 -28.63
C THR A 236 16.39 21.18 -27.91
N GLU A 237 16.79 20.07 -28.53
CA GLU A 237 17.79 19.16 -27.99
C GLU A 237 19.14 19.88 -27.83
N SER A 238 19.54 20.60 -28.88
CA SER A 238 20.78 21.37 -28.87
C SER A 238 20.77 22.47 -27.80
N HIS A 239 19.61 23.07 -27.58
CA HIS A 239 19.43 24.12 -26.57
C HIS A 239 19.75 23.60 -25.17
N ALA A 240 19.15 22.47 -24.81
CA ALA A 240 19.31 21.85 -23.49
C ALA A 240 20.73 21.31 -23.27
N VAL A 241 21.34 20.79 -24.34
CA VAL A 241 22.71 20.27 -24.31
C VAL A 241 23.72 21.37 -23.95
N LYS A 242 23.56 22.55 -24.54
CA LYS A 242 24.42 23.70 -24.23
C LYS A 242 24.35 24.07 -22.75
N ILE A 243 23.13 24.02 -22.21
CA ILE A 243 22.86 24.39 -20.82
C ILE A 243 23.48 23.42 -19.80
N VAL A 244 23.36 22.12 -20.05
CA VAL A 244 23.89 21.10 -19.15
C VAL A 244 25.42 21.14 -19.08
N VAL A 245 26.06 21.41 -20.22
CA VAL A 245 27.51 21.55 -20.30
C VAL A 245 27.96 22.80 -19.54
N GLU A 246 27.24 23.90 -19.76
CA GLU A 246 27.51 25.17 -19.07
C GLU A 246 27.30 25.04 -17.56
N ALA A 247 26.32 24.24 -17.16
CA ALA A 247 26.06 23.98 -15.74
C ALA A 247 27.17 23.17 -15.08
N ALA A 248 27.73 22.24 -15.84
CA ALA A 248 28.80 21.37 -15.37
C ALA A 248 30.05 22.15 -14.97
N ARG A 249 30.29 23.27 -15.64
CA ARG A 249 31.45 24.13 -15.38
C ARG A 249 31.47 24.63 -13.93
N ARG A 250 30.29 24.85 -13.38
CA ARG A 250 30.12 25.43 -12.05
C ARG A 250 30.14 24.37 -10.94
N LEU A 251 30.17 23.10 -11.32
CA LEU A 251 30.12 22.01 -10.36
C LEU A 251 31.44 21.24 -10.24
N LEU A 252 32.52 21.82 -10.74
CA LEU A 252 33.83 21.18 -10.71
C LEU A 252 34.65 21.58 -9.49
N SER B 3 10.82 19.98 35.73
CA SER B 3 9.74 19.45 34.85
C SER B 3 10.09 18.03 34.38
N ASP B 4 9.14 17.12 34.55
CA ASP B 4 9.34 15.71 34.18
C ASP B 4 9.26 15.45 32.67
N VAL B 5 8.35 16.16 32.01
CA VAL B 5 8.09 15.97 30.58
C VAL B 5 8.57 17.15 29.72
N PHE B 6 8.69 16.92 28.41
CA PHE B 6 9.33 17.88 27.49
C PHE B 6 8.46 19.07 27.09
N HIS B 7 7.16 18.82 26.88
CA HIS B 7 6.27 19.85 26.34
C HIS B 7 5.29 20.44 27.35
N LEU B 8 4.62 19.58 28.11
CA LEU B 8 3.51 19.98 28.98
C LEU B 8 3.89 20.81 30.21
N GLY B 9 5.18 20.75 30.59
CA GLY B 9 5.69 21.52 31.72
C GLY B 9 5.08 21.09 33.04
N LEU B 10 4.99 19.78 33.24
CA LEU B 10 4.38 19.21 34.44
C LEU B 10 5.29 18.19 35.11
N THR B 11 5.06 17.97 36.40
CA THR B 11 5.75 16.93 37.16
C THR B 11 4.73 15.91 37.63
N LYS B 12 5.21 14.77 38.13
CA LYS B 12 4.37 13.75 38.74
C LYS B 12 3.57 14.36 39.91
N ASN B 13 4.25 15.14 40.74
CA ASN B 13 3.65 15.82 41.89
C ASN B 13 2.45 16.70 41.53
N ASP B 14 2.55 17.42 40.41
CA ASP B 14 1.49 18.31 39.92
C ASP B 14 0.14 17.61 39.70
N LEU B 15 0.18 16.31 39.47
CA LEU B 15 -1.02 15.52 39.21
C LEU B 15 -1.76 15.06 40.47
N GLN B 16 -1.03 14.98 41.59
CA GLN B 16 -1.58 14.59 42.90
C GLN B 16 -2.23 13.20 42.87
N GLY B 17 -1.67 12.30 42.06
CA GLY B 17 -2.17 10.93 41.95
C GLY B 17 -3.35 10.76 40.99
N ALA B 18 -3.53 11.72 40.09
CA ALA B 18 -4.57 11.64 39.06
C ALA B 18 -4.26 10.55 38.05
N GLN B 19 -5.28 9.77 37.70
CA GLN B 19 -5.13 8.67 36.75
C GLN B 19 -6.02 8.84 35.53
N LEU B 20 -6.92 9.82 35.59
CA LEU B 20 -7.83 10.14 34.49
C LEU B 20 -7.60 11.57 33.98
N ALA B 21 -7.67 11.74 32.66
CA ALA B 21 -7.59 13.07 32.06
C ALA B 21 -8.72 13.34 31.05
N ILE B 22 -9.32 14.52 31.15
CA ILE B 22 -10.27 14.99 30.15
C ILE B 22 -9.49 15.87 29.18
N VAL B 23 -9.59 15.56 27.89
CA VAL B 23 -8.71 16.18 26.89
C VAL B 23 -9.45 16.87 25.74
N PRO B 24 -9.79 18.16 25.92
CA PRO B 24 -10.40 18.93 24.84
C PRO B 24 -9.37 19.38 23.80
N GLY B 25 -9.85 19.94 22.69
CA GLY B 25 -8.97 20.48 21.67
C GLY B 25 -8.52 21.88 22.02
N ASP B 26 -9.51 22.75 22.26
CA ASP B 26 -9.28 24.16 22.57
C ASP B 26 -8.78 24.35 24.01
N PRO B 27 -7.62 25.03 24.15
CA PRO B 27 -7.09 25.43 25.46
C PRO B 27 -8.04 26.35 26.25
N GLU B 28 -8.86 27.13 25.54
CA GLU B 28 -9.83 28.03 26.17
C GLU B 28 -10.93 27.27 26.91
N ARG B 29 -11.08 25.98 26.62
CA ARG B 29 -12.17 25.18 27.19
C ARG B 29 -11.77 24.42 28.45
N VAL B 30 -10.47 24.35 28.71
CA VAL B 30 -9.93 23.56 29.83
C VAL B 30 -10.51 24.00 31.18
N GLU B 31 -10.53 25.31 31.41
CA GLU B 31 -11.01 25.88 32.66
C GLU B 31 -12.50 25.62 32.90
N LYS B 32 -13.32 25.84 31.86
CA LYS B 32 -14.76 25.62 31.91
C LYS B 32 -15.12 24.21 32.39
N ILE B 33 -14.41 23.22 31.87
CA ILE B 33 -14.56 21.81 32.27
C ILE B 33 -14.18 21.60 33.74
N ALA B 34 -13.04 22.16 34.13
CA ALA B 34 -12.53 22.01 35.48
C ALA B 34 -13.38 22.75 36.51
N ALA B 35 -14.10 23.76 36.05
CA ALA B 35 -14.98 24.57 36.90
C ALA B 35 -16.16 23.77 37.45
N LEU B 36 -16.56 22.73 36.72
CA LEU B 36 -17.67 21.87 37.14
C LEU B 36 -17.31 20.97 38.31
N MET B 37 -16.00 20.85 38.58
CA MET B 37 -15.49 19.97 39.62
C MET B 37 -14.94 20.74 40.82
N ASP B 38 -14.57 20.00 41.87
CA ASP B 38 -14.07 20.58 43.11
C ASP B 38 -12.60 20.98 43.03
N LYS B 39 -12.26 22.07 43.70
CA LYS B 39 -10.88 22.58 43.82
C LYS B 39 -10.12 22.77 42.49
N PRO B 40 -10.71 23.53 41.55
CA PRO B 40 -10.04 23.79 40.28
C PRO B 40 -8.82 24.72 40.40
N VAL B 41 -7.67 24.22 39.96
CA VAL B 41 -6.41 24.97 40.01
C VAL B 41 -5.68 24.82 38.67
N LYS B 42 -5.23 25.94 38.10
CA LYS B 42 -4.37 25.90 36.91
C LYS B 42 -3.02 25.29 37.25
N LEU B 43 -2.48 24.51 36.31
CA LEU B 43 -1.19 23.86 36.49
C LEU B 43 -0.09 24.47 35.63
N ALA B 44 -0.31 24.49 34.32
CA ALA B 44 0.67 25.02 33.36
C ALA B 44 0.00 25.38 32.04
N SER B 45 0.73 26.12 31.21
CA SER B 45 0.25 26.56 29.92
C SER B 45 1.42 26.77 28.97
N HIS B 46 1.64 25.80 28.09
CA HIS B 46 2.71 25.88 27.10
C HIS B 46 2.18 25.50 25.73
N ARG B 47 2.49 26.33 24.74
CA ARG B 47 1.96 26.18 23.39
C ARG B 47 0.43 25.96 23.42
N GLU B 48 -0.01 24.86 22.82
CA GLU B 48 -1.42 24.51 22.73
C GLU B 48 -1.88 23.61 23.90
N PHE B 49 -0.96 23.30 24.81
CA PHE B 49 -1.25 22.41 25.94
C PHE B 49 -1.40 23.18 27.24
N THR B 50 -2.64 23.42 27.64
CA THR B 50 -2.93 24.11 28.89
C THR B 50 -3.58 23.14 29.86
N SER B 51 -2.96 22.96 31.02
CA SER B 51 -3.45 21.99 32.00
C SER B 51 -4.06 22.62 33.24
N TRP B 52 -5.07 21.94 33.77
CA TRP B 52 -5.75 22.30 35.01
C TRP B 52 -5.97 21.02 35.82
N ARG B 53 -5.95 21.14 37.14
CA ARG B 53 -6.24 20.00 38.02
C ARG B 53 -7.48 20.27 38.86
N ALA B 54 -8.27 19.22 39.06
CA ALA B 54 -9.48 19.31 39.86
C ALA B 54 -9.69 18.02 40.65
N GLU B 55 -10.65 18.04 41.57
CA GLU B 55 -11.06 16.85 42.32
C GLU B 55 -12.46 16.42 41.92
N LEU B 56 -12.64 15.11 41.82
CA LEU B 56 -13.96 14.53 41.55
C LEU B 56 -14.21 13.38 42.51
N ASP B 57 -15.21 13.53 43.38
CA ASP B 57 -15.54 12.57 44.42
C ASP B 57 -14.35 12.18 45.29
N GLY B 58 -13.44 13.14 45.52
CA GLY B 58 -12.28 12.92 46.36
C GLY B 58 -10.99 12.63 45.59
N LYS B 59 -11.12 12.07 44.39
CA LYS B 59 -9.97 11.71 43.56
C LYS B 59 -9.54 12.85 42.64
N ALA B 60 -8.24 12.94 42.40
CA ALA B 60 -7.65 13.98 41.55
C ALA B 60 -7.88 13.72 40.05
N VAL B 61 -8.17 14.78 39.30
CA VAL B 61 -8.50 14.70 37.88
C VAL B 61 -7.78 15.81 37.11
N ILE B 62 -7.15 15.43 36.00
CA ILE B 62 -6.51 16.39 35.10
C ILE B 62 -7.45 16.79 33.97
N VAL B 63 -7.40 18.06 33.59
CA VAL B 63 -8.01 18.54 32.34
C VAL B 63 -6.90 19.21 31.57
N CYS B 64 -6.72 18.82 30.31
CA CYS B 64 -5.59 19.29 29.50
C CYS B 64 -5.94 19.32 28.02
N SER B 65 -5.52 20.38 27.35
CA SER B 65 -5.82 20.54 25.93
C SER B 65 -4.80 19.81 25.07
N THR B 66 -5.25 19.40 23.88
CA THR B 66 -4.40 18.68 22.93
C THR B 66 -4.01 19.59 21.77
N GLY B 67 -4.89 20.55 21.46
CA GLY B 67 -4.77 21.34 20.23
C GLY B 67 -5.47 20.63 19.09
N ILE B 68 -5.29 21.15 17.87
CA ILE B 68 -5.86 20.53 16.68
C ILE B 68 -4.91 19.50 16.08
N GLY B 69 -5.46 18.32 15.77
CA GLY B 69 -4.72 17.29 15.04
C GLY B 69 -4.06 16.23 15.91
N GLY B 70 -3.72 15.11 15.28
CA GLY B 70 -3.08 13.97 15.94
C GLY B 70 -1.67 14.19 16.50
N PRO B 71 -0.79 14.86 15.74
CA PRO B 71 0.59 15.07 16.20
C PRO B 71 0.69 15.74 17.57
N SER B 72 -0.07 16.82 17.77
CA SER B 72 -0.09 17.48 19.09
C SER B 72 -0.79 16.61 20.12
N THR B 73 -1.89 15.95 19.72
CA THR B 73 -2.62 15.04 20.60
C THR B 73 -1.69 13.95 21.14
N SER B 74 -0.86 13.38 20.26
CA SER B 74 0.05 12.29 20.63
C SER B 74 1.13 12.73 21.62
N ILE B 75 1.46 14.01 21.62
CA ILE B 75 2.41 14.59 22.59
C ILE B 75 1.76 14.70 23.97
N ALA B 76 0.55 15.25 24.01
CA ALA B 76 -0.17 15.42 25.26
C ALA B 76 -0.43 14.08 25.92
N VAL B 77 -1.03 13.16 25.17
CA VAL B 77 -1.37 11.83 25.66
C VAL B 77 -0.14 11.03 26.09
N GLU B 78 0.95 11.17 25.35
CA GLU B 78 2.20 10.50 25.70
C GLU B 78 2.76 11.01 27.02
N GLU B 79 2.90 12.33 27.12
CA GLU B 79 3.50 12.95 28.30
C GLU B 79 2.61 12.87 29.53
N LEU B 80 1.30 12.89 29.33
CA LEU B 80 0.33 12.64 30.41
C LEU B 80 0.41 11.21 30.95
N ALA B 81 0.58 10.24 30.04
CA ALA B 81 0.67 8.84 30.40
C ALA B 81 1.93 8.58 31.23
N GLN B 82 3.02 9.25 30.87
CA GLN B 82 4.28 9.20 31.60
C GLN B 82 4.10 9.67 33.04
N LEU B 83 3.17 10.58 33.25
CA LEU B 83 2.93 11.17 34.56
C LEU B 83 1.91 10.36 35.39
N GLY B 84 1.38 9.29 34.80
CA GLY B 84 0.49 8.39 35.51
C GLY B 84 -0.96 8.37 35.06
N ILE B 85 -1.28 9.11 33.99
CA ILE B 85 -2.63 9.08 33.43
C ILE B 85 -2.86 7.77 32.67
N ARG B 86 -4.02 7.15 32.92
CA ARG B 86 -4.39 5.87 32.33
C ARG B 86 -5.70 5.94 31.55
N THR B 87 -6.59 6.85 31.95
CA THR B 87 -7.85 7.04 31.24
C THR B 87 -7.89 8.41 30.56
N PHE B 88 -8.27 8.42 29.29
CA PHE B 88 -8.37 9.64 28.50
C PHE B 88 -9.78 9.81 27.93
N LEU B 89 -10.39 10.96 28.18
CA LEU B 89 -11.74 11.24 27.66
C LEU B 89 -11.75 12.49 26.77
N ARG B 90 -12.00 12.29 25.48
CA ARG B 90 -12.10 13.39 24.53
C ARG B 90 -13.49 14.02 24.49
N ILE B 91 -13.53 15.34 24.69
CA ILE B 91 -14.75 16.11 24.49
C ILE B 91 -14.47 17.21 23.46
N GLY B 92 -15.31 17.29 22.44
CA GLY B 92 -15.15 18.27 21.38
C GLY B 92 -16.46 18.68 20.73
N THR B 93 -16.35 19.46 19.65
CA THR B 93 -17.49 19.81 18.81
C THR B 93 -17.25 19.25 17.42
N THR B 94 -18.33 18.95 16.71
CA THR B 94 -18.20 18.23 15.44
C THR B 94 -19.29 18.56 14.40
N GLY B 95 -18.97 18.32 13.13
CA GLY B 95 -19.93 18.45 12.04
C GLY B 95 -20.47 17.11 11.59
N ALA B 96 -21.78 16.91 11.80
CA ALA B 96 -22.47 15.69 11.38
C ALA B 96 -22.60 15.60 9.86
N ILE B 97 -22.49 14.38 9.33
CA ILE B 97 -22.65 14.13 7.90
C ILE B 97 -23.89 13.28 7.58
N GLN B 98 -24.66 12.93 8.60
CA GLN B 98 -25.91 12.19 8.42
C GLN B 98 -27.10 13.11 8.68
N PRO B 99 -28.07 13.13 7.73
CA PRO B 99 -29.24 14.02 7.79
C PRO B 99 -30.07 13.90 9.07
N HIS B 100 -30.22 12.68 9.58
CA HIS B 100 -31.03 12.44 10.78
C HIS B 100 -30.38 12.97 12.08
N ILE B 101 -29.06 13.17 12.07
CA ILE B 101 -28.35 13.79 13.20
C ILE B 101 -28.58 15.30 13.15
N ASN B 102 -29.14 15.86 14.22
CA ASN B 102 -29.43 17.29 14.29
C ASN B 102 -28.52 18.00 15.29
N VAL B 103 -28.51 19.33 15.24
CA VAL B 103 -27.77 20.14 16.22
C VAL B 103 -28.39 19.93 17.60
N GLY B 104 -27.52 19.77 18.61
CA GLY B 104 -27.97 19.47 19.96
C GLY B 104 -27.84 18.00 20.30
N ASP B 105 -27.61 17.17 19.28
CA ASP B 105 -27.36 15.75 19.47
C ASP B 105 -25.94 15.53 19.96
N VAL B 106 -25.75 14.54 20.82
CA VAL B 106 -24.41 14.15 21.25
C VAL B 106 -23.97 12.85 20.57
N LEU B 107 -22.68 12.77 20.26
CA LEU B 107 -22.13 11.60 19.58
C LEU B 107 -21.07 10.93 20.44
N VAL B 108 -21.27 9.65 20.72
CA VAL B 108 -20.28 8.83 21.39
C VAL B 108 -19.61 7.97 20.33
N THR B 109 -18.28 7.93 20.33
CA THR B 109 -17.52 7.21 19.30
C THR B 109 -17.03 5.85 19.80
N THR B 110 -17.48 4.79 19.13
CA THR B 110 -17.05 3.43 19.43
C THR B 110 -15.69 3.17 18.80
N ALA B 111 -15.54 3.58 17.55
CA ALA B 111 -14.29 3.44 16.81
C ALA B 111 -14.23 4.46 15.68
N SER B 112 -13.03 4.73 15.17
CA SER B 112 -12.81 5.78 14.19
C SER B 112 -12.18 5.30 12.89
N VAL B 113 -12.59 5.92 11.79
CA VAL B 113 -11.93 5.73 10.50
C VAL B 113 -10.59 6.45 10.55
N ARG B 114 -9.51 5.73 10.23
CA ARG B 114 -8.16 6.27 10.39
C ARG B 114 -7.68 7.02 9.16
N LEU B 115 -8.25 8.21 8.95
CA LEU B 115 -7.82 9.07 7.84
C LEU B 115 -6.74 10.05 8.30
N ASP B 116 -5.91 9.59 9.25
CA ASP B 116 -4.84 10.39 9.83
C ASP B 116 -3.49 9.75 9.55
N GLY B 117 -2.45 10.27 10.20
CA GLY B 117 -1.09 9.77 10.02
C GLY B 117 -0.46 9.25 11.28
N ALA B 118 -0.73 9.93 12.41
CA ALA B 118 -0.10 9.59 13.69
C ALA B 118 -0.49 8.20 14.19
N SER B 119 -1.72 7.78 13.90
CA SER B 119 -2.19 6.41 14.17
C SER B 119 -1.16 5.35 13.79
N LEU B 120 -0.61 5.50 12.58
CA LEU B 120 0.31 4.53 11.99
C LEU B 120 1.65 4.46 12.73
N HIS B 121 1.87 5.40 13.64
CA HIS B 121 3.10 5.46 14.40
C HIS B 121 2.97 4.66 15.70
N PHE B 122 1.82 4.02 15.88
CA PHE B 122 1.55 3.20 17.05
C PHE B 122 1.12 1.78 16.68
N ALA B 123 0.41 1.67 15.56
CA ALA B 123 -0.12 0.39 15.09
C ALA B 123 -0.39 0.46 13.57
N PRO B 124 -0.21 -0.66 12.86
CA PRO B 124 -0.46 -0.66 11.41
C PRO B 124 -1.94 -0.46 11.11
N MET B 125 -2.26 -0.02 9.89
CA MET B 125 -3.63 0.31 9.51
C MET B 125 -4.65 -0.78 9.86
N GLU B 126 -4.21 -2.04 9.85
CA GLU B 126 -5.05 -3.20 10.20
C GLU B 126 -5.71 -3.05 11.57
N PHE B 127 -4.97 -2.48 12.51
CA PHE B 127 -5.44 -2.27 13.88
C PHE B 127 -6.64 -1.31 13.92
N PRO B 128 -7.67 -1.65 14.72
CA PRO B 128 -8.85 -0.80 14.84
C PRO B 128 -8.66 0.39 15.79
N ALA B 129 -9.08 1.57 15.35
CA ALA B 129 -9.07 2.76 16.19
C ALA B 129 -10.29 2.72 17.10
N VAL B 130 -10.25 1.83 18.09
CA VAL B 130 -11.42 1.53 18.93
C VAL B 130 -11.34 2.13 20.34
N ALA B 131 -12.48 2.65 20.81
CA ALA B 131 -12.57 3.18 22.16
C ALA B 131 -12.59 2.04 23.18
N ASP B 132 -12.14 2.34 24.40
CA ASP B 132 -12.25 1.42 25.52
C ASP B 132 -13.72 1.24 25.88
N PHE B 133 -14.10 -0.01 26.19
CA PHE B 133 -15.49 -0.35 26.47
C PHE B 133 -16.07 0.38 27.67
N ALA B 134 -15.35 0.35 28.80
CA ALA B 134 -15.79 1.00 30.04
C ALA B 134 -16.03 2.49 29.83
N CYS B 135 -15.10 3.14 29.14
CA CYS B 135 -15.20 4.57 28.80
C CYS B 135 -16.42 4.88 27.97
N THR B 136 -16.63 4.11 26.90
CA THR B 136 -17.77 4.25 26.02
C THR B 136 -19.09 4.04 26.76
N THR B 137 -19.19 2.94 27.52
CA THR B 137 -20.36 2.65 28.34
C THR B 137 -20.69 3.84 29.24
N ALA B 138 -19.69 4.28 30.00
CA ALA B 138 -19.82 5.44 30.88
C ALA B 138 -20.38 6.68 30.17
N LEU B 139 -19.86 6.97 28.98
CA LEU B 139 -20.32 8.13 28.21
C LEU B 139 -21.79 8.01 27.80
N VAL B 140 -22.17 6.82 27.33
CA VAL B 140 -23.55 6.57 26.92
C VAL B 140 -24.51 6.61 28.12
N GLU B 141 -24.06 6.11 29.27
CA GLU B 141 -24.84 6.16 30.51
C GLU B 141 -25.03 7.61 30.98
N ALA B 142 -23.93 8.35 31.03
CA ALA B 142 -23.94 9.76 31.41
C ALA B 142 -24.77 10.62 30.45
N ALA B 143 -24.73 10.28 29.16
CA ALA B 143 -25.53 10.96 28.14
C ALA B 143 -27.02 10.70 28.37
N LYS B 144 -27.36 9.45 28.63
CA LYS B 144 -28.74 9.03 28.87
C LYS B 144 -29.29 9.65 30.15
N SER B 145 -28.43 9.77 31.18
CA SER B 145 -28.83 10.28 32.49
C SER B 145 -29.19 11.78 32.49
N ILE B 146 -28.79 12.49 31.43
CA ILE B 146 -29.11 13.90 31.28
C ILE B 146 -30.17 14.09 30.19
N GLY B 147 -30.80 12.99 29.79
CA GLY B 147 -31.84 13.00 28.75
C GLY B 147 -31.39 13.66 27.47
N ALA B 148 -30.31 13.14 26.89
CA ALA B 148 -29.75 13.68 25.66
C ALA B 148 -30.04 12.77 24.47
N THR B 149 -30.19 13.39 23.29
CA THR B 149 -30.37 12.64 22.05
C THR B 149 -29.01 12.14 21.59
N THR B 150 -28.75 10.87 21.80
CA THR B 150 -27.40 10.30 21.68
C THR B 150 -27.29 9.31 20.52
N HIS B 151 -26.28 9.50 19.67
CA HIS B 151 -25.97 8.56 18.60
C HIS B 151 -24.61 7.91 18.86
N VAL B 152 -24.57 6.60 18.80
CA VAL B 152 -23.34 5.84 19.07
C VAL B 152 -22.90 5.14 17.79
N GLY B 153 -21.61 5.29 17.44
CA GLY B 153 -21.08 4.63 16.25
C GLY B 153 -19.72 5.10 15.78
N VAL B 154 -19.53 5.05 14.46
CA VAL B 154 -18.23 5.31 13.84
C VAL B 154 -18.08 6.77 13.42
N THR B 155 -16.91 7.32 13.74
CA THR B 155 -16.54 8.68 13.39
C THR B 155 -15.36 8.64 12.42
N ALA B 156 -15.37 9.52 11.42
CA ALA B 156 -14.25 9.65 10.50
C ALA B 156 -13.26 10.68 11.04
N SER B 157 -12.03 10.25 11.30
CA SER B 157 -11.01 11.13 11.86
C SER B 157 -9.99 11.55 10.81
N SER B 158 -9.99 12.84 10.48
CA SER B 158 -9.21 13.36 9.36
C SER B 158 -8.04 14.22 9.81
N ASP B 159 -6.91 14.09 9.13
CA ASP B 159 -5.76 14.96 9.34
C ASP B 159 -6.00 16.39 8.81
N THR B 160 -6.95 16.56 7.90
CA THR B 160 -7.27 17.90 7.42
C THR B 160 -8.71 18.30 7.68
N PHE B 161 -8.92 19.61 7.80
CA PHE B 161 -10.24 20.18 7.94
C PHE B 161 -10.93 20.27 6.58
N TYR B 162 -10.13 20.42 5.53
CA TYR B 162 -10.66 20.74 4.20
C TYR B 162 -10.75 19.56 3.21
N PRO B 163 -9.63 19.15 2.58
CA PRO B 163 -9.72 18.09 1.58
C PRO B 163 -10.10 16.71 2.13
N GLY B 164 -9.61 16.37 3.31
CA GLY B 164 -9.89 15.07 3.93
C GLY B 164 -11.32 14.94 4.42
N GLN B 165 -12.02 16.08 4.46
CA GLN B 165 -13.43 16.12 4.77
C GLN B 165 -14.21 16.49 3.51
N GLU B 166 -13.52 16.37 2.37
CA GLU B 166 -14.06 16.70 1.05
C GLU B 166 -14.78 18.05 0.97
N ARG B 167 -14.06 19.12 1.30
CA ARG B 167 -14.54 20.47 1.08
C ARG B 167 -13.94 21.04 -0.20
N TYR B 168 -14.79 21.64 -1.04
CA TYR B 168 -14.34 22.25 -2.28
C TYR B 168 -14.25 23.77 -2.20
N ASP B 169 -14.92 24.36 -1.20
CA ASP B 169 -14.90 25.81 -0.98
C ASP B 169 -13.53 26.29 -0.46
N THR B 170 -12.49 26.02 -1.23
CA THR B 170 -11.11 26.31 -0.81
C THR B 170 -10.34 27.16 -1.83
N TYR B 171 -9.06 27.39 -1.54
CA TYR B 171 -8.17 28.15 -2.42
C TYR B 171 -8.02 27.48 -3.79
N SER B 172 -7.65 26.19 -3.80
CA SER B 172 -7.43 25.45 -5.05
C SER B 172 -8.73 24.93 -5.67
N GLY B 173 -9.73 24.71 -4.82
CA GLY B 173 -11.03 24.17 -5.28
C GLY B 173 -10.98 22.73 -5.75
N ARG B 174 -9.90 22.03 -5.44
CA ARG B 174 -9.75 20.63 -5.83
C ARG B 174 -9.60 19.70 -4.62
N VAL B 175 -9.99 18.45 -4.81
CA VAL B 175 -9.79 17.41 -3.80
C VAL B 175 -9.01 16.25 -4.44
N VAL B 176 -7.94 15.84 -3.78
CA VAL B 176 -7.09 14.73 -4.23
C VAL B 176 -7.91 13.46 -4.42
N ARG B 177 -7.56 12.69 -5.45
CA ARG B 177 -8.25 11.45 -5.85
C ARG B 177 -8.79 10.62 -4.68
N ARG B 178 -7.92 10.30 -3.72
CA ARG B 178 -8.28 9.53 -2.52
C ARG B 178 -9.58 10.00 -1.84
N PHE B 179 -9.75 11.31 -1.70
CA PHE B 179 -10.91 11.86 -1.00
C PHE B 179 -12.03 12.37 -1.91
N LYS B 180 -11.90 12.14 -3.21
CA LYS B 180 -12.92 12.54 -4.17
C LYS B 180 -14.12 11.59 -4.10
N GLY B 181 -15.26 12.12 -3.65
CA GLY B 181 -16.47 11.34 -3.44
C GLY B 181 -16.47 10.55 -2.13
N SER B 182 -15.56 10.91 -1.23
CA SER B 182 -15.36 10.15 0.01
C SER B 182 -16.45 10.36 1.07
N MET B 183 -17.13 11.51 1.03
CA MET B 183 -18.20 11.76 2.01
C MET B 183 -19.40 10.86 1.76
N GLU B 184 -19.81 10.76 0.50
CA GLU B 184 -20.89 9.87 0.09
C GLU B 184 -20.61 8.43 0.55
N GLU B 185 -19.36 7.99 0.39
CA GLU B 185 -18.93 6.68 0.87
C GLU B 185 -19.08 6.49 2.39
N TRP B 186 -18.54 7.42 3.17
CA TRP B 186 -18.67 7.34 4.64
C TRP B 186 -20.13 7.41 5.10
N GLN B 187 -20.91 8.27 4.43
CA GLN B 187 -22.35 8.37 4.70
C GLN B 187 -23.07 7.04 4.48
N ALA B 188 -22.79 6.38 3.35
CA ALA B 188 -23.37 5.08 3.04
C ALA B 188 -22.95 4.02 4.06
N MET B 189 -21.71 4.13 4.56
CA MET B 189 -21.16 3.21 5.54
C MET B 189 -21.63 3.51 6.98
N GLY B 190 -22.45 4.54 7.13
CA GLY B 190 -23.08 4.83 8.42
C GLY B 190 -22.24 5.67 9.37
N VAL B 191 -21.12 6.19 8.86
CA VAL B 191 -20.27 7.10 9.63
C VAL B 191 -21.07 8.33 10.07
N MET B 192 -20.89 8.72 11.33
CA MET B 192 -21.70 9.80 11.93
C MET B 192 -21.18 11.19 11.59
N ASN B 193 -19.87 11.39 11.67
CA ASN B 193 -19.28 12.73 11.62
C ASN B 193 -17.78 12.75 11.32
N TYR B 194 -17.28 13.95 11.01
CA TYR B 194 -15.85 14.20 10.90
C TYR B 194 -15.35 14.94 12.14
N GLU B 195 -14.23 14.50 12.67
CA GLU B 195 -13.43 15.29 13.61
C GLU B 195 -11.97 14.97 13.31
N MET B 196 -11.04 15.52 14.09
CA MET B 196 -9.63 15.51 13.67
C MET B 196 -8.60 14.93 14.66
N GLU B 197 -9.07 14.32 15.75
CA GLU B 197 -8.14 13.87 16.81
C GLU B 197 -8.38 12.46 17.36
N SER B 198 -9.52 11.85 17.03
CA SER B 198 -9.90 10.57 17.67
C SER B 198 -9.08 9.37 17.20
N ALA B 199 -8.84 9.28 15.90
CA ALA B 199 -8.07 8.16 15.32
C ALA B 199 -6.70 8.01 15.98
N THR B 200 -6.06 9.14 16.28
CA THR B 200 -4.76 9.13 16.95
C THR B 200 -4.90 8.71 18.42
N LEU B 201 -5.84 9.34 19.14
CA LEU B 201 -6.06 9.05 20.56
C LEU B 201 -6.47 7.60 20.81
N LEU B 202 -7.45 7.15 20.04
CA LEU B 202 -7.96 5.79 20.18
C LEU B 202 -6.90 4.72 19.86
N THR B 203 -6.22 4.87 18.73
CA THR B 203 -5.21 3.89 18.30
C THR B 203 -4.04 3.79 19.28
N MET B 204 -3.49 4.94 19.68
CA MET B 204 -2.33 4.94 20.57
C MET B 204 -2.65 4.42 21.97
N CYS B 205 -3.89 4.65 22.41
CA CYS B 205 -4.33 4.18 23.72
C CYS B 205 -4.66 2.70 23.70
N ALA B 206 -5.41 2.28 22.69
CA ALA B 206 -5.87 0.89 22.56
C ALA B 206 -4.72 -0.07 22.29
N SER B 207 -3.58 0.48 21.86
CA SER B 207 -2.40 -0.32 21.55
C SER B 207 -1.32 -0.22 22.62
N GLN B 208 -1.58 0.54 23.68
CA GLN B 208 -0.60 0.70 24.76
C GLN B 208 -1.17 0.44 26.16
N GLY B 209 -2.37 -0.11 26.22
CA GLY B 209 -3.01 -0.46 27.48
C GLY B 209 -3.58 0.73 28.23
N LEU B 210 -3.92 1.78 27.48
CA LEU B 210 -4.56 2.96 28.04
C LEU B 210 -6.02 2.99 27.60
N ARG B 211 -6.90 3.40 28.51
CA ARG B 211 -8.32 3.49 28.21
C ARG B 211 -8.66 4.84 27.59
N ALA B 212 -9.47 4.82 26.54
CA ALA B 212 -9.89 6.05 25.86
C ALA B 212 -11.36 6.02 25.45
N GLY B 213 -11.96 7.21 25.37
CA GLY B 213 -13.33 7.36 24.90
C GLY B 213 -13.54 8.76 24.35
N MET B 214 -14.62 8.94 23.57
CA MET B 214 -14.93 10.24 23.01
C MET B 214 -16.43 10.56 22.97
N VAL B 215 -16.75 11.77 23.43
CA VAL B 215 -18.07 12.35 23.28
C VAL B 215 -17.92 13.66 22.50
N ALA B 216 -18.92 14.01 21.71
CA ALA B 216 -18.88 15.23 20.91
C ALA B 216 -20.27 15.79 20.69
N GLY B 217 -20.41 17.09 20.90
CA GLY B 217 -21.66 17.80 20.63
C GLY B 217 -21.71 18.26 19.17
N VAL B 218 -22.87 18.09 18.55
CA VAL B 218 -23.04 18.50 17.15
C VAL B 218 -23.31 20.00 17.08
N ILE B 219 -22.41 20.72 16.42
CA ILE B 219 -22.58 22.16 16.19
C ILE B 219 -23.29 22.45 14.87
N VAL B 220 -22.83 21.80 13.79
CA VAL B 220 -23.39 22.00 12.45
C VAL B 220 -23.61 20.66 11.73
N ASN B 221 -24.37 20.72 10.63
CA ASN B 221 -24.62 19.54 9.80
C ASN B 221 -24.34 19.83 8.33
N ARG B 222 -23.46 19.02 7.74
CA ARG B 222 -23.02 19.17 6.35
C ARG B 222 -24.11 18.92 5.30
N THR B 223 -25.23 18.35 5.72
CA THR B 223 -26.30 18.00 4.78
C THR B 223 -27.57 18.84 4.96
N GLN B 224 -27.69 19.53 6.09
CA GLN B 224 -28.89 20.32 6.41
C GLN B 224 -28.77 21.77 5.96
N GLN B 225 -29.91 22.33 5.56
CA GLN B 225 -30.01 23.72 5.08
C GLN B 225 -30.07 24.73 6.24
N GLU B 226 -30.81 24.39 7.28
CA GLU B 226 -31.01 25.28 8.44
C GLU B 226 -29.70 25.65 9.14
N ILE B 227 -29.55 26.93 9.45
CA ILE B 227 -28.38 27.46 10.16
C ILE B 227 -28.60 27.50 11.68
N PRO B 228 -27.53 27.23 12.47
CA PRO B 228 -27.60 27.27 13.94
C PRO B 228 -28.18 28.58 14.49
N ASN B 229 -28.83 28.48 15.65
CA ASN B 229 -29.63 29.58 16.20
C ASN B 229 -28.83 30.76 16.79
N ALA B 230 -29.53 31.59 17.57
CA ALA B 230 -28.93 32.73 18.29
C ALA B 230 -27.56 32.40 18.86
N GLU B 231 -27.41 31.16 19.32
CA GLU B 231 -26.13 30.58 19.70
C GLU B 231 -25.93 29.27 18.94
N THR B 232 -24.67 28.84 18.82
CA THR B 232 -24.36 27.54 18.23
C THR B 232 -23.93 26.58 19.34
N MET B 233 -22.71 26.78 19.84
CA MET B 233 -22.13 25.97 20.91
C MET B 233 -22.97 26.08 22.19
N GLN B 235 -25.35 26.09 24.29
CA GLN B 235 -26.34 25.14 24.78
C GLN B 235 -25.82 23.70 24.74
N THR B 236 -25.43 23.25 23.55
CA THR B 236 -24.96 21.87 23.34
C THR B 236 -23.54 21.69 23.89
N GLU B 237 -22.75 22.76 23.82
CA GLU B 237 -21.39 22.79 24.33
C GLU B 237 -21.31 22.38 25.79
N SER B 238 -22.15 22.99 26.62
CA SER B 238 -22.14 22.75 28.07
C SER B 238 -22.70 21.37 28.44
N HIS B 239 -23.54 20.81 27.57
CA HIS B 239 -24.10 19.47 27.80
C HIS B 239 -23.04 18.38 27.66
N ALA B 240 -22.25 18.47 26.58
CA ALA B 240 -21.18 17.50 26.32
C ALA B 240 -20.11 17.55 27.40
N VAL B 241 -19.89 18.74 27.94
CA VAL B 241 -18.94 18.95 29.04
C VAL B 241 -19.50 18.32 30.32
N LYS B 242 -20.80 18.49 30.54
CA LYS B 242 -21.48 17.89 31.70
C LYS B 242 -21.48 16.37 31.57
N ILE B 243 -21.71 15.89 30.36
CA ILE B 243 -21.68 14.45 30.03
C ILE B 243 -20.31 13.83 30.31
N VAL B 244 -19.24 14.49 29.86
CA VAL B 244 -17.89 13.97 30.00
C VAL B 244 -17.41 14.01 31.46
N VAL B 245 -17.87 14.99 32.22
CA VAL B 245 -17.60 15.09 33.65
C VAL B 245 -18.34 13.99 34.41
N GLU B 246 -19.59 13.76 34.04
CA GLU B 246 -20.42 12.73 34.67
C GLU B 246 -19.91 11.32 34.35
N ALA B 247 -19.39 11.14 33.14
CA ALA B 247 -18.79 9.87 32.72
C ALA B 247 -17.50 9.58 33.49
N ALA B 248 -16.73 10.63 33.74
CA ALA B 248 -15.48 10.52 34.50
C ALA B 248 -15.72 9.90 35.87
N ARG B 249 -16.79 10.32 36.54
CA ARG B 249 -17.17 9.81 37.87
C ARG B 249 -17.20 8.28 37.94
N ARG B 250 -17.81 7.65 36.94
CA ARG B 250 -17.99 6.19 36.91
C ARG B 250 -16.71 5.44 36.55
N LEU B 251 -15.65 6.17 36.22
CA LEU B 251 -14.41 5.58 35.73
C LEU B 251 -13.23 5.72 36.70
N LEU B 252 -13.47 6.37 37.84
CA LEU B 252 -12.42 6.66 38.81
C LEU B 252 -12.16 5.47 39.75
N SER C 3 -35.36 -21.32 -1.22
CA SER C 3 -34.96 -21.32 -2.59
C SER C 3 -34.51 -19.98 -3.13
N ASP C 4 -34.89 -18.92 -2.47
CA ASP C 4 -34.47 -17.61 -2.88
C ASP C 4 -32.96 -17.37 -2.94
N VAL C 5 -32.25 -17.50 -1.84
CA VAL C 5 -30.84 -17.12 -1.72
C VAL C 5 -30.01 -18.28 -2.30
N PHE C 6 -28.93 -17.93 -2.99
CA PHE C 6 -28.18 -18.86 -3.82
C PHE C 6 -27.42 -19.97 -3.08
N HIS C 7 -26.92 -19.68 -1.89
CA HIS C 7 -26.11 -20.65 -1.16
C HIS C 7 -26.85 -21.35 -0.02
N LEU C 8 -27.58 -20.56 0.77
CA LEU C 8 -28.23 -21.06 1.98
C LEU C 8 -29.47 -21.91 1.69
N GLY C 9 -30.10 -21.68 0.55
CA GLY C 9 -31.34 -22.39 0.18
C GLY C 9 -32.47 -22.08 1.13
N LEU C 10 -32.64 -20.80 1.43
CA LEU C 10 -33.66 -20.33 2.37
C LEU C 10 -34.58 -19.27 1.76
N THR C 11 -35.76 -19.13 2.35
CA THR C 11 -36.71 -18.09 1.95
C THR C 11 -37.06 -17.19 3.14
N LYS C 12 -37.62 -16.02 2.84
CA LYS C 12 -38.17 -15.11 3.84
C LYS C 12 -39.07 -15.85 4.83
N ASN C 13 -39.89 -16.76 4.29
CA ASN C 13 -40.90 -17.50 5.05
C ASN C 13 -40.30 -18.45 6.08
N ASP C 14 -39.21 -19.13 5.71
CA ASP C 14 -38.51 -20.06 6.62
C ASP C 14 -38.05 -19.37 7.90
N LEU C 15 -37.69 -18.10 7.77
CA LEU C 15 -37.18 -17.31 8.90
C LEU C 15 -38.29 -16.94 9.89
N GLN C 16 -39.51 -16.83 9.39
CA GLN C 16 -40.69 -16.54 10.22
C GLN C 16 -40.60 -15.15 10.85
N GLY C 17 -40.08 -14.20 10.08
CA GLY C 17 -39.92 -12.82 10.55
C GLY C 17 -38.85 -12.64 11.61
N ALA C 18 -37.84 -13.53 11.62
CA ALA C 18 -36.70 -13.40 12.51
C ALA C 18 -35.82 -12.22 12.11
N GLN C 19 -35.31 -11.50 13.11
CA GLN C 19 -34.48 -10.32 12.91
C GLN C 19 -33.04 -10.62 13.31
N LEU C 20 -32.85 -11.58 14.20
CA LEU C 20 -31.55 -11.91 14.76
C LEU C 20 -31.10 -13.31 14.34
N ALA C 21 -29.79 -13.44 14.11
CA ALA C 21 -29.19 -14.75 13.83
C ALA C 21 -27.92 -14.96 14.66
N ILE C 22 -27.77 -16.17 15.18
CA ILE C 22 -26.54 -16.59 15.84
C ILE C 22 -25.70 -17.35 14.83
N VAL C 23 -24.46 -16.92 14.63
CA VAL C 23 -23.60 -17.48 13.57
C VAL C 23 -22.30 -18.13 14.09
N PRO C 24 -22.34 -19.44 14.40
CA PRO C 24 -21.13 -20.15 14.75
C PRO C 24 -20.34 -20.53 13.50
N GLY C 25 -19.08 -20.92 13.67
CA GLY C 25 -18.27 -21.37 12.54
C GLY C 25 -18.53 -22.82 12.15
N ASP C 26 -18.86 -23.64 13.14
CA ASP C 26 -19.03 -25.09 12.95
C ASP C 26 -20.48 -25.45 12.69
N PRO C 27 -20.75 -26.11 11.54
CA PRO C 27 -22.08 -26.67 11.22
C PRO C 27 -22.64 -27.59 12.30
N GLU C 28 -21.76 -28.25 13.05
CA GLU C 28 -22.15 -29.17 14.13
C GLU C 28 -22.65 -28.46 15.37
N ARG C 29 -22.23 -27.21 15.56
CA ARG C 29 -22.62 -26.43 16.73
C ARG C 29 -23.99 -25.78 16.57
N VAL C 30 -24.46 -25.70 15.32
CA VAL C 30 -25.75 -25.06 14.98
C VAL C 30 -26.92 -25.69 15.74
N GLU C 31 -27.04 -27.00 15.62
CA GLU C 31 -28.07 -27.78 16.32
C GLU C 31 -27.99 -27.58 17.84
N LYS C 32 -26.78 -27.63 18.39
CA LYS C 32 -26.57 -27.49 19.84
C LYS C 32 -27.07 -26.17 20.40
N ILE C 33 -26.88 -25.09 19.65
CA ILE C 33 -27.32 -23.75 20.04
C ILE C 33 -28.85 -23.63 19.96
N ALA C 34 -29.42 -24.11 18.86
CA ALA C 34 -30.87 -24.06 18.64
C ALA C 34 -31.65 -24.89 19.65
N ALA C 35 -31.04 -25.99 20.10
CA ALA C 35 -31.65 -26.90 21.09
C ALA C 35 -31.86 -26.26 22.46
N LEU C 36 -31.10 -25.20 22.74
CA LEU C 36 -31.20 -24.49 24.01
C LEU C 36 -32.39 -23.54 24.03
N MET C 37 -32.97 -23.31 22.85
CA MET C 37 -34.13 -22.42 22.69
C MET C 37 -35.40 -23.22 22.39
N ASP C 38 -36.53 -22.54 22.29
CA ASP C 38 -37.82 -23.21 22.07
C ASP C 38 -38.11 -23.47 20.59
N LYS C 39 -38.86 -24.54 20.33
CA LYS C 39 -39.27 -24.95 18.98
C LYS C 39 -38.13 -25.01 17.94
N PRO C 40 -37.02 -25.70 18.26
CA PRO C 40 -35.95 -25.80 17.26
C PRO C 40 -36.33 -26.71 16.08
N VAL C 41 -36.16 -26.18 14.87
CA VAL C 41 -36.52 -26.87 13.63
C VAL C 41 -35.44 -26.61 12.57
N LYS C 42 -34.94 -27.68 11.97
CA LYS C 42 -33.95 -27.59 10.90
C LYS C 42 -34.60 -27.00 9.64
N LEU C 43 -33.87 -26.15 8.94
CA LEU C 43 -34.39 -25.48 7.75
C LEU C 43 -33.72 -25.97 6.48
N ALA C 44 -32.38 -25.90 6.46
CA ALA C 44 -31.61 -26.29 5.30
C ALA C 44 -30.18 -26.67 5.69
N SER C 45 -29.49 -27.31 4.76
CA SER C 45 -28.08 -27.62 4.92
C SER C 45 -27.43 -27.70 3.54
N HIS C 46 -26.64 -26.70 3.20
CA HIS C 46 -25.89 -26.68 1.95
C HIS C 46 -24.46 -26.27 2.23
N ARG C 47 -23.52 -26.96 1.59
CA ARG C 47 -22.09 -26.71 1.78
C ARG C 47 -21.74 -26.63 3.28
N GLU C 48 -21.14 -25.53 3.72
CA GLU C 48 -20.82 -25.37 5.14
C GLU C 48 -21.90 -24.59 5.91
N PHE C 49 -23.04 -24.35 5.25
CA PHE C 49 -24.13 -23.57 5.81
C PHE C 49 -25.31 -24.42 6.24
N THR C 50 -25.34 -24.83 7.50
CA THR C 50 -26.51 -25.52 8.05
C THR C 50 -27.27 -24.54 8.93
N SER C 51 -28.58 -24.42 8.69
CA SER C 51 -29.40 -23.41 9.35
C SER C 51 -30.61 -23.97 10.09
N TRP C 52 -30.86 -23.41 11.26
CA TRP C 52 -31.98 -23.79 12.13
C TRP C 52 -32.79 -22.57 12.54
N ARG C 53 -34.06 -22.79 12.87
CA ARG C 53 -34.92 -21.74 13.43
C ARG C 53 -35.39 -22.15 14.82
N ALA C 54 -35.46 -21.17 15.72
CA ALA C 54 -35.91 -21.40 17.08
C ALA C 54 -36.59 -20.16 17.65
N GLU C 55 -36.91 -20.19 18.94
CA GLU C 55 -37.61 -19.08 19.59
C GLU C 55 -37.03 -18.71 20.95
N LEU C 56 -36.95 -17.40 21.19
CA LEU C 56 -36.69 -16.86 22.52
C LEU C 56 -37.80 -15.88 22.83
N ASP C 57 -38.52 -16.12 23.93
CA ASP C 57 -39.65 -15.30 24.37
C ASP C 57 -40.64 -14.98 23.24
N GLY C 58 -41.03 -16.01 22.50
CA GLY C 58 -41.98 -15.86 21.39
C GLY C 58 -41.42 -15.23 20.13
N LYS C 59 -40.12 -14.93 20.12
CA LYS C 59 -39.48 -14.30 18.96
C LYS C 59 -38.61 -15.28 18.18
N ALA C 60 -38.83 -15.34 16.87
CA ALA C 60 -38.06 -16.23 15.99
C ALA C 60 -36.60 -15.84 15.92
N VAL C 61 -35.71 -16.84 16.03
CA VAL C 61 -34.26 -16.64 15.99
C VAL C 61 -33.62 -17.67 15.06
N ILE C 62 -32.73 -17.21 14.19
CA ILE C 62 -31.99 -18.10 13.29
C ILE C 62 -30.64 -18.49 13.89
N VAL C 63 -30.22 -19.72 13.63
CA VAL C 63 -28.85 -20.15 13.91
C VAL C 63 -28.27 -20.71 12.62
N CYS C 64 -27.23 -20.06 12.10
CA CYS C 64 -26.65 -20.44 10.81
C CYS C 64 -25.13 -20.43 10.84
N SER C 65 -24.52 -21.56 10.45
CA SER C 65 -23.07 -21.65 10.40
C SER C 65 -22.48 -20.79 9.28
N THR C 66 -21.20 -20.47 9.41
CA THR C 66 -20.50 -19.59 8.47
C THR C 66 -19.40 -20.34 7.75
N GLY C 67 -18.97 -21.45 8.33
CA GLY C 67 -17.76 -22.12 7.89
C GLY C 67 -16.56 -21.36 8.41
N ILE C 68 -15.37 -21.83 8.04
CA ILE C 68 -14.14 -21.14 8.43
C ILE C 68 -13.80 -20.04 7.44
N GLY C 69 -13.55 -18.84 7.97
CA GLY C 69 -13.04 -17.72 7.19
C GLY C 69 -14.04 -16.64 6.82
N GLY C 70 -13.50 -15.50 6.40
CA GLY C 70 -14.32 -14.36 5.98
C GLY C 70 -15.12 -14.54 4.70
N PRO C 71 -14.55 -15.23 3.69
CA PRO C 71 -15.30 -15.50 2.46
C PRO C 71 -16.63 -16.24 2.68
N SER C 72 -16.61 -17.33 3.45
CA SER C 72 -17.83 -18.11 3.68
C SER C 72 -18.76 -17.39 4.66
N THR C 73 -18.18 -16.70 5.64
CA THR C 73 -18.92 -15.81 6.53
C THR C 73 -19.67 -14.73 5.75
N SER C 74 -19.00 -14.13 4.77
CA SER C 74 -19.57 -13.01 4.00
C SER C 74 -20.81 -13.41 3.22
N ILE C 75 -20.78 -14.59 2.63
CA ILE C 75 -21.91 -15.17 1.92
C ILE C 75 -23.10 -15.37 2.86
N ALA C 76 -22.84 -15.97 4.01
CA ALA C 76 -23.88 -16.28 4.98
C ALA C 76 -24.58 -15.01 5.52
N VAL C 77 -23.78 -14.03 5.93
CA VAL C 77 -24.32 -12.78 6.48
C VAL C 77 -25.13 -12.01 5.44
N GLU C 78 -24.59 -11.93 4.23
CA GLU C 78 -25.23 -11.21 3.12
C GLU C 78 -26.61 -11.79 2.80
N GLU C 79 -26.65 -13.11 2.64
CA GLU C 79 -27.89 -13.77 2.24
C GLU C 79 -28.92 -13.77 3.37
N LEU C 80 -28.46 -13.92 4.60
CA LEU C 80 -29.29 -13.71 5.80
C LEU C 80 -29.88 -12.29 5.86
N ALA C 81 -29.11 -11.30 5.43
CA ALA C 81 -29.57 -9.92 5.40
C ALA C 81 -30.66 -9.69 4.34
N GLN C 82 -30.50 -10.34 3.18
CA GLN C 82 -31.51 -10.33 2.12
C GLN C 82 -32.85 -10.84 2.63
N LEU C 83 -32.81 -11.72 3.63
CA LEU C 83 -34.01 -12.36 4.18
C LEU C 83 -34.62 -11.60 5.36
N GLY C 84 -33.89 -10.62 5.89
CA GLY C 84 -34.41 -9.74 6.94
C GLY C 84 -33.61 -9.63 8.22
N ILE C 85 -32.57 -10.46 8.36
CA ILE C 85 -31.72 -10.43 9.55
C ILE C 85 -30.93 -9.13 9.61
N ARG C 86 -31.04 -8.43 10.75
CA ARG C 86 -30.35 -7.16 10.96
C ARG C 86 -29.36 -7.24 12.14
N THR C 87 -29.43 -8.33 12.90
CA THR C 87 -28.54 -8.51 14.06
C THR C 87 -27.82 -9.86 13.99
N PHE C 88 -26.51 -9.82 14.12
CA PHE C 88 -25.67 -11.02 14.00
C PHE C 88 -24.81 -11.22 15.24
N LEU C 89 -24.89 -12.40 15.83
CA LEU C 89 -24.05 -12.73 16.97
C LEU C 89 -23.18 -13.94 16.67
N ARG C 90 -21.87 -13.70 16.55
CA ARG C 90 -20.93 -14.79 16.32
C ARG C 90 -20.49 -15.40 17.64
N ILE C 91 -20.54 -16.73 17.70
CA ILE C 91 -20.02 -17.50 18.83
C ILE C 91 -18.95 -18.44 18.29
N GLY C 92 -17.71 -18.28 18.75
CA GLY C 92 -16.59 -19.04 18.21
C GLY C 92 -15.63 -19.66 19.22
N THR C 93 -14.57 -20.26 18.69
CA THR C 93 -13.48 -20.79 19.52
C THR C 93 -12.23 -20.01 19.19
N THR C 94 -11.35 -19.82 20.17
CA THR C 94 -10.22 -18.91 20.00
C THR C 94 -8.92 -19.31 20.72
N GLY C 95 -7.80 -18.85 20.18
CA GLY C 95 -6.50 -19.02 20.81
C GLY C 95 -6.04 -17.74 21.47
N ALA C 96 -5.99 -17.76 22.80
CA ALA C 96 -5.51 -16.62 23.58
C ALA C 96 -4.00 -16.43 23.41
N ILE C 97 -3.56 -15.17 23.43
CA ILE C 97 -2.13 -14.85 23.28
C ILE C 97 -1.59 -13.97 24.42
N GLN C 98 -2.39 -13.84 25.48
CA GLN C 98 -1.98 -13.16 26.69
C GLN C 98 -1.84 -14.16 27.84
N PRO C 99 -0.71 -14.11 28.58
CA PRO C 99 -0.41 -15.06 29.67
C PRO C 99 -1.50 -15.18 30.76
N HIS C 100 -2.32 -14.15 30.93
CA HIS C 100 -3.33 -14.14 31.97
C HIS C 100 -4.69 -14.69 31.53
N ILE C 101 -4.88 -14.85 30.21
CA ILE C 101 -6.08 -15.49 29.68
C ILE C 101 -5.79 -16.97 29.45
N ASN C 102 -6.35 -17.81 30.31
CA ASN C 102 -6.16 -19.26 30.20
C ASN C 102 -7.38 -19.94 29.56
N VAL C 103 -7.26 -21.25 29.32
CA VAL C 103 -8.32 -22.00 28.64
C VAL C 103 -9.61 -22.06 29.46
N GLY C 104 -10.73 -21.81 28.80
CA GLY C 104 -12.04 -21.80 29.46
C GLY C 104 -12.59 -20.40 29.67
N ASP C 105 -11.76 -19.38 29.42
CA ASP C 105 -12.17 -17.99 29.55
C ASP C 105 -13.04 -17.54 28.37
N VAL C 106 -13.89 -16.55 28.62
CA VAL C 106 -14.78 -15.98 27.61
C VAL C 106 -14.27 -14.61 27.15
N LEU C 107 -14.16 -14.44 25.84
CA LEU C 107 -13.63 -13.19 25.27
C LEU C 107 -14.66 -12.47 24.40
N VAL C 108 -14.96 -11.22 24.76
CA VAL C 108 -15.87 -10.39 24.00
C VAL C 108 -15.06 -9.37 23.21
N THR C 109 -15.26 -9.35 21.89
CA THR C 109 -14.48 -8.50 20.99
C THR C 109 -15.15 -7.15 20.79
N THR C 110 -14.41 -6.08 21.05
CA THR C 110 -14.88 -4.72 20.79
C THR C 110 -14.66 -4.36 19.32
N ALA C 111 -13.47 -4.66 18.81
CA ALA C 111 -13.11 -4.46 17.42
C ALA C 111 -11.95 -5.38 17.05
N SER C 112 -11.75 -5.59 15.76
CA SER C 112 -10.76 -6.57 15.32
C SER C 112 -9.62 -6.01 14.48
N VAL C 113 -8.41 -6.52 14.75
CA VAL C 113 -7.27 -6.33 13.86
C VAL C 113 -7.56 -7.07 12.55
N ARG C 114 -7.64 -6.31 11.46
CA ARG C 114 -8.08 -6.83 10.17
C ARG C 114 -6.96 -7.53 9.42
N LEU C 115 -6.75 -8.82 9.71
CA LEU C 115 -5.74 -9.62 9.04
C LEU C 115 -6.37 -10.57 8.01
N ASP C 116 -7.47 -10.12 7.44
CA ASP C 116 -8.22 -10.88 6.43
C ASP C 116 -8.16 -10.17 5.08
N GLY C 117 -9.00 -10.61 4.15
CA GLY C 117 -9.12 -9.97 2.85
C GLY C 117 -10.54 -9.54 2.54
N ALA C 118 -11.50 -10.28 3.10
CA ALA C 118 -12.91 -10.06 2.82
C ALA C 118 -13.43 -8.71 3.34
N SER C 119 -12.86 -8.23 4.44
CA SER C 119 -13.26 -6.93 5.02
C SER C 119 -12.99 -5.77 4.05
N LEU C 120 -11.93 -5.89 3.26
CA LEU C 120 -11.56 -4.86 2.26
C LEU C 120 -12.53 -4.80 1.07
N HIS C 121 -13.42 -5.78 0.98
CA HIS C 121 -14.42 -5.81 -0.09
C HIS C 121 -15.68 -5.03 0.32
N PHE C 122 -15.68 -4.54 1.57
CA PHE C 122 -16.81 -3.78 2.09
C PHE C 122 -16.42 -2.36 2.52
N ALA C 123 -15.18 -2.20 2.96
CA ALA C 123 -14.66 -0.92 3.40
C ALA C 123 -13.13 -0.95 3.37
N PRO C 124 -12.49 0.21 3.08
CA PRO C 124 -11.03 0.27 3.05
C PRO C 124 -10.42 0.03 4.43
N MET C 125 -9.13 -0.30 4.45
CA MET C 125 -8.44 -0.69 5.69
C MET C 125 -8.54 0.33 6.82
N GLU C 126 -8.78 1.60 6.47
CA GLU C 126 -8.88 2.67 7.47
C GLU C 126 -10.16 2.57 8.31
N PHE C 127 -11.14 1.83 7.80
CA PHE C 127 -12.38 1.61 8.51
C PHE C 127 -12.18 0.59 9.64
N PRO C 128 -12.70 0.90 10.84
CA PRO C 128 -12.52 0.00 11.97
C PRO C 128 -13.44 -1.21 11.92
N ALA C 129 -12.90 -2.39 12.18
CA ALA C 129 -13.70 -3.60 12.27
C ALA C 129 -14.33 -3.68 13.66
N VAL C 130 -15.31 -2.80 13.90
CA VAL C 130 -15.87 -2.58 15.23
C VAL C 130 -17.23 -3.22 15.44
N ALA C 131 -17.40 -3.90 16.57
CA ALA C 131 -18.67 -4.49 16.96
C ALA C 131 -19.69 -3.43 17.38
N ASP C 132 -20.96 -3.67 17.04
CA ASP C 132 -22.06 -2.82 17.50
C ASP C 132 -22.10 -2.74 19.03
N PHE C 133 -22.36 -1.55 19.54
CA PHE C 133 -22.31 -1.29 20.99
C PHE C 133 -23.35 -2.06 21.79
N ALA C 134 -24.59 -2.07 21.31
CA ALA C 134 -25.67 -2.80 21.98
C ALA C 134 -25.35 -4.29 22.09
N CYS C 135 -24.88 -4.88 20.99
CA CYS C 135 -24.54 -6.29 20.95
C CYS C 135 -23.43 -6.66 21.93
N THR C 136 -22.40 -5.82 21.97
CA THR C 136 -21.26 -6.00 22.88
C THR C 136 -21.71 -5.88 24.33
N THR C 137 -22.58 -4.90 24.60
CA THR C 137 -23.15 -4.69 25.94
C THR C 137 -23.89 -5.95 26.38
N ALA C 138 -24.78 -6.43 25.52
CA ALA C 138 -25.56 -7.65 25.78
C ALA C 138 -24.67 -8.86 26.12
N LEU C 139 -23.56 -8.99 25.39
CA LEU C 139 -22.64 -10.11 25.56
C LEU C 139 -21.87 -10.05 26.88
N VAL C 140 -21.40 -8.86 27.24
CA VAL C 140 -20.73 -8.64 28.51
C VAL C 140 -21.67 -8.97 29.68
N GLU C 141 -22.87 -8.43 29.63
CA GLU C 141 -23.87 -8.61 30.70
C GLU C 141 -24.30 -10.06 30.87
N ALA C 142 -24.48 -10.77 29.76
CA ALA C 142 -24.85 -12.17 29.79
C ALA C 142 -23.73 -13.04 30.36
N ALA C 143 -22.47 -12.65 30.11
CA ALA C 143 -21.31 -13.33 30.66
C ALA C 143 -21.23 -13.13 32.17
N LYS C 144 -21.63 -11.96 32.63
CA LYS C 144 -21.71 -11.64 34.06
C LYS C 144 -22.90 -12.35 34.72
N SER C 145 -23.95 -12.59 33.93
CA SER C 145 -25.18 -13.24 34.40
C SER C 145 -24.94 -14.71 34.77
N ILE C 146 -24.11 -15.39 33.98
CA ILE C 146 -23.66 -16.75 34.28
C ILE C 146 -22.37 -16.73 35.13
N GLY C 147 -21.74 -15.56 35.18
CA GLY C 147 -20.51 -15.38 35.96
C GLY C 147 -19.33 -16.11 35.36
N ALA C 148 -18.99 -15.77 34.13
CA ALA C 148 -17.83 -16.35 33.45
C ALA C 148 -16.61 -15.45 33.62
N THR C 149 -15.42 -16.06 33.59
CA THR C 149 -14.18 -15.30 33.52
C THR C 149 -14.14 -14.61 32.16
N THR C 150 -14.32 -13.30 32.16
CA THR C 150 -14.54 -12.52 30.94
C THR C 150 -13.47 -11.46 30.71
N HIS C 151 -12.93 -11.42 29.50
CA HIS C 151 -12.05 -10.34 29.06
C HIS C 151 -12.64 -9.66 27.84
N VAL C 152 -12.57 -8.33 27.82
CA VAL C 152 -13.14 -7.53 26.75
C VAL C 152 -12.05 -6.69 26.09
N GLY C 153 -11.93 -6.78 24.76
CA GLY C 153 -10.93 -6.01 24.04
C GLY C 153 -10.82 -6.31 22.56
N VAL C 154 -9.61 -6.15 22.02
CA VAL C 154 -9.37 -6.31 20.59
C VAL C 154 -8.90 -7.71 20.22
N THR C 155 -9.30 -8.15 19.03
CA THR C 155 -9.01 -9.50 18.55
C THR C 155 -8.34 -9.44 17.19
N ALA C 156 -7.23 -10.16 17.05
CA ALA C 156 -6.59 -10.35 15.76
C ALA C 156 -7.37 -11.39 14.96
N SER C 157 -7.91 -10.98 13.82
CA SER C 157 -8.73 -11.84 12.98
C SER C 157 -8.00 -12.23 11.70
N SER C 158 -7.48 -13.45 11.67
CA SER C 158 -6.58 -13.91 10.61
C SER C 158 -7.26 -14.75 9.53
N ASP C 159 -6.77 -14.61 8.29
CA ASP C 159 -7.24 -15.42 7.17
C ASP C 159 -6.60 -16.81 7.11
N THR C 160 -5.65 -17.08 8.01
CA THR C 160 -5.04 -18.41 8.10
C THR C 160 -4.95 -18.86 9.55
N PHE C 161 -5.09 -20.16 9.75
CA PHE C 161 -4.89 -20.76 11.06
C PHE C 161 -3.40 -20.82 11.40
N TYR C 162 -2.56 -21.02 10.40
CA TYR C 162 -1.13 -21.29 10.63
C TYR C 162 -0.18 -20.08 10.53
N PRO C 163 0.19 -19.65 9.31
CA PRO C 163 1.20 -18.58 9.24
C PRO C 163 0.70 -17.23 9.76
N GLY C 164 -0.58 -16.92 9.52
CA GLY C 164 -1.17 -15.66 9.96
C GLY C 164 -1.22 -15.52 11.46
N GLN C 165 -1.30 -16.65 12.16
CA GLN C 165 -1.24 -16.70 13.61
C GLN C 165 0.16 -17.11 14.08
N GLU C 166 1.14 -16.93 13.18
CA GLU C 166 2.55 -17.26 13.42
C GLU C 166 2.75 -18.65 14.05
N ARG C 167 2.51 -19.69 13.25
CA ARG C 167 2.79 -21.06 13.66
C ARG C 167 3.93 -21.63 12.82
N TYR C 168 4.93 -22.18 13.52
CA TYR C 168 6.12 -22.72 12.86
C TYR C 168 6.07 -24.25 12.71
N ASP C 169 5.27 -24.90 13.56
CA ASP C 169 5.02 -26.34 13.46
C ASP C 169 4.11 -26.67 12.27
N THR C 170 4.67 -26.57 11.07
CA THR C 170 3.92 -26.77 9.84
C THR C 170 4.72 -27.59 8.83
N TYR C 171 4.17 -27.74 7.63
CA TYR C 171 4.84 -28.46 6.56
C TYR C 171 6.17 -27.80 6.19
N SER C 172 6.14 -26.50 5.90
CA SER C 172 7.35 -25.77 5.49
C SER C 172 8.13 -25.19 6.67
N GLY C 173 7.41 -24.84 7.73
CA GLY C 173 8.04 -24.30 8.95
C GLY C 173 8.44 -22.84 8.87
N ARG C 174 8.11 -22.19 7.76
CA ARG C 174 8.45 -20.79 7.56
C ARG C 174 7.23 -19.89 7.64
N VAL C 175 7.45 -18.65 8.07
CA VAL C 175 6.43 -17.62 8.12
C VAL C 175 6.91 -16.42 7.30
N VAL C 176 6.06 -15.96 6.39
CA VAL C 176 6.38 -14.82 5.52
C VAL C 176 6.66 -13.55 6.34
N ARG C 177 7.61 -12.73 5.87
CA ARG C 177 8.09 -11.54 6.59
C ARG C 177 7.01 -10.77 7.38
N ARG C 178 5.88 -10.50 6.73
CA ARG C 178 4.78 -9.73 7.31
C ARG C 178 4.35 -10.25 8.69
N PHE C 179 4.31 -11.57 8.85
CA PHE C 179 3.82 -12.17 10.09
C PHE C 179 4.92 -12.70 11.04
N LYS C 180 6.18 -12.51 10.63
CA LYS C 180 7.32 -12.91 11.46
C LYS C 180 7.49 -11.91 12.61
N GLY C 181 7.37 -12.42 13.84
CA GLY C 181 7.41 -11.58 15.03
C GLY C 181 6.09 -10.88 15.34
N SER C 182 5.07 -11.14 14.52
CA SER C 182 3.78 -10.44 14.65
C SER C 182 3.00 -10.79 15.92
N MET C 183 3.11 -12.03 16.38
CA MET C 183 2.40 -12.43 17.59
C MET C 183 2.90 -11.65 18.82
N GLU C 184 4.20 -11.40 18.89
CA GLU C 184 4.79 -10.59 19.95
C GLU C 184 4.31 -9.13 19.86
N GLU C 185 4.10 -8.66 18.63
CA GLU C 185 3.57 -7.31 18.41
C GLU C 185 2.15 -7.17 18.92
N TRP C 186 1.29 -8.13 18.57
CA TRP C 186 -0.10 -8.13 19.03
C TRP C 186 -0.18 -8.25 20.55
N GLN C 187 0.74 -9.01 21.13
CA GLN C 187 0.86 -9.14 22.59
C GLN C 187 1.21 -7.79 23.22
N ALA C 188 2.26 -7.16 22.70
CA ALA C 188 2.69 -5.83 23.15
C ALA C 188 1.59 -4.77 23.00
N MET C 189 0.74 -4.94 21.99
CA MET C 189 -0.39 -4.02 21.75
C MET C 189 -1.66 -4.36 22.53
N GLY C 190 -1.60 -5.42 23.34
CA GLY C 190 -2.72 -5.81 24.20
C GLY C 190 -3.86 -6.52 23.51
N VAL C 191 -3.60 -7.06 22.32
CA VAL C 191 -4.56 -7.89 21.59
C VAL C 191 -4.77 -9.18 22.41
N MET C 192 -6.01 -9.64 22.50
CA MET C 192 -6.33 -10.76 23.38
C MET C 192 -6.10 -12.13 22.74
N ASN C 193 -6.50 -12.25 21.47
CA ASN C 193 -6.64 -13.57 20.86
C ASN C 193 -6.59 -13.61 19.33
N TYR C 194 -6.36 -14.81 18.81
CA TYR C 194 -6.51 -15.09 17.39
C TYR C 194 -7.82 -15.82 17.14
N GLU C 195 -8.52 -15.40 16.09
CA GLU C 195 -9.64 -16.14 15.51
C GLU C 195 -9.69 -15.80 14.02
N MET C 196 -10.72 -16.25 13.31
CA MET C 196 -10.66 -16.24 11.85
C MET C 196 -11.84 -15.64 11.08
N GLU C 197 -12.82 -15.07 11.77
CA GLU C 197 -14.00 -14.53 11.07
C GLU C 197 -14.46 -13.13 11.48
N SER C 198 -14.00 -12.62 12.62
CA SER C 198 -14.55 -11.38 13.19
C SER C 198 -14.32 -10.12 12.36
N ALA C 199 -13.11 -9.96 11.79
CA ALA C 199 -12.80 -8.78 10.97
C ALA C 199 -13.79 -8.64 9.80
N THR C 200 -14.07 -9.76 9.13
CA THR C 200 -15.04 -9.75 8.04
C THR C 200 -16.44 -9.45 8.55
N LEU C 201 -16.87 -10.19 9.56
CA LEU C 201 -18.19 -10.01 10.15
C LEU C 201 -18.43 -8.58 10.64
N LEU C 202 -17.51 -8.07 11.45
CA LEU C 202 -17.69 -6.75 12.07
C LEU C 202 -17.64 -5.59 11.07
N THR C 203 -16.75 -5.69 10.08
CA THR C 203 -16.61 -4.65 9.05
C THR C 203 -17.83 -4.59 8.13
N MET C 204 -18.18 -5.72 7.53
CA MET C 204 -19.29 -5.76 6.58
C MET C 204 -20.62 -5.37 7.21
N CYS C 205 -20.75 -5.62 8.51
CA CYS C 205 -21.96 -5.25 9.24
C CYS C 205 -21.99 -3.77 9.60
N ALA C 206 -20.88 -3.26 10.13
CA ALA C 206 -20.77 -1.84 10.48
C ALA C 206 -20.83 -0.94 9.26
N SER C 207 -20.49 -1.49 8.09
CA SER C 207 -20.48 -0.75 6.84
C SER C 207 -21.83 -0.76 6.13
N GLN C 208 -22.75 -1.60 6.59
CA GLN C 208 -24.01 -1.81 5.88
C GLN C 208 -25.26 -1.65 6.76
N GLY C 209 -25.06 -1.04 7.94
CA GLY C 209 -26.17 -0.77 8.87
C GLY C 209 -26.66 -1.99 9.63
N LEU C 210 -25.79 -3.00 9.74
CA LEU C 210 -26.12 -4.22 10.48
C LEU C 210 -25.45 -4.23 11.84
N ARG C 211 -26.14 -4.74 12.84
CA ARG C 211 -25.59 -4.85 14.20
C ARG C 211 -24.92 -6.20 14.37
N ALA C 212 -23.73 -6.18 14.98
CA ALA C 212 -22.93 -7.39 15.13
C ALA C 212 -22.11 -7.41 16.41
N GLY C 213 -22.02 -8.59 17.02
CA GLY C 213 -21.22 -8.81 18.23
C GLY C 213 -20.45 -10.12 18.12
N MET C 214 -19.36 -10.22 18.85
CA MET C 214 -18.46 -11.36 18.74
C MET C 214 -18.05 -11.88 20.12
N VAL C 215 -18.33 -13.17 20.35
CA VAL C 215 -17.96 -13.84 21.59
C VAL C 215 -17.26 -15.16 21.26
N ALA C 216 -16.27 -15.51 22.08
CA ALA C 216 -15.47 -16.72 21.84
C ALA C 216 -14.93 -17.35 23.12
N GLY C 217 -14.90 -18.68 23.13
CA GLY C 217 -14.33 -19.42 24.25
C GLY C 217 -12.92 -19.86 23.95
N VAL C 218 -12.02 -19.66 24.91
CA VAL C 218 -10.61 -20.00 24.73
C VAL C 218 -10.36 -21.50 24.81
N ILE C 219 -9.83 -22.07 23.72
CA ILE C 219 -9.52 -23.50 23.65
C ILE C 219 -8.02 -23.78 23.79
N VAL C 220 -7.20 -22.80 23.45
CA VAL C 220 -5.74 -22.92 23.58
C VAL C 220 -5.11 -21.57 23.99
N ASN C 221 -3.98 -21.65 24.68
CA ASN C 221 -3.14 -20.46 24.94
C ASN C 221 -1.77 -20.60 24.29
N ARG C 222 -1.47 -19.66 23.40
CA ARG C 222 -0.27 -19.70 22.56
C ARG C 222 1.05 -19.51 23.32
N THR C 223 0.97 -19.16 24.60
CA THR C 223 2.16 -19.04 25.44
C THR C 223 2.45 -20.37 26.15
N GLN C 224 1.39 -21.01 26.65
CA GLN C 224 1.49 -22.19 27.51
C GLN C 224 1.98 -23.45 26.78
N GLN C 225 2.53 -24.37 27.55
CA GLN C 225 2.93 -25.70 27.06
C GLN C 225 1.92 -26.73 27.60
N GLU C 226 0.74 -26.73 26.99
CA GLU C 226 -0.32 -27.67 27.40
C GLU C 226 -1.24 -28.02 26.24
N ILE C 227 -1.57 -29.31 26.15
CA ILE C 227 -2.50 -29.83 25.14
C ILE C 227 -3.86 -30.03 25.81
N PRO C 228 -4.97 -29.65 25.13
CA PRO C 228 -6.35 -29.82 25.60
C PRO C 228 -6.58 -31.00 26.55
N ASN C 229 -7.24 -30.73 27.69
CA ASN C 229 -7.45 -31.72 28.76
C ASN C 229 -8.25 -32.96 28.32
N GLU C 231 -12.60 -32.84 28.60
CA GLU C 231 -13.82 -32.06 28.40
C GLU C 231 -13.49 -30.65 27.94
N MET C 233 -12.54 -28.39 25.57
CA MET C 233 -13.21 -27.60 24.54
C MET C 233 -14.73 -27.74 24.58
N LYS C 234 -15.19 -28.93 24.98
CA LYS C 234 -16.62 -29.24 25.06
C LYS C 234 -17.30 -28.45 26.19
N GLN C 235 -16.65 -28.40 27.35
CA GLN C 235 -17.10 -27.58 28.48
C GLN C 235 -17.11 -26.10 28.12
N THR C 236 -16.03 -25.65 27.48
CA THR C 236 -15.87 -24.24 27.07
C THR C 236 -16.92 -23.82 26.04
N GLU C 237 -17.19 -24.70 25.07
CA GLU C 237 -18.13 -24.43 23.99
C GLU C 237 -19.56 -24.20 24.50
N SER C 238 -20.11 -25.19 25.19
CA SER C 238 -21.48 -25.11 25.73
C SER C 238 -21.63 -23.99 26.76
N HIS C 239 -20.52 -23.59 27.35
CA HIS C 239 -20.47 -22.44 28.26
C HIS C 239 -20.72 -21.15 27.49
N ALA C 240 -19.92 -20.93 26.44
CA ALA C 240 -20.05 -19.75 25.57
C ALA C 240 -21.36 -19.74 24.80
N VAL C 241 -21.89 -20.94 24.52
CA VAL C 241 -23.19 -21.10 23.88
C VAL C 241 -24.32 -20.53 24.74
N LYS C 242 -24.19 -20.63 26.06
CA LYS C 242 -25.17 -20.04 26.97
C LYS C 242 -25.10 -18.51 26.98
N ILE C 243 -23.89 -17.96 26.97
CA ILE C 243 -23.68 -16.51 26.91
C ILE C 243 -24.35 -15.88 25.69
N VAL C 244 -24.03 -16.41 24.50
CA VAL C 244 -24.55 -15.87 23.24
C VAL C 244 -26.07 -15.99 23.11
N VAL C 245 -26.64 -17.08 23.63
CA VAL C 245 -28.09 -17.27 23.66
C VAL C 245 -28.74 -16.28 24.62
N GLU C 246 -28.11 -16.07 25.77
CA GLU C 246 -28.60 -15.14 26.77
C GLU C 246 -28.42 -13.68 26.30
N ALA C 247 -27.41 -13.44 25.47
CA ALA C 247 -27.19 -12.12 24.90
C ALA C 247 -28.25 -11.80 23.85
N ALA C 248 -28.55 -12.79 23.00
CA ALA C 248 -29.56 -12.64 21.95
C ALA C 248 -30.92 -12.30 22.54
N ARG C 249 -31.17 -12.81 23.74
CA ARG C 249 -32.42 -12.57 24.46
C ARG C 249 -32.65 -11.10 24.78
N ARG C 250 -31.55 -10.39 25.02
CA ARG C 250 -31.60 -8.95 25.34
C ARG C 250 -31.70 -8.09 24.08
N LEU C 251 -31.37 -8.67 22.91
CA LEU C 251 -31.31 -7.92 21.66
C LEU C 251 -32.54 -8.10 20.75
N LEU C 252 -33.55 -8.81 21.24
CA LEU C 252 -34.79 -9.01 20.49
C LEU C 252 -35.81 -7.94 20.83
N SER D 3 9.51 4.52 -37.63
CA SER D 3 8.99 5.27 -38.81
C SER D 3 7.47 5.35 -38.75
N ASP D 4 6.81 4.22 -38.54
CA ASP D 4 5.39 4.21 -38.19
C ASP D 4 5.23 4.29 -36.67
N VAL D 5 6.32 3.99 -35.97
CA VAL D 5 6.36 4.02 -34.52
C VAL D 5 7.43 5.02 -34.04
N PHE D 6 7.26 5.54 -32.83
CA PHE D 6 8.07 6.64 -32.34
C PHE D 6 9.56 6.33 -32.06
N HIS D 7 9.86 5.11 -31.65
CA HIS D 7 11.20 4.77 -31.15
C HIS D 7 12.02 3.77 -32.00
N LEU D 8 11.34 2.83 -32.65
CA LEU D 8 12.02 1.70 -33.29
C LEU D 8 12.52 1.95 -34.72
N GLY D 9 12.00 3.01 -35.35
CA GLY D 9 12.37 3.33 -36.73
C GLY D 9 11.93 2.29 -37.73
N LEU D 10 10.71 1.76 -37.54
CA LEU D 10 10.17 0.68 -38.37
C LEU D 10 8.79 0.98 -38.92
N THR D 11 8.54 0.57 -40.17
CA THR D 11 7.20 0.61 -40.76
C THR D 11 6.56 -0.77 -40.65
N LYS D 12 5.23 -0.82 -40.73
CA LYS D 12 4.48 -2.09 -40.74
C LYS D 12 4.92 -2.96 -41.92
N ASN D 13 5.26 -2.32 -43.03
CA ASN D 13 5.78 -3.00 -44.21
C ASN D 13 7.17 -3.65 -44.00
N ASP D 14 7.94 -3.12 -43.05
CA ASP D 14 9.25 -3.67 -42.70
C ASP D 14 9.18 -5.09 -42.13
N LEU D 15 8.08 -5.39 -41.44
CA LEU D 15 7.90 -6.69 -40.78
C LEU D 15 7.54 -7.82 -41.74
N GLN D 16 6.97 -7.48 -42.89
CA GLN D 16 6.63 -8.44 -43.95
C GLN D 16 5.67 -9.53 -43.49
N GLY D 17 4.69 -9.14 -42.69
CA GLY D 17 3.67 -10.06 -42.19
C GLY D 17 4.02 -10.75 -40.88
N ALA D 18 5.19 -10.46 -40.33
CA ALA D 18 5.66 -11.07 -39.08
C ALA D 18 4.65 -10.85 -37.95
N GLN D 19 4.42 -11.91 -37.17
CA GLN D 19 3.48 -11.86 -36.05
C GLN D 19 4.11 -12.31 -34.74
N LEU D 20 5.34 -12.83 -34.85
CA LEU D 20 6.13 -13.22 -33.69
C LEU D 20 7.44 -12.43 -33.66
N ALA D 21 7.80 -11.96 -32.46
CA ALA D 21 9.09 -11.34 -32.24
C ALA D 21 9.87 -12.05 -31.14
N ILE D 22 11.18 -12.16 -31.34
CA ILE D 22 12.09 -12.62 -30.31
C ILE D 22 12.74 -11.35 -29.74
N VAL D 23 12.71 -11.19 -28.42
CA VAL D 23 13.12 -9.94 -27.80
C VAL D 23 14.26 -10.08 -26.78
N PRO D 24 15.52 -10.05 -27.25
CA PRO D 24 16.66 -10.07 -26.34
C PRO D 24 16.87 -8.72 -25.67
N GLY D 25 17.54 -8.68 -24.53
CA GLY D 25 17.83 -7.43 -23.84
C GLY D 25 18.99 -6.66 -24.44
N ASP D 26 19.93 -7.39 -25.03
CA ASP D 26 21.17 -6.84 -25.58
C ASP D 26 21.05 -6.64 -27.09
N PRO D 27 21.19 -5.38 -27.57
CA PRO D 27 21.16 -5.05 -29.01
C PRO D 27 22.19 -5.80 -29.86
N GLU D 28 23.34 -6.14 -29.27
CA GLU D 28 24.41 -6.84 -29.98
C GLU D 28 24.10 -8.31 -30.27
N ARG D 29 23.11 -8.87 -29.58
CA ARG D 29 22.78 -10.28 -29.74
C ARG D 29 21.67 -10.51 -30.76
N VAL D 30 21.00 -9.42 -31.16
CA VAL D 30 19.97 -9.46 -32.20
C VAL D 30 20.49 -10.10 -33.49
N GLU D 31 21.67 -9.65 -33.94
CA GLU D 31 22.31 -10.19 -35.14
C GLU D 31 22.59 -11.70 -35.02
N LYS D 32 23.12 -12.12 -33.87
CA LYS D 32 23.42 -13.54 -33.61
C LYS D 32 22.18 -14.44 -33.71
N ILE D 33 21.05 -13.93 -33.23
CA ILE D 33 19.78 -14.67 -33.25
C ILE D 33 19.29 -14.80 -34.69
N ALA D 34 19.36 -13.70 -35.45
CA ALA D 34 18.90 -13.69 -36.84
C ALA D 34 19.76 -14.58 -37.73
N ALA D 35 21.03 -14.73 -37.37
CA ALA D 35 21.99 -15.54 -38.12
C ALA D 35 21.61 -17.03 -38.18
N LEU D 36 20.76 -17.46 -37.25
CA LEU D 36 20.32 -18.84 -37.16
C LEU D 36 19.03 -19.12 -37.96
N MET D 37 18.51 -18.09 -38.61
CA MET D 37 17.30 -18.21 -39.42
C MET D 37 17.58 -17.89 -40.88
N ASP D 38 16.54 -18.00 -41.72
CA ASP D 38 16.71 -17.78 -43.16
C ASP D 38 16.55 -16.31 -43.51
N LYS D 39 17.38 -15.84 -44.45
CA LYS D 39 17.29 -14.50 -45.03
C LYS D 39 17.36 -13.37 -43.98
N PRO D 40 18.40 -13.37 -43.13
CA PRO D 40 18.49 -12.30 -42.12
C PRO D 40 18.85 -10.94 -42.74
N VAL D 41 18.02 -9.94 -42.47
CA VAL D 41 18.19 -8.58 -43.00
C VAL D 41 18.10 -7.55 -41.87
N LYS D 42 19.11 -6.70 -41.75
CA LYS D 42 19.12 -5.62 -40.77
C LYS D 42 18.08 -4.56 -41.14
N LEU D 43 17.24 -4.20 -40.18
CA LEU D 43 16.19 -3.21 -40.39
C LEU D 43 16.60 -1.83 -39.87
N ALA D 44 16.68 -1.71 -38.55
CA ALA D 44 16.94 -0.41 -37.92
C ALA D 44 17.71 -0.54 -36.62
N SER D 45 18.38 0.54 -36.24
CA SER D 45 19.07 0.64 -34.97
C SER D 45 18.84 2.03 -34.40
N HIS D 46 18.00 2.12 -33.38
CA HIS D 46 17.66 3.40 -32.76
C HIS D 46 17.63 3.25 -31.25
N ARG D 47 18.43 4.08 -30.58
CA ARG D 47 18.65 3.97 -29.13
C ARG D 47 19.10 2.54 -28.79
N GLU D 48 18.46 1.92 -27.79
CA GLU D 48 18.77 0.52 -27.44
C GLU D 48 17.98 -0.50 -28.26
N PHE D 49 17.26 -0.01 -29.26
CA PHE D 49 16.37 -0.86 -30.04
C PHE D 49 16.95 -1.22 -31.40
N THR D 50 17.63 -2.36 -31.45
CA THR D 50 18.19 -2.89 -32.69
C THR D 50 17.26 -3.96 -33.22
N SER D 51 16.84 -3.81 -34.48
CA SER D 51 15.89 -4.74 -35.07
C SER D 51 16.41 -5.42 -36.33
N TRP D 52 16.14 -6.73 -36.42
CA TRP D 52 16.42 -7.53 -37.61
C TRP D 52 15.14 -8.25 -38.03
N ARG D 53 15.03 -8.54 -39.32
CA ARG D 53 13.98 -9.42 -39.84
C ARG D 53 14.63 -10.71 -40.34
N ALA D 54 13.90 -11.82 -40.20
CA ALA D 54 14.37 -13.11 -40.69
C ALA D 54 13.20 -13.98 -41.13
N GLU D 55 13.49 -15.23 -41.48
CA GLU D 55 12.48 -16.15 -41.99
C GLU D 55 12.63 -17.51 -41.34
N LEU D 56 11.52 -18.05 -40.85
CA LEU D 56 11.45 -19.41 -40.33
C LEU D 56 10.34 -20.17 -41.04
N ASP D 57 10.72 -21.23 -41.74
CA ASP D 57 9.77 -22.11 -42.45
C ASP D 57 8.78 -21.32 -43.31
N GLY D 58 9.31 -20.38 -44.09
CA GLY D 58 8.51 -19.54 -44.98
C GLY D 58 7.65 -18.52 -44.25
N LYS D 59 8.10 -18.09 -43.08
CA LYS D 59 7.35 -17.12 -42.27
C LYS D 59 8.26 -16.04 -41.69
N ALA D 60 7.81 -14.79 -41.78
CA ALA D 60 8.56 -13.66 -41.29
C ALA D 60 8.62 -13.63 -39.76
N VAL D 61 9.80 -13.34 -39.23
CA VAL D 61 10.01 -13.20 -37.79
C VAL D 61 10.91 -11.99 -37.49
N ILE D 62 10.63 -11.31 -36.38
CA ILE D 62 11.38 -10.13 -35.98
C ILE D 62 12.25 -10.42 -34.76
N VAL D 63 13.51 -10.01 -34.83
CA VAL D 63 14.35 -9.93 -33.64
C VAL D 63 14.58 -8.46 -33.32
N CYS D 64 14.22 -8.05 -32.11
CA CYS D 64 14.33 -6.66 -31.68
C CYS D 64 14.72 -6.59 -30.21
N SER D 65 15.80 -5.87 -29.91
CA SER D 65 16.24 -5.72 -28.53
C SER D 65 15.35 -4.76 -27.76
N THR D 66 15.34 -4.91 -26.43
CA THR D 66 14.47 -4.14 -25.56
C THR D 66 15.25 -3.17 -24.67
N GLY D 67 16.56 -3.40 -24.55
CA GLY D 67 17.35 -2.74 -23.54
C GLY D 67 17.13 -3.41 -22.19
N ILE D 68 17.88 -2.96 -21.18
CA ILE D 68 17.69 -3.44 -19.83
C ILE D 68 16.50 -2.73 -19.20
N GLY D 69 15.59 -3.52 -18.62
CA GLY D 69 14.51 -2.98 -17.81
C GLY D 69 13.16 -2.89 -18.48
N GLY D 70 12.12 -2.93 -17.66
CA GLY D 70 10.74 -2.83 -18.10
C GLY D 70 10.36 -1.62 -18.92
N PRO D 71 10.81 -0.41 -18.53
CA PRO D 71 10.43 0.78 -19.28
C PRO D 71 10.74 0.71 -20.78
N SER D 72 12.00 0.44 -21.15
CA SER D 72 12.36 0.33 -22.56
C SER D 72 11.78 -0.93 -23.20
N THR D 73 11.64 -1.99 -22.38
CA THR D 73 10.91 -3.20 -22.78
C THR D 73 9.46 -2.88 -23.16
N SER D 74 8.79 -2.08 -22.34
CA SER D 74 7.39 -1.72 -22.55
C SER D 74 7.22 -0.92 -23.83
N ILE D 75 8.25 -0.15 -24.18
CA ILE D 75 8.26 0.63 -25.41
C ILE D 75 8.36 -0.27 -26.65
N ALA D 76 9.36 -1.15 -26.66
CA ALA D 76 9.60 -2.07 -27.78
C ALA D 76 8.37 -2.92 -28.06
N VAL D 77 7.81 -3.51 -27.01
CA VAL D 77 6.67 -4.42 -27.10
C VAL D 77 5.43 -3.69 -27.63
N GLU D 78 5.12 -2.56 -27.00
CA GLU D 78 3.99 -1.74 -27.42
C GLU D 78 4.07 -1.40 -28.92
N GLU D 79 5.22 -0.90 -29.33
CA GLU D 79 5.41 -0.45 -30.71
C GLU D 79 5.50 -1.61 -31.70
N LEU D 80 6.08 -2.73 -31.25
CA LEU D 80 6.04 -3.95 -32.06
C LEU D 80 4.61 -4.49 -32.19
N ALA D 81 3.81 -4.35 -31.14
CA ALA D 81 2.39 -4.72 -31.18
C ALA D 81 1.60 -3.82 -32.14
N GLN D 82 1.90 -2.52 -32.15
CA GLN D 82 1.27 -1.59 -33.09
C GLN D 82 1.57 -1.97 -34.54
N LEU D 83 2.72 -2.61 -34.76
CA LEU D 83 3.14 -3.03 -36.10
C LEU D 83 2.65 -4.43 -36.48
N GLY D 84 1.97 -5.11 -35.55
CA GLY D 84 1.32 -6.38 -35.86
C GLY D 84 1.81 -7.62 -35.14
N ILE D 85 2.83 -7.47 -34.27
CA ILE D 85 3.33 -8.59 -33.47
C ILE D 85 2.35 -8.94 -32.35
N ARG D 86 2.06 -10.23 -32.20
CA ARG D 86 1.17 -10.70 -31.14
C ARG D 86 1.78 -11.76 -30.24
N THR D 87 3.00 -12.17 -30.56
CA THR D 87 3.73 -13.17 -29.77
C THR D 87 5.16 -12.71 -29.53
N PHE D 88 5.58 -12.73 -28.27
CA PHE D 88 6.89 -12.24 -27.86
C PHE D 88 7.64 -13.29 -27.06
N LEU D 89 8.85 -13.62 -27.50
CA LEU D 89 9.71 -14.54 -26.76
C LEU D 89 10.96 -13.81 -26.29
N ARG D 90 11.12 -13.68 -24.99
CA ARG D 90 12.32 -13.06 -24.45
C ARG D 90 13.43 -14.09 -24.22
N ILE D 91 14.59 -13.81 -24.79
CA ILE D 91 15.80 -14.56 -24.50
C ILE D 91 16.75 -13.65 -23.71
N GLY D 92 17.10 -14.06 -22.50
CA GLY D 92 17.94 -13.25 -21.62
C GLY D 92 19.05 -14.00 -20.91
N THR D 93 19.70 -13.31 -19.98
CA THR D 93 20.70 -13.91 -19.10
C THR D 93 20.23 -13.74 -17.66
N THR D 94 20.61 -14.66 -16.77
CA THR D 94 20.05 -14.69 -15.43
C THR D 94 21.00 -15.21 -14.35
N GLY D 95 20.65 -14.92 -13.10
CA GLY D 95 21.41 -15.36 -11.95
C GLY D 95 20.58 -16.29 -11.08
N ALA D 96 21.01 -17.54 -11.00
CA ALA D 96 20.30 -18.57 -10.24
C ALA D 96 20.29 -18.29 -8.73
N ILE D 97 19.12 -18.44 -8.13
CA ILE D 97 18.94 -18.25 -6.69
C ILE D 97 19.02 -19.58 -5.93
N GLN D 98 18.70 -20.68 -6.61
CA GLN D 98 18.70 -22.00 -6.00
C GLN D 98 20.07 -22.69 -6.09
N PRO D 99 20.46 -23.43 -5.03
CA PRO D 99 21.78 -24.08 -5.01
C PRO D 99 21.96 -25.13 -6.11
N HIS D 100 20.86 -25.75 -6.53
CA HIS D 100 20.91 -26.87 -7.48
C HIS D 100 20.92 -26.45 -8.96
N ILE D 101 20.84 -25.15 -9.23
CA ILE D 101 20.83 -24.65 -10.61
C ILE D 101 22.21 -24.12 -10.98
N ASN D 102 22.82 -24.72 -12.02
CA ASN D 102 24.20 -24.40 -12.40
C ASN D 102 24.31 -23.37 -13.52
N VAL D 103 25.49 -22.79 -13.66
CA VAL D 103 25.83 -21.92 -14.79
C VAL D 103 25.77 -22.73 -16.09
N GLY D 104 25.02 -22.22 -17.07
CA GLY D 104 24.78 -22.95 -18.31
C GLY D 104 23.36 -23.46 -18.42
N ASP D 105 22.70 -23.63 -17.27
CA ASP D 105 21.32 -24.12 -17.22
C ASP D 105 20.35 -23.19 -17.96
N VAL D 106 19.27 -23.76 -18.44
CA VAL D 106 18.24 -23.01 -19.16
C VAL D 106 16.98 -22.94 -18.29
N LEU D 107 16.51 -21.72 -18.05
CA LEU D 107 15.36 -21.52 -17.18
C LEU D 107 14.18 -20.93 -17.93
N VAL D 108 13.04 -21.62 -17.86
CA VAL D 108 11.80 -21.14 -18.47
C VAL D 108 10.93 -20.60 -17.35
N THR D 109 10.41 -19.38 -17.57
CA THR D 109 9.57 -18.70 -16.59
C THR D 109 8.09 -18.98 -16.84
N THR D 110 7.42 -19.51 -15.82
CA THR D 110 5.96 -19.70 -15.84
C THR D 110 5.27 -18.41 -15.47
N ALA D 111 5.79 -17.75 -14.44
CA ALA D 111 5.32 -16.44 -13.98
C ALA D 111 6.42 -15.81 -13.15
N SER D 112 6.32 -14.51 -12.89
CA SER D 112 7.40 -13.84 -12.17
C SER D 112 6.98 -12.93 -11.00
N VAL D 113 7.86 -12.85 -10.02
CA VAL D 113 7.71 -11.94 -8.88
C VAL D 113 7.92 -10.50 -9.39
N ARG D 114 6.91 -9.67 -9.16
CA ARG D 114 6.90 -8.33 -9.73
C ARG D 114 7.64 -7.33 -8.83
N LEU D 115 8.94 -7.18 -9.10
CA LEU D 115 9.79 -6.26 -8.37
C LEU D 115 10.17 -5.10 -9.29
N ASP D 116 9.24 -4.80 -10.20
CA ASP D 116 9.39 -3.75 -11.20
C ASP D 116 8.31 -2.70 -10.99
N GLY D 117 8.34 -1.65 -11.80
CA GLY D 117 7.33 -0.60 -11.71
C GLY D 117 6.45 -0.50 -12.94
N ALA D 118 6.99 -0.90 -14.09
CA ALA D 118 6.29 -0.77 -15.36
C ALA D 118 5.07 -1.70 -15.45
N SER D 119 5.16 -2.85 -14.79
CA SER D 119 4.03 -3.79 -14.75
C SER D 119 2.79 -3.14 -14.13
N LEU D 120 3.01 -2.28 -13.13
CA LEU D 120 1.94 -1.51 -12.49
C LEU D 120 1.23 -0.57 -13.46
N HIS D 121 1.88 -0.28 -14.59
CA HIS D 121 1.31 0.63 -15.60
C HIS D 121 0.36 -0.09 -16.55
N PHE D 122 0.18 -1.40 -16.35
CA PHE D 122 -0.71 -2.20 -17.18
C PHE D 122 -1.74 -2.92 -16.33
N ALA D 123 -1.34 -3.34 -15.13
CA ALA D 123 -2.20 -4.08 -14.21
C ALA D 123 -1.81 -3.82 -12.76
N PRO D 124 -2.79 -3.83 -11.84
CA PRO D 124 -2.47 -3.68 -10.42
C PRO D 124 -1.68 -4.87 -9.91
N MET D 125 -1.11 -4.76 -8.70
CA MET D 125 -0.14 -5.74 -8.19
C MET D 125 -0.72 -7.16 -8.03
N GLU D 126 -2.01 -7.25 -7.77
CA GLU D 126 -2.68 -8.55 -7.57
C GLU D 126 -2.75 -9.40 -8.83
N PHE D 127 -2.67 -8.74 -9.99
CA PHE D 127 -2.60 -9.41 -11.28
C PHE D 127 -1.29 -10.19 -11.40
N PRO D 128 -1.36 -11.44 -11.89
CA PRO D 128 -0.16 -12.27 -12.02
C PRO D 128 0.68 -11.91 -13.23
N ALA D 129 2.00 -11.82 -13.05
CA ALA D 129 2.93 -11.68 -14.16
C ALA D 129 3.17 -13.04 -14.81
N VAL D 130 2.12 -13.58 -15.44
CA VAL D 130 2.12 -14.96 -15.94
C VAL D 130 2.39 -15.08 -17.44
N ALA D 131 3.20 -16.06 -17.80
CA ALA D 131 3.52 -16.35 -19.19
C ALA D 131 2.34 -16.98 -19.93
N ASP D 132 2.36 -16.89 -21.26
CA ASP D 132 1.37 -17.59 -22.09
C ASP D 132 1.65 -19.09 -22.07
N PHE D 133 0.58 -19.88 -21.93
CA PHE D 133 0.71 -21.33 -21.81
C PHE D 133 1.33 -21.99 -23.03
N ALA D 134 0.91 -21.58 -24.23
CA ALA D 134 1.47 -22.11 -25.48
C ALA D 134 2.93 -21.72 -25.65
N CYS D 135 3.29 -20.52 -25.20
CA CYS D 135 4.67 -20.04 -25.31
C CYS D 135 5.61 -20.84 -24.41
N THR D 136 5.18 -21.04 -23.15
CA THR D 136 5.92 -21.82 -22.18
C THR D 136 6.10 -23.27 -22.67
N THR D 137 5.02 -23.84 -23.22
CA THR D 137 5.03 -25.20 -23.74
C THR D 137 6.10 -25.37 -24.81
N ALA D 138 6.02 -24.54 -25.86
CA ALA D 138 7.03 -24.53 -26.93
C ALA D 138 8.44 -24.34 -26.39
N LEU D 139 8.62 -23.49 -25.38
CA LEU D 139 9.93 -23.24 -24.78
C LEU D 139 10.49 -24.46 -24.07
N VAL D 140 9.63 -25.14 -23.30
CA VAL D 140 9.99 -26.36 -22.60
C VAL D 140 10.25 -27.48 -23.61
N GLU D 141 9.39 -27.55 -24.63
CA GLU D 141 9.54 -28.55 -25.69
C GLU D 141 10.81 -28.32 -26.51
N ALA D 142 11.09 -27.05 -26.80
CA ALA D 142 12.31 -26.66 -27.51
C ALA D 142 13.57 -27.00 -26.71
N ALA D 143 13.48 -26.93 -25.38
CA ALA D 143 14.60 -27.26 -24.51
C ALA D 143 15.00 -28.73 -24.61
N LYS D 144 14.00 -29.60 -24.75
CA LYS D 144 14.21 -31.03 -24.92
C LYS D 144 14.90 -31.32 -26.26
N SER D 145 14.38 -30.70 -27.33
CA SER D 145 14.93 -30.82 -28.68
C SER D 145 16.43 -30.49 -28.76
N ILE D 146 16.77 -29.29 -28.31
CA ILE D 146 18.16 -28.82 -28.37
C ILE D 146 19.05 -29.58 -27.39
N GLY D 147 18.46 -30.04 -26.29
CA GLY D 147 19.21 -30.71 -25.23
C GLY D 147 19.76 -29.64 -24.30
N ALA D 148 19.29 -29.66 -23.06
CA ALA D 148 19.62 -28.64 -22.07
C ALA D 148 19.14 -29.09 -20.71
N THR D 149 19.94 -28.83 -19.68
CA THR D 149 19.49 -29.05 -18.32
C THR D 149 18.54 -27.89 -18.00
N THR D 150 17.26 -28.23 -17.85
CA THR D 150 16.19 -27.23 -17.83
C THR D 150 15.39 -27.27 -16.53
N HIS D 151 15.14 -26.09 -15.97
CA HIS D 151 14.25 -25.94 -14.82
C HIS D 151 13.15 -24.97 -15.21
N VAL D 152 11.94 -25.21 -14.70
CA VAL D 152 10.76 -24.43 -15.07
C VAL D 152 10.07 -23.93 -13.81
N GLY D 153 9.84 -22.62 -13.73
CA GLY D 153 9.20 -22.02 -12.56
C GLY D 153 9.18 -20.51 -12.45
N VAL D 154 9.13 -20.03 -11.21
CA VAL D 154 8.95 -18.61 -10.89
C VAL D 154 10.29 -17.87 -10.86
N THR D 155 10.34 -16.71 -11.52
CA THR D 155 11.53 -15.86 -11.47
C THR D 155 11.24 -14.51 -10.82
N ALA D 156 12.23 -13.96 -10.12
CA ALA D 156 12.11 -12.63 -9.52
C ALA D 156 12.66 -11.57 -10.47
N SER D 157 11.76 -10.72 -10.96
CA SER D 157 12.09 -9.71 -11.97
C SER D 157 12.28 -8.32 -11.36
N SER D 158 13.54 -7.87 -11.31
CA SER D 158 13.91 -6.69 -10.54
C SER D 158 14.14 -5.46 -11.42
N ASP D 159 13.72 -4.31 -10.92
CA ASP D 159 14.02 -3.03 -11.57
C ASP D 159 15.48 -2.58 -11.36
N THR D 160 16.23 -3.31 -10.56
CA THR D 160 17.65 -3.02 -10.40
C THR D 160 18.49 -4.28 -10.50
N PHE D 161 19.71 -4.12 -11.02
CA PHE D 161 20.68 -5.20 -11.06
C PHE D 161 21.28 -5.46 -9.67
N TYR D 162 21.32 -4.42 -8.83
CA TYR D 162 22.05 -4.48 -7.57
C TYR D 162 21.19 -4.65 -6.30
N PRO D 163 20.57 -3.55 -5.81
CA PRO D 163 19.86 -3.70 -4.52
C PRO D 163 18.62 -4.59 -4.58
N GLY D 164 17.95 -4.61 -5.73
CA GLY D 164 16.74 -5.43 -5.92
C GLY D 164 17.04 -6.92 -6.01
N GLN D 165 18.29 -7.23 -6.33
CA GLN D 165 18.78 -8.60 -6.34
C GLN D 165 19.67 -8.84 -5.11
N GLU D 166 19.55 -7.94 -4.13
CA GLU D 166 20.35 -7.95 -2.89
C GLU D 166 21.85 -8.18 -3.12
N ARG D 167 22.42 -7.39 -4.01
CA ARG D 167 23.87 -7.37 -4.24
C ARG D 167 24.52 -6.36 -3.32
N TYR D 168 25.61 -6.78 -2.66
CA TYR D 168 26.35 -5.93 -1.73
C TYR D 168 27.70 -5.46 -2.29
N ASP D 169 28.11 -5.99 -3.44
CA ASP D 169 29.28 -5.49 -4.16
C ASP D 169 28.98 -4.13 -4.78
N THR D 170 28.60 -3.18 -3.94
CA THR D 170 28.11 -1.88 -4.43
C THR D 170 28.93 -0.70 -3.90
N TYR D 171 28.57 0.50 -4.36
CA TYR D 171 29.15 1.74 -3.85
C TYR D 171 28.81 1.99 -2.38
N SER D 172 27.55 1.73 -2.01
CA SER D 172 27.08 2.00 -0.65
C SER D 172 27.32 0.82 0.29
N GLY D 173 27.26 -0.40 -0.24
CA GLY D 173 27.42 -1.61 0.56
C GLY D 173 26.21 -1.96 1.40
N ARG D 174 25.14 -1.16 1.25
CA ARG D 174 23.91 -1.37 2.00
C ARG D 174 22.74 -1.63 1.05
N VAL D 175 21.70 -2.26 1.58
CA VAL D 175 20.49 -2.55 0.83
C VAL D 175 19.28 -2.03 1.62
N VAL D 176 18.32 -1.42 0.91
CA VAL D 176 17.13 -0.84 1.52
C VAL D 176 16.29 -1.90 2.26
N ARG D 177 15.58 -1.49 3.31
CA ARG D 177 14.79 -2.40 4.15
C ARG D 177 14.03 -3.47 3.37
N ARG D 178 13.27 -3.04 2.36
CA ARG D 178 12.44 -3.91 1.54
C ARG D 178 13.21 -5.11 0.98
N PHE D 179 14.50 -4.93 0.72
CA PHE D 179 15.32 -5.96 0.09
C PHE D 179 16.39 -6.60 0.99
N LYS D 180 16.46 -6.19 2.26
CA LYS D 180 17.32 -6.84 3.25
C LYS D 180 16.83 -8.26 3.46
N GLY D 181 17.70 -9.22 3.19
CA GLY D 181 17.39 -10.64 3.34
C GLY D 181 16.28 -11.14 2.43
N SER D 182 16.07 -10.46 1.31
CA SER D 182 15.00 -10.82 0.38
C SER D 182 15.33 -12.02 -0.52
N MET D 183 16.61 -12.18 -0.86
CA MET D 183 17.04 -13.26 -1.73
C MET D 183 16.79 -14.64 -1.14
N GLU D 184 17.21 -14.86 0.11
CA GLU D 184 17.00 -16.15 0.76
C GLU D 184 15.53 -16.38 1.15
N GLU D 185 14.73 -15.32 1.13
CA GLU D 185 13.28 -15.43 1.22
C GLU D 185 12.66 -15.92 -0.10
N TRP D 186 13.17 -15.44 -1.23
CA TRP D 186 12.73 -15.92 -2.55
C TRP D 186 13.16 -17.37 -2.78
N GLN D 187 14.38 -17.68 -2.37
CA GLN D 187 14.94 -19.03 -2.38
C GLN D 187 14.06 -20.02 -1.60
N ALA D 188 13.67 -19.64 -0.38
CA ALA D 188 12.79 -20.45 0.44
C ALA D 188 11.41 -20.64 -0.19
N MET D 189 10.99 -19.65 -0.99
CA MET D 189 9.71 -19.72 -1.69
C MET D 189 9.82 -20.48 -3.03
N GLY D 190 11.01 -21.01 -3.31
CA GLY D 190 11.23 -21.81 -4.51
C GLY D 190 11.52 -21.01 -5.78
N VAL D 191 11.72 -19.71 -5.64
CA VAL D 191 12.06 -18.84 -6.78
C VAL D 191 13.44 -19.24 -7.27
N MET D 192 13.58 -19.40 -8.58
CA MET D 192 14.77 -20.02 -9.14
C MET D 192 15.87 -19.05 -9.62
N ASN D 193 15.47 -17.84 -10.00
CA ASN D 193 16.43 -16.87 -10.58
C ASN D 193 16.03 -15.40 -10.49
N TYR D 194 17.01 -14.54 -10.77
CA TYR D 194 16.83 -13.10 -10.86
C TYR D 194 17.04 -12.65 -12.30
N GLU D 195 16.08 -11.93 -12.86
CA GLU D 195 16.30 -11.15 -14.08
C GLU D 195 15.58 -9.78 -14.02
N MET D 196 15.54 -9.06 -15.14
CA MET D 196 15.12 -7.65 -15.12
C MET D 196 14.00 -7.21 -16.08
N GLU D 197 13.46 -8.13 -16.88
CA GLU D 197 12.45 -7.76 -17.89
C GLU D 197 11.13 -8.54 -17.85
N SER D 198 11.15 -9.74 -17.25
CA SER D 198 10.01 -10.66 -17.34
C SER D 198 8.73 -10.16 -16.71
N ALA D 199 8.83 -9.51 -15.56
CA ALA D 199 7.66 -8.95 -14.87
C ALA D 199 6.88 -7.97 -15.76
N THR D 200 7.59 -7.09 -16.44
CA THR D 200 6.97 -6.13 -17.34
C THR D 200 6.41 -6.80 -18.60
N LEU D 201 7.26 -7.59 -19.28
CA LEU D 201 6.85 -8.31 -20.49
C LEU D 201 5.60 -9.14 -20.28
N LEU D 202 5.64 -10.02 -19.28
CA LEU D 202 4.54 -10.95 -19.00
C LEU D 202 3.25 -10.24 -18.58
N THR D 203 3.36 -9.27 -17.66
CA THR D 203 2.19 -8.53 -17.19
C THR D 203 1.53 -7.75 -18.32
N MET D 204 2.33 -7.03 -19.12
CA MET D 204 1.77 -6.20 -20.17
C MET D 204 1.12 -7.00 -21.29
N CYS D 205 1.65 -8.19 -21.57
CA CYS D 205 1.12 -9.03 -22.63
C CYS D 205 -0.14 -9.77 -22.19
N ALA D 206 -0.06 -10.43 -21.04
CA ALA D 206 -1.17 -11.22 -20.49
C ALA D 206 -2.42 -10.39 -20.18
N SER D 207 -2.23 -9.10 -19.92
CA SER D 207 -3.35 -8.19 -19.63
C SER D 207 -3.79 -7.39 -20.84
N GLN D 208 -3.16 -7.62 -21.98
CA GLN D 208 -3.50 -6.93 -23.23
C GLN D 208 -3.73 -7.88 -24.41
N GLY D 209 -3.99 -9.14 -24.11
CA GLY D 209 -4.25 -10.15 -25.14
C GLY D 209 -3.10 -10.41 -26.08
N LEU D 210 -1.88 -10.33 -25.56
CA LEU D 210 -0.69 -10.72 -26.32
C LEU D 210 -0.07 -11.95 -25.68
N ARG D 211 0.55 -12.79 -26.51
CA ARG D 211 1.21 -14.00 -26.00
C ARG D 211 2.68 -13.70 -25.73
N ALA D 212 3.17 -14.16 -24.57
CA ALA D 212 4.56 -13.96 -24.19
C ALA D 212 5.16 -15.17 -23.47
N GLY D 213 6.45 -15.40 -23.70
CA GLY D 213 7.20 -16.46 -23.04
C GLY D 213 8.60 -15.97 -22.65
N MET D 214 9.20 -16.61 -21.64
CA MET D 214 10.48 -16.17 -21.09
C MET D 214 11.44 -17.33 -20.90
N VAL D 215 12.62 -17.21 -21.51
CA VAL D 215 13.69 -18.19 -21.38
C VAL D 215 14.99 -17.43 -21.09
N ALA D 216 15.89 -18.05 -20.33
CA ALA D 216 17.16 -17.42 -19.96
C ALA D 216 18.23 -18.43 -19.61
N GLY D 217 19.45 -18.14 -20.04
CA GLY D 217 20.62 -18.93 -19.67
C GLY D 217 21.29 -18.39 -18.42
N VAL D 218 21.56 -19.27 -17.47
CA VAL D 218 22.20 -18.90 -16.20
C VAL D 218 23.66 -18.55 -16.43
N ILE D 219 24.08 -17.40 -15.91
CA ILE D 219 25.48 -16.96 -16.05
C ILE D 219 26.22 -16.85 -14.71
N VAL D 220 25.46 -16.95 -13.62
CA VAL D 220 25.99 -16.91 -12.26
C VAL D 220 25.04 -17.61 -11.28
N ASN D 221 25.60 -18.25 -10.26
CA ASN D 221 24.82 -18.81 -9.17
C ASN D 221 25.06 -18.01 -7.90
N ARG D 222 24.01 -17.36 -7.41
CA ARG D 222 24.14 -16.35 -6.36
C ARG D 222 24.50 -16.89 -4.98
N THR D 223 24.22 -18.17 -4.75
CA THR D 223 24.53 -18.81 -3.47
C THR D 223 26.04 -19.02 -3.30
N GLN D 224 26.79 -18.78 -4.38
CA GLN D 224 28.24 -18.94 -4.36
C GLN D 224 29.03 -17.71 -4.84
N GLN D 225 28.43 -16.91 -5.73
CA GLN D 225 29.04 -15.64 -6.18
C GLN D 225 28.03 -14.56 -6.62
N GLU D 226 28.45 -13.30 -6.56
CA GLU D 226 27.64 -12.15 -6.98
C GLU D 226 27.87 -11.72 -8.43
N ILE D 227 29.13 -11.54 -8.81
CA ILE D 227 29.49 -11.09 -10.16
C ILE D 227 29.90 -12.26 -11.08
N PRO D 228 29.29 -12.34 -12.21
CA PRO D 228 29.54 -13.39 -13.19
C PRO D 228 30.90 -13.39 -13.87
N ASN D 229 31.35 -14.56 -14.30
CA ASN D 229 32.73 -15.01 -14.10
C ASN D 229 33.14 -16.17 -14.92
N GLU D 231 33.87 -17.78 -19.02
CA GLU D 231 33.47 -17.95 -20.43
C GLU D 231 32.04 -17.54 -20.68
N THR D 232 31.10 -17.95 -19.82
CA THR D 232 29.73 -17.42 -19.88
C THR D 232 29.08 -17.42 -21.27
N MET D 233 28.68 -16.24 -21.73
CA MET D 233 27.88 -16.06 -22.97
C MET D 233 28.36 -16.85 -24.19
N LYS D 234 29.68 -16.91 -24.39
CA LYS D 234 30.27 -17.56 -25.59
C LYS D 234 29.52 -18.82 -26.04
N GLN D 235 29.15 -19.66 -25.07
CA GLN D 235 28.42 -20.89 -25.36
C GLN D 235 27.02 -20.88 -24.72
N THR D 236 26.92 -20.33 -23.50
CA THR D 236 25.65 -20.30 -22.74
C THR D 236 24.56 -19.50 -23.44
N GLU D 237 24.95 -18.39 -24.07
CA GLU D 237 24.04 -17.57 -24.84
C GLU D 237 23.54 -18.29 -26.09
N SER D 238 24.48 -18.76 -26.91
CA SER D 238 24.18 -19.54 -28.12
C SER D 238 23.26 -20.71 -27.83
N HIS D 239 23.43 -21.31 -26.66
CA HIS D 239 22.62 -22.43 -26.19
C HIS D 239 21.16 -22.02 -26.02
N ALA D 240 20.92 -21.04 -25.16
CA ALA D 240 19.57 -20.54 -24.91
C ALA D 240 18.95 -19.90 -26.16
N VAL D 241 19.80 -19.31 -27.00
CA VAL D 241 19.36 -18.74 -28.27
C VAL D 241 18.80 -19.81 -29.22
N LYS D 242 19.49 -20.95 -29.31
CA LYS D 242 19.02 -22.07 -30.13
C LYS D 242 17.64 -22.53 -29.69
N ILE D 243 17.39 -22.47 -28.38
CA ILE D 243 16.12 -22.89 -27.79
C ILE D 243 14.99 -21.93 -28.14
N VAL D 244 15.22 -20.62 -27.99
CA VAL D 244 14.20 -19.62 -28.28
C VAL D 244 13.83 -19.59 -29.76
N VAL D 245 14.80 -19.90 -30.62
CA VAL D 245 14.59 -19.99 -32.07
C VAL D 245 13.74 -21.22 -32.41
N GLU D 246 14.08 -22.35 -31.78
CA GLU D 246 13.31 -23.59 -31.93
C GLU D 246 11.89 -23.44 -31.39
N ALA D 247 11.74 -22.69 -30.30
CA ALA D 247 10.43 -22.44 -29.71
C ALA D 247 9.57 -21.61 -30.66
N ALA D 248 10.21 -20.68 -31.37
CA ALA D 248 9.52 -19.79 -32.29
C ALA D 248 8.93 -20.55 -33.47
N ARG D 249 9.63 -21.59 -33.92
CA ARG D 249 9.17 -22.47 -34.99
C ARG D 249 7.81 -23.08 -34.65
N ARG D 250 7.64 -23.45 -33.39
CA ARG D 250 6.44 -24.11 -32.91
C ARG D 250 5.27 -23.16 -32.68
N LEU D 251 5.53 -21.86 -32.78
CA LEU D 251 4.51 -20.85 -32.47
C LEU D 251 3.99 -20.08 -33.70
N LEU D 252 4.46 -20.45 -34.89
CA LEU D 252 4.01 -19.81 -36.12
C LEU D 252 2.66 -20.36 -36.60
N SER E 3 -12.68 36.12 10.27
CA SER E 3 -13.89 36.84 9.75
C SER E 3 -14.13 36.52 8.27
N ASP E 4 -13.07 36.56 7.47
CA ASP E 4 -13.10 36.05 6.08
C ASP E 4 -12.77 34.55 6.05
N VAL E 5 -12.18 34.06 7.14
CA VAL E 5 -11.83 32.65 7.28
C VAL E 5 -12.46 32.05 8.55
N PHE E 6 -12.42 30.73 8.67
CA PHE E 6 -13.10 30.03 9.76
C PHE E 6 -12.28 29.96 11.06
N HIS E 7 -10.95 29.88 10.94
CA HIS E 7 -10.10 29.61 12.10
C HIS E 7 -9.17 30.76 12.52
N LEU E 8 -8.52 31.39 11.55
CA LEU E 8 -7.48 32.39 11.83
C LEU E 8 -8.02 33.72 12.37
N GLY E 9 -9.29 34.00 12.06
CA GLY E 9 -9.93 35.24 12.48
C GLY E 9 -9.34 36.47 11.82
N LEU E 10 -9.09 36.36 10.52
CA LEU E 10 -8.49 37.44 9.74
C LEU E 10 -9.34 37.83 8.54
N THR E 11 -9.12 39.04 8.03
CA THR E 11 -9.71 39.49 6.78
C THR E 11 -8.59 39.75 5.79
N LYS E 12 -8.92 39.86 4.50
CA LYS E 12 -7.92 40.21 3.48
C LYS E 12 -7.33 41.59 3.75
N ASN E 13 -8.15 42.45 4.36
CA ASN E 13 -7.79 43.82 4.72
C ASN E 13 -6.70 43.87 5.79
N ASP E 14 -6.73 42.92 6.73
CA ASP E 14 -5.72 42.81 7.77
C ASP E 14 -4.34 42.54 7.18
N LEU E 15 -4.32 41.78 6.08
CA LEU E 15 -3.08 41.42 5.40
C LEU E 15 -2.47 42.59 4.62
N GLN E 16 -3.30 43.60 4.32
CA GLN E 16 -2.87 44.80 3.59
C GLN E 16 -2.10 44.48 2.32
N GLY E 17 -2.61 43.50 1.57
CA GLY E 17 -2.00 43.09 0.31
C GLY E 17 -0.74 42.23 0.43
N ALA E 18 -0.51 41.67 1.62
CA ALA E 18 0.63 40.77 1.84
C ALA E 18 0.53 39.51 0.98
N GLN E 19 1.70 39.01 0.54
CA GLN E 19 1.78 37.84 -0.33
C GLN E 19 2.75 36.79 0.21
N LEU E 20 3.55 37.18 1.21
CA LEU E 20 4.46 36.25 1.88
C LEU E 20 4.11 36.14 3.36
N ALA E 21 4.12 34.91 3.86
CA ALA E 21 3.99 34.67 5.29
C ALA E 21 5.16 33.85 5.84
N ILE E 22 5.65 34.26 7.00
CA ILE E 22 6.60 33.45 7.78
C ILE E 22 5.78 32.63 8.76
N VAL E 23 6.05 31.32 8.82
CA VAL E 23 5.21 30.41 9.60
C VAL E 23 5.98 29.54 10.62
N PRO E 24 6.17 30.07 11.84
CA PRO E 24 6.74 29.24 12.91
C PRO E 24 5.70 28.28 13.48
N GLY E 25 6.15 27.33 14.30
CA GLY E 25 5.23 26.45 15.02
C GLY E 25 4.70 27.13 16.26
N ASP E 26 5.63 27.65 17.06
CA ASP E 26 5.31 28.26 18.36
C ASP E 26 4.70 29.66 18.18
N PRO E 27 3.48 29.88 18.72
CA PRO E 27 2.83 31.19 18.74
C PRO E 27 3.68 32.32 19.35
N GLU E 28 4.55 31.99 20.29
CA GLU E 28 5.35 33.01 20.98
C GLU E 28 6.50 33.57 20.16
N ARG E 29 6.91 32.83 19.14
CA ARG E 29 7.99 33.27 18.25
C ARG E 29 7.47 34.30 17.23
N VAL E 30 6.15 34.32 17.04
CA VAL E 30 5.51 35.20 16.04
C VAL E 30 5.91 36.66 16.21
N GLU E 31 5.69 37.21 17.41
CA GLU E 31 6.08 38.58 17.74
C GLU E 31 7.58 38.84 17.54
N LYS E 32 8.40 37.87 17.94
CA LYS E 32 9.86 37.99 17.85
C LYS E 32 10.36 38.14 16.41
N ILE E 33 9.70 37.42 15.49
CA ILE E 33 10.04 37.48 14.07
C ILE E 33 9.62 38.84 13.51
N ALA E 34 8.42 39.28 13.89
CA ALA E 34 7.86 40.55 13.46
C ALA E 34 8.66 41.74 14.00
N ALA E 35 9.18 41.61 15.23
CA ALA E 35 9.95 42.67 15.88
C ALA E 35 11.26 43.03 15.16
N LEU E 36 11.68 42.18 14.22
CA LEU E 36 12.87 42.45 13.42
C LEU E 36 12.54 43.20 12.13
N MET E 37 11.26 43.47 11.91
CA MET E 37 10.79 44.16 10.71
C MET E 37 10.16 45.52 11.01
N ASP E 38 9.81 46.24 9.95
CA ASP E 38 9.22 47.58 10.07
C ASP E 38 7.73 47.53 10.41
N LYS E 39 7.28 48.52 11.18
CA LYS E 39 5.87 48.69 11.56
C LYS E 39 5.16 47.40 12.01
N PRO E 40 5.79 46.63 12.93
CA PRO E 40 5.16 45.37 13.32
C PRO E 40 3.90 45.62 14.14
N VAL E 41 2.87 44.83 13.89
CA VAL E 41 1.60 44.98 14.59
C VAL E 41 0.93 43.63 14.80
N LYS E 42 0.34 43.44 15.98
CA LYS E 42 -0.46 42.26 16.27
C LYS E 42 -1.71 42.23 15.40
N LEU E 43 -2.09 41.04 14.95
CA LEU E 43 -3.31 40.87 14.17
C LEU E 43 -4.40 40.14 14.95
N ALA E 44 -4.21 38.84 15.20
CA ALA E 44 -5.21 38.02 15.87
C ALA E 44 -4.61 36.77 16.53
N SER E 45 -5.32 36.27 17.54
CA SER E 45 -4.92 35.03 18.22
C SER E 45 -6.10 34.12 18.55
N HIS E 46 -6.24 33.06 17.76
CA HIS E 46 -7.26 32.04 17.99
C HIS E 46 -6.60 30.67 17.93
N ARG E 47 -6.87 29.85 18.95
CA ARG E 47 -6.23 28.53 19.09
C ARG E 47 -4.72 28.67 19.02
N GLU E 48 -4.06 27.77 18.30
CA GLU E 48 -2.60 27.85 18.11
C GLU E 48 -2.21 28.74 16.93
N PHE E 49 -3.11 29.64 16.51
CA PHE E 49 -2.85 30.55 15.40
C PHE E 49 -2.74 31.99 15.87
N THR E 50 -1.50 32.43 16.12
CA THR E 50 -1.21 33.80 16.47
C THR E 50 -0.60 34.49 15.25
N SER E 51 -1.22 35.59 14.83
CA SER E 51 -0.80 36.30 13.63
C SER E 51 -0.36 37.74 13.89
N TRP E 52 0.63 38.17 13.12
CA TRP E 52 1.16 39.52 13.16
C TRP E 52 1.44 39.97 11.73
N ARG E 53 1.29 41.26 11.47
CA ARG E 53 1.69 41.84 10.19
C ARG E 53 2.80 42.83 10.43
N ALA E 54 3.79 42.81 9.54
CA ALA E 54 4.86 43.78 9.57
C ALA E 54 5.16 44.23 8.14
N GLU E 55 6.26 44.94 7.96
CA GLU E 55 6.60 45.50 6.67
C GLU E 55 8.08 45.32 6.41
N LEU E 56 8.42 45.17 5.14
CA LEU E 56 9.79 44.97 4.71
C LEU E 56 9.92 45.59 3.32
N ASP E 57 10.80 46.59 3.21
CA ASP E 57 11.03 47.34 1.97
C ASP E 57 9.73 47.87 1.34
N GLY E 58 8.78 48.25 2.19
CA GLY E 58 7.50 48.79 1.73
C GLY E 58 6.48 47.76 1.32
N LYS E 59 6.80 46.48 1.57
CA LYS E 59 5.91 45.37 1.24
C LYS E 59 5.42 44.69 2.53
N ALA E 60 4.12 44.47 2.63
CA ALA E 60 3.55 43.83 3.83
C ALA E 60 3.94 42.36 3.95
N VAL E 61 4.29 41.95 5.17
CA VAL E 61 4.64 40.55 5.48
C VAL E 61 3.78 40.05 6.63
N ILE E 62 3.33 38.80 6.53
CA ILE E 62 2.57 38.14 7.61
C ILE E 62 3.46 37.17 8.37
N VAL E 63 3.31 37.16 9.69
CA VAL E 63 3.90 36.11 10.52
C VAL E 63 2.78 35.40 11.28
N CYS E 64 2.64 34.10 11.07
CA CYS E 64 1.54 33.32 11.62
C CYS E 64 2.01 31.95 12.09
N SER E 65 1.57 31.55 13.28
CA SER E 65 1.93 30.25 13.84
C SER E 65 1.01 29.15 13.31
N THR E 66 1.58 27.96 13.16
CA THR E 66 0.85 26.80 12.64
C THR E 66 0.46 25.84 13.76
N GLY E 67 1.19 25.87 14.86
CA GLY E 67 1.04 24.88 15.92
C GLY E 67 1.88 23.66 15.59
N ILE E 68 1.87 22.67 16.48
CA ILE E 68 2.59 21.43 16.22
C ILE E 68 1.79 20.53 15.28
N GLY E 69 2.41 20.13 14.17
CA GLY E 69 1.87 19.08 13.31
C GLY E 69 1.22 19.52 12.02
N GLY E 70 1.10 18.56 11.09
CA GLY E 70 0.49 18.77 9.78
C GLY E 70 -0.96 19.23 9.74
N PRO E 71 -1.85 18.63 10.56
CA PRO E 71 -3.26 19.02 10.55
C PRO E 71 -3.46 20.49 10.88
N SER E 72 -2.84 20.92 11.97
CA SER E 72 -2.83 22.32 12.39
C SER E 72 -2.25 23.22 11.30
N THR E 73 -1.11 22.82 10.73
CA THR E 73 -0.45 23.56 9.64
C THR E 73 -1.33 23.71 8.40
N SER E 74 -2.00 22.62 8.01
CA SER E 74 -2.86 22.61 6.82
C SER E 74 -3.98 23.64 6.87
N ILE E 75 -4.47 23.93 8.08
CA ILE E 75 -5.51 24.91 8.29
C ILE E 75 -4.96 26.32 8.08
N ALA E 76 -3.83 26.60 8.72
CA ALA E 76 -3.18 27.91 8.64
C ALA E 76 -2.82 28.26 7.21
N VAL E 77 -2.11 27.35 6.54
CA VAL E 77 -1.63 27.56 5.19
C VAL E 77 -2.78 27.75 4.21
N GLU E 78 -3.84 26.96 4.37
CA GLU E 78 -5.02 27.05 3.50
C GLU E 78 -5.71 28.41 3.61
N GLU E 79 -5.98 28.85 4.85
CA GLU E 79 -6.71 30.08 5.09
C GLU E 79 -5.87 31.33 4.77
N LEU E 80 -4.56 31.22 4.97
CA LEU E 80 -3.63 32.25 4.51
C LEU E 80 -3.65 32.39 3.00
N ALA E 81 -3.74 31.26 2.30
CA ALA E 81 -3.79 31.26 0.84
C ALA E 81 -5.10 31.87 0.34
N GLN E 82 -6.19 31.66 1.09
CA GLN E 82 -7.47 32.24 0.73
C GLN E 82 -7.45 33.76 0.82
N LEU E 83 -6.61 34.27 1.72
CA LEU E 83 -6.49 35.72 1.96
C LEU E 83 -5.43 36.37 1.08
N GLY E 84 -4.67 35.57 0.34
CA GLY E 84 -3.77 36.09 -0.67
C GLY E 84 -2.29 35.72 -0.61
N ILE E 85 -1.88 35.01 0.45
CA ILE E 85 -0.48 34.57 0.58
C ILE E 85 -0.13 33.53 -0.49
N ARG E 86 1.00 33.72 -1.17
CA ARG E 86 1.48 32.80 -2.21
C ARG E 86 2.82 32.14 -1.85
N THR E 87 3.60 32.80 -0.99
CA THR E 87 4.89 32.28 -0.53
C THR E 87 4.88 32.02 0.96
N PHE E 88 5.30 30.82 1.36
CA PHE E 88 5.32 30.42 2.77
C PHE E 88 6.73 30.03 3.21
N LEU E 89 7.22 30.65 4.27
CA LEU E 89 8.55 30.35 4.81
C LEU E 89 8.45 29.88 6.25
N ARG E 90 8.78 28.61 6.47
CA ARG E 90 8.71 28.05 7.82
C ARG E 90 10.07 28.13 8.53
N ILE E 91 10.02 28.61 9.76
CA ILE E 91 11.19 28.66 10.64
C ILE E 91 10.88 27.85 11.90
N GLY E 92 11.74 26.89 12.21
CA GLY E 92 11.49 26.00 13.34
C GLY E 92 12.71 25.52 14.11
N THR E 93 12.45 24.74 15.14
CA THR E 93 13.50 24.06 15.92
C THR E 93 13.56 22.61 15.45
N THR E 94 14.73 21.99 15.56
CA THR E 94 14.89 20.62 15.07
C THR E 94 15.94 19.78 15.79
N GLY E 95 15.83 18.45 15.59
CA GLY E 95 16.78 17.49 16.14
C GLY E 95 17.57 16.75 15.06
N ALA E 96 18.86 17.05 14.99
CA ALA E 96 19.75 16.46 13.99
C ALA E 96 20.05 14.98 14.23
N ILE E 97 20.11 14.21 13.15
CA ILE E 97 20.43 12.79 13.24
C ILE E 97 21.78 12.42 12.60
N GLN E 98 22.38 13.39 11.91
CA GLN E 98 23.72 13.23 11.36
C GLN E 98 24.76 13.64 12.40
N PRO E 99 25.80 12.81 12.59
CA PRO E 99 26.89 13.12 13.52
C PRO E 99 27.62 14.42 13.16
N HIS E 100 27.76 14.70 11.86
CA HIS E 100 28.42 15.92 11.38
C HIS E 100 27.54 17.18 11.48
N ILE E 101 26.29 17.04 11.92
CA ILE E 101 25.44 18.21 12.16
C ILE E 101 25.35 18.52 13.65
N ASN E 102 25.78 19.72 14.02
CA ASN E 102 25.94 20.10 15.43
C ASN E 102 24.85 21.04 15.96
N VAL E 103 24.74 21.13 17.28
CA VAL E 103 23.78 22.03 17.93
C VAL E 103 24.12 23.47 17.57
N GLY E 104 23.14 24.19 17.04
CA GLY E 104 23.33 25.58 16.60
C GLY E 104 23.58 25.73 15.11
N ASP E 105 23.72 24.61 14.41
CA ASP E 105 23.85 24.63 12.95
C ASP E 105 22.50 25.00 12.33
N VAL E 106 22.52 25.44 11.09
CA VAL E 106 21.31 25.89 10.40
C VAL E 106 21.00 24.99 9.20
N LEU E 107 19.82 24.38 9.22
CA LEU E 107 19.41 23.40 8.23
C LEU E 107 18.34 23.95 7.28
N VAL E 108 18.64 23.89 5.99
CA VAL E 108 17.71 24.31 4.95
C VAL E 108 17.18 23.09 4.21
N THR E 109 15.86 22.92 4.21
CA THR E 109 15.19 21.74 3.67
C THR E 109 14.90 21.86 2.17
N THR E 110 15.52 20.98 1.38
CA THR E 110 15.21 20.90 -0.04
C THR E 110 13.89 20.16 -0.26
N ALA E 111 13.73 19.04 0.45
CA ALA E 111 12.50 18.28 0.44
C ALA E 111 12.42 17.38 1.67
N SER E 112 11.22 16.89 1.99
CA SER E 112 11.01 16.13 3.21
C SER E 112 10.52 14.71 2.98
N VAL E 113 11.01 13.80 3.81
CA VAL E 113 10.47 12.45 3.89
C VAL E 113 9.08 12.55 4.52
N ARG E 114 8.10 11.97 3.85
CA ARG E 114 6.70 12.09 4.27
C ARG E 114 6.31 11.02 5.30
N LEU E 115 6.62 11.31 6.55
CA LEU E 115 6.24 10.45 7.67
C LEU E 115 5.00 11.03 8.34
N ASP E 116 4.12 11.61 7.52
CA ASP E 116 2.91 12.28 7.99
C ASP E 116 1.65 11.71 7.31
N GLY E 117 0.49 12.25 7.65
CA GLY E 117 -0.75 11.82 7.03
C GLY E 117 -1.43 12.91 6.22
N ALA E 118 -1.25 14.16 6.65
CA ALA E 118 -1.90 15.31 6.03
C ALA E 118 -1.44 15.58 4.59
N SER E 119 -0.18 15.29 4.28
CA SER E 119 0.33 15.49 2.92
C SER E 119 -0.45 14.65 1.90
N LEU E 120 -0.86 13.45 2.33
CA LEU E 120 -1.66 12.53 1.51
C LEU E 120 -3.04 13.10 1.17
N HIS E 121 -3.51 14.04 1.99
CA HIS E 121 -4.77 14.72 1.74
C HIS E 121 -4.68 15.74 0.59
N PHE E 122 -3.48 15.94 0.06
CA PHE E 122 -3.26 16.90 -1.02
C PHE E 122 -2.65 16.28 -2.27
N ALA E 123 -1.79 15.28 -2.05
CA ALA E 123 -1.12 14.57 -3.13
C ALA E 123 -0.73 13.17 -2.69
N PRO E 124 -0.75 12.20 -3.62
CA PRO E 124 -0.40 10.82 -3.28
C PRO E 124 1.10 10.68 -2.98
N MET E 125 1.47 9.62 -2.27
CA MET E 125 2.84 9.44 -1.76
C MET E 125 3.95 9.61 -2.80
N GLU E 126 3.69 9.23 -4.06
CA GLU E 126 4.66 9.39 -5.15
C GLU E 126 5.14 10.84 -5.37
N PHE E 127 4.27 11.79 -5.02
CA PHE E 127 4.54 13.22 -5.19
C PHE E 127 5.56 13.71 -4.15
N PRO E 128 6.57 14.49 -4.60
CA PRO E 128 7.63 14.92 -3.69
C PRO E 128 7.25 16.13 -2.82
N ALA E 129 7.50 16.01 -1.52
CA ALA E 129 7.31 17.13 -0.61
C ALA E 129 8.48 18.09 -0.75
N VAL E 130 8.49 18.85 -1.84
CA VAL E 130 9.66 19.65 -2.23
C VAL E 130 9.48 21.16 -1.99
N ALA E 131 10.55 21.80 -1.54
CA ALA E 131 10.57 23.24 -1.37
C ALA E 131 10.74 23.93 -2.72
N ASP E 132 10.08 25.07 -2.88
CA ASP E 132 10.24 25.93 -4.05
C ASP E 132 11.69 26.41 -4.16
N PHE E 133 12.20 26.47 -5.40
CA PHE E 133 13.60 26.79 -5.66
C PHE E 133 14.01 28.21 -5.23
N ALA E 134 13.14 29.19 -5.51
CA ALA E 134 13.41 30.57 -5.13
C ALA E 134 13.52 30.73 -3.60
N CYS E 135 12.62 30.08 -2.87
CA CYS E 135 12.61 30.11 -1.40
C CYS E 135 13.86 29.45 -0.82
N THR E 136 14.21 28.27 -1.35
CA THR E 136 15.40 27.55 -0.94
C THR E 136 16.66 28.38 -1.20
N THR E 137 16.73 28.99 -2.38
CA THR E 137 17.83 29.88 -2.76
C THR E 137 17.95 31.04 -1.75
N ALA E 138 16.86 31.78 -1.56
CA ALA E 138 16.80 32.89 -0.62
C ALA E 138 17.30 32.50 0.77
N LEU E 139 16.82 31.35 1.27
CA LEU E 139 17.19 30.84 2.59
C LEU E 139 18.66 30.48 2.72
N VAL E 140 19.22 29.83 1.70
CA VAL E 140 20.63 29.50 1.65
C VAL E 140 21.47 30.78 1.51
N GLU E 141 21.00 31.68 0.66
CA GLU E 141 21.65 32.96 0.41
C GLU E 141 21.64 33.83 1.68
N ALA E 142 20.54 33.74 2.44
CA ALA E 142 20.39 34.49 3.69
C ALA E 142 21.28 33.93 4.79
N ALA E 143 21.43 32.61 4.83
CA ALA E 143 22.21 31.94 5.87
C ALA E 143 23.71 32.21 5.76
N LYS E 144 24.21 32.33 4.53
CA LYS E 144 25.63 32.62 4.31
C LYS E 144 25.96 34.09 4.57
N SER E 145 24.97 34.97 4.41
CA SER E 145 25.14 36.41 4.66
C SER E 145 25.49 36.74 6.11
N ILE E 146 25.00 35.94 7.04
CA ILE E 146 25.27 36.15 8.47
C ILE E 146 26.27 35.13 9.03
N GLY E 147 26.76 34.25 8.16
CA GLY E 147 27.85 33.33 8.50
C GLY E 147 27.48 32.11 9.31
N ALA E 148 26.26 31.62 9.15
CA ALA E 148 25.81 30.39 9.80
C ALA E 148 26.52 29.17 9.20
N THR E 149 26.73 28.13 10.01
CA THR E 149 27.18 26.85 9.50
C THR E 149 25.94 26.13 8.98
N THR E 150 25.87 25.98 7.66
CA THR E 150 24.65 25.56 6.98
C THR E 150 24.74 24.19 6.32
N HIS E 151 23.66 23.42 6.43
CA HIS E 151 23.51 22.15 5.74
C HIS E 151 22.23 22.16 4.92
N VAL E 152 22.33 21.75 3.66
CA VAL E 152 21.21 21.80 2.73
C VAL E 152 20.89 20.39 2.22
N GLY E 153 19.70 19.88 2.55
CA GLY E 153 19.32 18.52 2.22
C GLY E 153 17.92 18.11 2.64
N VAL E 154 17.71 16.81 2.81
CA VAL E 154 16.38 16.27 3.11
C VAL E 154 16.19 16.06 4.61
N THR E 155 14.95 16.24 5.06
CA THR E 155 14.62 16.07 6.48
C THR E 155 13.43 15.14 6.66
N ALA E 156 13.44 14.36 7.74
CA ALA E 156 12.33 13.48 8.05
C ALA E 156 11.26 14.26 8.79
N SER E 157 10.06 14.27 8.23
CA SER E 157 8.95 15.05 8.77
C SER E 157 7.86 14.12 9.33
N SER E 158 7.87 13.97 10.66
CA SER E 158 7.06 12.96 11.35
C SER E 158 5.80 13.51 12.02
N ASP E 159 4.70 12.76 11.89
CA ASP E 159 3.45 13.08 12.60
C ASP E 159 3.50 12.83 14.12
N THR E 160 4.60 12.28 14.62
CA THR E 160 4.79 12.14 16.06
C THR E 160 6.14 12.67 16.51
N PHE E 161 6.22 13.06 17.77
CA PHE E 161 7.47 13.50 18.37
C PHE E 161 8.27 12.29 18.84
N TYR E 162 7.57 11.23 19.23
CA TYR E 162 8.21 10.07 19.87
C TYR E 162 8.46 8.86 18.95
N PRO E 163 7.43 8.02 18.71
CA PRO E 163 7.72 6.75 17.99
C PRO E 163 8.19 6.95 16.55
N GLY E 164 7.62 7.94 15.87
CA GLY E 164 7.98 8.24 14.49
C GLY E 164 9.38 8.78 14.34
N GLN E 165 9.92 9.34 15.42
CA GLN E 165 11.30 9.79 15.47
C GLN E 165 12.15 8.75 16.19
N GLU E 166 11.53 7.60 16.45
CA GLU E 166 12.15 6.43 17.09
C GLU E 166 12.77 6.70 18.46
N ARG E 167 12.01 7.40 19.31
CA ARG E 167 12.38 7.56 20.72
C ARG E 167 11.84 6.39 21.53
N TYR E 168 12.69 5.82 22.38
CA TYR E 168 12.34 4.67 23.22
C TYR E 168 12.09 5.00 24.69
N ASP E 169 12.51 6.20 25.13
CA ASP E 169 12.28 6.64 26.50
C ASP E 169 10.82 7.09 26.70
N THR E 170 9.90 6.15 26.56
CA THR E 170 8.49 6.45 26.59
C THR E 170 7.75 5.57 27.59
N TYR E 171 6.46 5.82 27.77
CA TYR E 171 5.63 5.05 28.66
C TYR E 171 5.66 3.54 28.34
N SER E 172 5.43 3.22 27.07
CA SER E 172 5.39 1.84 26.60
C SER E 172 6.79 1.27 26.35
N GLY E 173 7.71 2.15 25.95
CA GLY E 173 9.07 1.75 25.59
C GLY E 173 9.18 1.03 24.25
N ARG E 174 8.09 1.03 23.49
CA ARG E 174 8.06 0.35 22.19
C ARG E 174 7.86 1.30 21.01
N VAL E 175 8.15 0.78 19.82
CA VAL E 175 7.99 1.48 18.55
C VAL E 175 7.49 0.44 17.54
N VAL E 176 6.43 0.77 16.79
CA VAL E 176 5.93 -0.11 15.73
C VAL E 176 7.00 -0.60 14.77
N ARG E 177 6.82 -1.80 14.24
CA ARG E 177 7.73 -2.41 13.26
C ARG E 177 8.19 -1.38 12.22
N ARG E 178 7.23 -0.64 11.65
CA ARG E 178 7.49 0.36 10.63
C ARG E 178 8.63 1.32 10.98
N PHE E 179 8.74 1.67 12.26
CA PHE E 179 9.75 2.63 12.69
C PHE E 179 10.93 2.06 13.48
N LYS E 180 10.94 0.74 13.68
CA LYS E 180 12.07 0.06 14.32
C LYS E 180 13.26 0.10 13.37
N GLY E 181 14.37 0.66 13.85
CA GLY E 181 15.58 0.82 13.04
C GLY E 181 15.45 1.82 11.92
N SER E 182 14.43 2.68 12.01
CA SER E 182 14.14 3.66 10.97
C SER E 182 15.10 4.85 10.97
N MET E 183 15.50 5.29 12.17
CA MET E 183 16.44 6.41 12.29
C MET E 183 17.76 6.06 11.62
N GLU E 184 18.30 4.89 11.98
CA GLU E 184 19.56 4.42 11.41
C GLU E 184 19.50 4.37 9.88
N GLU E 185 18.33 4.04 9.35
CA GLU E 185 18.12 3.98 7.90
C GLU E 185 18.07 5.37 7.26
N TRP E 186 17.46 6.34 7.95
CA TRP E 186 17.43 7.72 7.49
C TRP E 186 18.84 8.33 7.48
N GLN E 187 19.62 8.03 8.52
CA GLN E 187 21.02 8.45 8.63
C GLN E 187 21.84 7.95 7.44
N ALA E 188 21.69 6.67 7.11
CA ALA E 188 22.37 6.08 5.95
C ALA E 188 21.93 6.70 4.63
N MET E 189 20.72 7.25 4.62
CA MET E 189 20.16 7.89 3.42
C MET E 189 20.52 9.38 3.28
N GLY E 190 21.13 9.94 4.31
CA GLY E 190 21.60 11.32 4.28
C GLY E 190 20.63 12.32 4.87
N VAL E 191 19.56 11.83 5.47
CA VAL E 191 18.55 12.68 6.10
C VAL E 191 19.18 13.49 7.24
N MET E 192 18.95 14.81 7.21
CA MET E 192 19.57 15.72 8.16
C MET E 192 18.96 15.66 9.56
N ASN E 193 17.63 15.73 9.65
CA ASN E 193 16.96 15.95 10.93
C ASN E 193 15.51 15.46 11.00
N TYR E 194 14.94 15.56 12.20
CA TYR E 194 13.52 15.32 12.45
C TYR E 194 12.80 16.62 12.79
N GLU E 195 11.66 16.85 12.15
CA GLU E 195 10.72 17.89 12.55
C GLU E 195 9.29 17.42 12.21
N MET E 196 8.29 18.27 12.42
CA MET E 196 6.90 17.77 12.37
C MET E 196 5.92 18.53 11.46
N GLU E 197 6.41 19.39 10.58
CA GLU E 197 5.51 20.23 9.78
C GLU E 197 5.83 20.32 8.28
N SER E 198 7.10 20.11 7.92
CA SER E 198 7.56 20.37 6.54
C SER E 198 6.91 19.49 5.46
N ALA E 199 6.69 18.21 5.76
CA ALA E 199 6.06 17.31 4.80
C ALA E 199 4.72 17.83 4.32
N THR E 200 3.86 18.21 5.27
CA THR E 200 2.53 18.74 4.97
C THR E 200 2.62 20.08 4.24
N LEU E 201 3.40 21.02 4.80
CA LEU E 201 3.55 22.34 4.20
C LEU E 201 4.07 22.27 2.76
N LEU E 202 5.17 21.54 2.57
CA LEU E 202 5.81 21.43 1.26
C LEU E 202 4.93 20.74 0.22
N THR E 203 4.27 19.65 0.62
CA THR E 203 3.40 18.89 -0.29
C THR E 203 2.20 19.72 -0.73
N MET E 204 1.51 20.34 0.24
CA MET E 204 0.31 21.12 -0.07
C MET E 204 0.63 22.37 -0.87
N CYS E 205 1.82 22.94 -0.68
CA CYS E 205 2.25 24.10 -1.45
C CYS E 205 2.69 23.72 -2.86
N ALA E 206 3.52 22.69 -2.97
CA ALA E 206 4.05 22.24 -4.26
C ALA E 206 2.97 21.73 -5.22
N SER E 207 1.88 21.22 -4.66
CA SER E 207 0.78 20.63 -5.44
C SER E 207 -0.41 21.58 -5.65
N GLN E 208 -0.32 22.80 -5.10
CA GLN E 208 -1.40 23.78 -5.24
C GLN E 208 -0.93 25.13 -5.81
N GLY E 209 0.28 25.16 -6.37
CA GLY E 209 0.82 26.37 -6.98
C GLY E 209 1.24 27.43 -5.99
N LEU E 210 1.67 26.99 -4.81
CA LEU E 210 2.16 27.87 -3.76
C LEU E 210 3.66 27.66 -3.56
N ARG E 211 4.38 28.74 -3.27
CA ARG E 211 5.80 28.64 -3.00
C ARG E 211 6.02 28.45 -1.51
N ALA E 212 6.94 27.55 -1.17
CA ALA E 212 7.27 27.29 0.23
C ALA E 212 8.73 26.89 0.40
N GLY E 213 9.26 27.18 1.58
CA GLY E 213 10.61 26.76 1.96
C GLY E 213 10.68 26.49 3.45
N MET E 214 11.77 25.87 3.90
CA MET E 214 11.99 25.69 5.33
C MET E 214 13.43 25.82 5.80
N VAL E 215 13.59 26.54 6.91
CA VAL E 215 14.86 26.65 7.60
C VAL E 215 14.64 26.34 9.08
N ALA E 216 15.66 25.73 9.70
CA ALA E 216 15.57 25.37 11.11
C ALA E 216 16.92 25.45 11.79
N GLY E 217 16.89 25.54 13.12
CA GLY E 217 18.10 25.51 13.94
C GLY E 217 18.12 24.25 14.79
N VAL E 218 19.31 23.70 14.99
CA VAL E 218 19.47 22.45 15.73
C VAL E 218 19.52 22.71 17.24
N ILE E 219 18.64 22.02 17.97
CA ILE E 219 18.53 22.15 19.43
C ILE E 219 18.92 20.86 20.18
N VAL E 220 18.96 19.73 19.44
CA VAL E 220 19.38 18.45 20.01
C VAL E 220 20.03 17.54 18.96
N ASN E 221 21.04 16.79 19.37
CA ASN E 221 21.60 15.73 18.52
C ASN E 221 21.30 14.34 19.09
N ARG E 222 20.69 13.51 18.25
CA ARG E 222 20.17 12.21 18.67
C ARG E 222 21.23 11.11 18.80
N THR E 223 22.48 11.42 18.45
CA THR E 223 23.56 10.44 18.51
C THR E 223 24.42 10.58 19.76
N GLN E 224 24.52 11.80 20.28
CA GLN E 224 25.38 12.10 21.44
C GLN E 224 24.60 12.73 22.60
N GLN E 225 25.27 12.85 23.74
CA GLN E 225 24.66 13.41 24.95
C GLN E 225 25.09 14.87 25.22
N GLU E 226 24.90 15.73 24.21
CA GLU E 226 25.14 17.16 24.37
C GLU E 226 23.98 17.79 25.16
N ILE E 227 24.23 18.07 26.43
CA ILE E 227 23.22 18.61 27.36
C ILE E 227 22.70 19.98 26.90
N PRO E 228 21.38 20.09 26.66
CA PRO E 228 20.74 21.33 26.17
C PRO E 228 20.90 22.51 27.13
N ASN E 229 21.92 23.34 26.89
CA ASN E 229 22.28 24.43 27.80
C ASN E 229 21.40 25.67 27.69
N GLU E 231 20.33 28.51 27.26
CA GLU E 231 20.68 29.68 26.45
C GLU E 231 21.04 29.30 25.02
N THR E 232 21.39 28.04 24.79
CA THR E 232 21.72 27.52 23.46
C THR E 232 20.52 27.63 22.53
N MET E 233 19.34 27.25 23.03
CA MET E 233 18.07 27.39 22.32
C MET E 233 17.78 28.85 21.96
N LYS E 234 18.17 29.77 22.86
CA LYS E 234 17.96 31.20 22.68
C LYS E 234 18.76 31.78 21.50
N GLN E 235 20.08 31.56 21.50
CA GLN E 235 20.97 32.08 20.46
C GLN E 235 20.77 31.42 19.10
N THR E 236 20.42 30.14 19.11
CA THR E 236 20.19 29.37 17.88
C THR E 236 18.92 29.85 17.17
N GLU E 237 17.84 30.02 17.95
CA GLU E 237 16.58 30.55 17.44
C GLU E 237 16.76 31.93 16.82
N SER E 238 17.48 32.81 17.52
CA SER E 238 17.72 34.18 17.06
C SER E 238 18.40 34.26 15.70
N HIS E 239 19.36 33.36 15.47
CA HIS E 239 20.09 33.31 14.20
C HIS E 239 19.23 32.84 13.03
N ALA E 240 18.38 31.85 13.27
CA ALA E 240 17.46 31.34 12.26
C ALA E 240 16.35 32.34 11.92
N VAL E 241 15.87 33.04 12.94
CA VAL E 241 14.84 34.07 12.79
C VAL E 241 15.36 35.22 11.92
N LYS E 242 16.63 35.59 12.13
CA LYS E 242 17.28 36.59 11.30
C LYS E 242 17.41 36.10 9.86
N ILE E 243 17.74 34.82 9.69
CA ILE E 243 17.89 34.20 8.38
C ILE E 243 16.57 34.20 7.59
N VAL E 244 15.48 33.80 8.24
CA VAL E 244 14.18 33.67 7.59
C VAL E 244 13.62 35.04 7.17
N VAL E 245 13.93 36.08 7.93
CA VAL E 245 13.51 37.44 7.62
C VAL E 245 14.36 38.00 6.49
N GLU E 246 15.66 37.75 6.54
CA GLU E 246 16.58 38.16 5.47
C GLU E 246 16.23 37.47 4.15
N ALA E 247 15.84 36.21 4.22
CA ALA E 247 15.40 35.45 3.05
C ALA E 247 14.09 36.01 2.50
N ALA E 248 13.17 36.34 3.41
CA ALA E 248 11.87 36.93 3.03
C ALA E 248 12.06 38.21 2.24
N ARG E 249 13.02 39.03 2.67
CA ARG E 249 13.39 40.27 1.98
C ARG E 249 13.67 40.02 0.49
N ARG E 250 14.38 38.93 0.19
CA ARG E 250 14.72 38.55 -1.18
C ARG E 250 13.54 38.02 -2.01
N LEU E 251 12.40 37.79 -1.36
CA LEU E 251 11.26 37.15 -2.02
C LEU E 251 10.04 38.04 -2.25
N LEU E 252 10.11 39.27 -1.76
CA LEU E 252 8.99 40.22 -1.82
C LEU E 252 8.68 40.72 -3.24
N SER F 3 -5.74 -38.44 16.09
CA SER F 3 -5.59 -37.76 14.76
C SER F 3 -4.24 -37.05 14.64
N ASP F 4 -3.66 -37.11 13.44
CA ASP F 4 -2.38 -36.46 13.16
C ASP F 4 -2.49 -34.95 12.93
N VAL F 5 -3.67 -34.50 12.49
CA VAL F 5 -3.90 -33.09 12.16
C VAL F 5 -5.09 -32.53 12.95
N PHE F 6 -5.14 -31.21 13.11
CA PHE F 6 -6.14 -30.58 13.97
C PHE F 6 -7.58 -30.52 13.42
N HIS F 7 -7.73 -30.25 12.13
CA HIS F 7 -9.06 -30.03 11.55
C HIS F 7 -9.66 -31.22 10.78
N LEU F 8 -8.85 -31.87 9.94
CA LEU F 8 -9.35 -32.90 9.02
C LEU F 8 -9.65 -34.25 9.68
N GLY F 9 -9.06 -34.49 10.84
CA GLY F 9 -9.28 -35.75 11.58
C GLY F 9 -8.75 -36.98 10.86
N LEU F 10 -7.57 -36.86 10.26
CA LEU F 10 -6.94 -37.92 9.49
C LEU F 10 -5.60 -38.33 10.07
N THR F 11 -5.13 -39.53 9.71
CA THR F 11 -3.76 -39.97 9.96
C THR F 11 -3.08 -40.22 8.62
N LYS F 12 -1.75 -40.33 8.63
CA LYS F 12 -1.00 -40.62 7.39
C LYS F 12 -1.39 -41.95 6.78
N ASN F 13 -1.75 -42.91 7.64
CA ASN F 13 -2.16 -44.24 7.21
C ASN F 13 -3.47 -44.26 6.42
N ASP F 14 -4.37 -43.33 6.75
CA ASP F 14 -5.63 -43.16 6.03
C ASP F 14 -5.41 -42.86 4.55
N LEU F 15 -4.31 -42.16 4.24
CA LEU F 15 -4.01 -41.79 2.85
C LEU F 15 -3.41 -42.94 2.05
N GLN F 16 -2.87 -43.94 2.75
CA GLN F 16 -2.32 -45.16 2.15
C GLN F 16 -1.24 -44.88 1.11
N GLY F 17 -0.45 -43.84 1.36
CA GLY F 17 0.65 -43.48 0.48
C GLY F 17 0.33 -42.48 -0.62
N ALA F 18 -0.93 -42.03 -0.65
CA ALA F 18 -1.37 -41.05 -1.65
C ALA F 18 -0.56 -39.76 -1.57
N GLN F 19 -0.20 -39.23 -2.73
CA GLN F 19 0.57 -37.99 -2.81
C GLN F 19 -0.14 -36.88 -3.59
N LEU F 20 -1.20 -37.27 -4.29
CA LEU F 20 -2.06 -36.32 -4.99
C LEU F 20 -3.43 -36.25 -4.33
N ALA F 21 -4.01 -35.05 -4.30
CA ALA F 21 -5.35 -34.85 -3.79
C ALA F 21 -6.18 -34.00 -4.75
N ILE F 22 -7.41 -34.47 -5.02
CA ILE F 22 -8.38 -33.68 -5.79
C ILE F 22 -9.23 -32.95 -4.77
N VAL F 23 -9.29 -31.62 -4.89
CA VAL F 23 -9.90 -30.78 -3.85
C VAL F 23 -11.04 -29.88 -4.35
N PRO F 24 -12.30 -30.34 -4.17
CA PRO F 24 -13.44 -29.48 -4.49
C PRO F 24 -13.76 -28.52 -3.35
N GLY F 25 -14.63 -27.54 -3.62
CA GLY F 25 -15.06 -26.62 -2.57
C GLY F 25 -16.18 -27.22 -1.74
N ASP F 26 -17.16 -27.79 -2.41
CA ASP F 26 -18.33 -28.40 -1.78
C ASP F 26 -17.97 -29.76 -1.16
N PRO F 27 -18.23 -29.93 0.16
CA PRO F 27 -18.08 -31.24 0.82
C PRO F 27 -19.01 -32.32 0.24
N GLU F 28 -20.17 -31.91 -0.25
CA GLU F 28 -21.16 -32.82 -0.83
C GLU F 28 -20.72 -33.40 -2.19
N ARG F 29 -19.64 -32.88 -2.77
CA ARG F 29 -19.14 -33.35 -4.06
C ARG F 29 -18.05 -34.41 -3.92
N VAL F 30 -17.45 -34.50 -2.74
CA VAL F 30 -16.34 -35.41 -2.47
C VAL F 30 -16.69 -36.87 -2.83
N GLU F 31 -17.84 -37.33 -2.36
CA GLU F 31 -18.32 -38.68 -2.69
C GLU F 31 -18.49 -38.87 -4.19
N LYS F 32 -19.16 -37.91 -4.85
CA LYS F 32 -19.39 -37.95 -6.29
C LYS F 32 -18.12 -38.14 -7.12
N ILE F 33 -17.05 -37.48 -6.71
CA ILE F 33 -15.78 -37.53 -7.43
C ILE F 33 -15.02 -38.82 -7.13
N ALA F 34 -15.08 -39.25 -5.87
CA ALA F 34 -14.45 -40.51 -5.46
C ALA F 34 -15.12 -41.70 -6.13
N ALA F 35 -16.42 -41.59 -6.38
CA ALA F 35 -17.21 -42.63 -7.02
C ALA F 35 -16.78 -42.95 -8.45
N LEU F 36 -16.12 -41.99 -9.11
CA LEU F 36 -15.65 -42.18 -10.48
C LEU F 36 -14.33 -42.98 -10.55
N MET F 37 -13.74 -43.24 -9.38
CA MET F 37 -12.49 -43.98 -9.28
C MET F 37 -12.71 -45.32 -8.56
N ASP F 38 -11.65 -46.13 -8.49
CA ASP F 38 -11.73 -47.47 -7.90
C ASP F 38 -11.67 -47.46 -6.37
N LYS F 39 -12.32 -48.46 -5.77
CA LYS F 39 -12.31 -48.68 -4.31
C LYS F 39 -12.55 -47.40 -3.48
N PRO F 40 -13.65 -46.68 -3.74
CA PRO F 40 -13.86 -45.46 -2.97
C PRO F 40 -14.22 -45.75 -1.51
N VAL F 41 -13.47 -45.15 -0.58
CA VAL F 41 -13.66 -45.35 0.86
C VAL F 41 -13.74 -44.00 1.58
N LYS F 42 -14.84 -43.77 2.29
CA LYS F 42 -15.02 -42.59 3.11
C LYS F 42 -14.01 -42.61 4.26
N LEU F 43 -13.44 -41.44 4.58
CA LEU F 43 -12.43 -41.35 5.63
C LEU F 43 -12.92 -40.55 6.83
N ALA F 44 -13.41 -39.33 6.59
CA ALA F 44 -13.88 -38.45 7.67
C ALA F 44 -14.73 -37.29 7.16
N SER F 45 -15.47 -36.68 8.09
CA SER F 45 -16.23 -35.46 7.83
C SER F 45 -16.23 -34.59 9.08
N HIS F 46 -15.51 -33.48 9.02
CA HIS F 46 -15.46 -32.51 10.10
C HIS F 46 -15.53 -31.10 9.51
N ARG F 47 -16.40 -30.27 10.09
CA ARG F 47 -16.67 -28.94 9.57
C ARG F 47 -16.96 -29.02 8.07
N GLU F 48 -16.28 -28.22 7.26
CA GLU F 48 -16.46 -28.26 5.80
C GLU F 48 -15.47 -29.21 5.11
N PHE F 49 -14.80 -30.05 5.88
CA PHE F 49 -13.76 -30.94 5.36
C PHE F 49 -14.20 -32.40 5.31
N THR F 50 -14.75 -32.80 4.16
CA THR F 50 -15.13 -34.18 3.92
C THR F 50 -14.08 -34.86 3.05
N SER F 51 -13.48 -35.92 3.58
CA SER F 51 -12.39 -36.62 2.87
C SER F 51 -12.71 -38.06 2.50
N TRP F 52 -12.45 -38.41 1.25
CA TRP F 52 -12.59 -39.77 0.73
C TRP F 52 -11.27 -40.25 0.12
N ARG F 53 -11.01 -41.54 0.23
CA ARG F 53 -9.87 -42.19 -0.42
C ARG F 53 -10.37 -43.02 -1.61
N ALA F 54 -9.60 -43.03 -2.69
CA ALA F 54 -9.90 -43.86 -3.85
C ALA F 54 -8.62 -44.33 -4.52
N GLU F 55 -8.77 -45.11 -5.59
CA GLU F 55 -7.63 -45.59 -6.36
C GLU F 55 -7.74 -45.23 -7.84
N LEU F 56 -6.58 -44.95 -8.43
CA LEU F 56 -6.49 -44.62 -9.83
C LEU F 56 -5.22 -45.29 -10.35
N ASP F 57 -5.37 -46.17 -11.33
CA ASP F 57 -4.27 -46.99 -11.86
C ASP F 57 -3.51 -47.72 -10.75
N GLY F 58 -4.26 -48.25 -9.77
CA GLY F 58 -3.68 -49.05 -8.70
C GLY F 58 -3.02 -48.27 -7.58
N LYS F 59 -2.87 -46.95 -7.78
CA LYS F 59 -2.27 -46.07 -6.78
C LYS F 59 -3.34 -45.21 -6.12
N ALA F 60 -3.12 -44.89 -4.84
CA ALA F 60 -4.12 -44.19 -4.03
C ALA F 60 -4.17 -42.69 -4.29
N VAL F 61 -5.40 -42.15 -4.28
CA VAL F 61 -5.64 -40.71 -4.42
C VAL F 61 -6.64 -40.21 -3.40
N ILE F 62 -6.47 -38.97 -2.94
CA ILE F 62 -7.35 -38.37 -1.94
C ILE F 62 -8.31 -37.37 -2.59
N VAL F 63 -9.59 -37.48 -2.25
CA VAL F 63 -10.53 -36.40 -2.53
C VAL F 63 -10.88 -35.77 -1.19
N CYS F 64 -10.81 -34.45 -1.12
CA CYS F 64 -11.07 -33.72 0.13
C CYS F 64 -11.59 -32.31 -0.15
N SER F 65 -12.69 -31.94 0.47
CA SER F 65 -13.25 -30.60 0.30
C SER F 65 -12.46 -29.53 1.04
N THR F 66 -12.59 -28.29 0.59
CA THR F 66 -11.86 -27.16 1.14
C THR F 66 -12.78 -26.17 1.84
N GLY F 67 -14.08 -26.27 1.54
CA GLY F 67 -15.04 -25.23 1.89
C GLY F 67 -14.85 -24.04 0.97
N ILE F 68 -15.73 -23.06 1.08
CA ILE F 68 -15.59 -21.82 0.30
C ILE F 68 -14.54 -20.91 0.92
N GLY F 69 -13.60 -20.45 0.10
CA GLY F 69 -12.66 -19.42 0.49
C GLY F 69 -11.28 -19.93 0.84
N GLY F 70 -10.31 -19.02 0.75
CA GLY F 70 -8.91 -19.32 1.05
C GLY F 70 -8.58 -19.81 2.45
N PRO F 71 -9.18 -19.19 3.49
CA PRO F 71 -8.91 -19.63 4.86
C PRO F 71 -9.12 -21.13 5.10
N SER F 72 -10.30 -21.64 4.75
CA SER F 72 -10.59 -23.07 4.96
C SER F 72 -9.73 -23.94 4.01
N THR F 73 -9.51 -23.44 2.80
CA THR F 73 -8.60 -24.09 1.84
C THR F 73 -7.18 -24.17 2.39
N SER F 74 -6.73 -23.08 3.02
CA SER F 74 -5.36 -23.01 3.55
C SER F 74 -5.15 -24.01 4.67
N ILE F 75 -6.21 -24.26 5.44
CA ILE F 75 -6.19 -25.31 6.48
C ILE F 75 -6.10 -26.68 5.81
N ALA F 76 -7.01 -26.93 4.86
CA ALA F 76 -7.10 -28.22 4.16
C ALA F 76 -5.79 -28.59 3.47
N VAL F 77 -5.24 -27.67 2.67
CA VAL F 77 -4.00 -27.91 1.94
C VAL F 77 -2.84 -28.17 2.90
N GLU F 78 -2.71 -27.34 3.94
CA GLU F 78 -1.61 -27.46 4.91
C GLU F 78 -1.62 -28.79 5.65
N GLU F 79 -2.76 -29.14 6.23
CA GLU F 79 -2.90 -30.37 7.01
C GLU F 79 -2.78 -31.61 6.11
N LEU F 80 -3.28 -31.48 4.89
CA LEU F 80 -3.15 -32.52 3.88
C LEU F 80 -1.68 -32.69 3.48
N ALA F 81 -0.95 -31.58 3.39
CA ALA F 81 0.46 -31.59 3.03
C ALA F 81 1.32 -32.17 4.15
N GLN F 82 0.96 -31.85 5.40
CA GLN F 82 1.58 -32.47 6.57
C GLN F 82 1.39 -33.98 6.52
N LEU F 83 0.30 -34.41 5.90
CA LEU F 83 -0.06 -35.81 5.80
C LEU F 83 0.60 -36.56 4.65
N GLY F 84 1.27 -35.82 3.76
CA GLY F 84 2.03 -36.44 2.68
C GLY F 84 1.67 -36.07 1.25
N ILE F 85 0.63 -35.24 1.06
CA ILE F 85 0.27 -34.82 -0.29
C ILE F 85 1.18 -33.70 -0.83
N ARG F 86 1.60 -33.85 -2.08
CA ARG F 86 2.52 -32.92 -2.73
C ARG F 86 1.87 -32.23 -3.94
N THR F 87 0.80 -32.84 -4.44
CA THR F 87 0.10 -32.33 -5.62
C THR F 87 -1.37 -32.11 -5.30
N PHE F 88 -1.86 -30.91 -5.60
CA PHE F 88 -3.24 -30.55 -5.35
C PHE F 88 -3.92 -30.13 -6.65
N LEU F 89 -5.07 -30.72 -6.94
CA LEU F 89 -5.86 -30.32 -8.09
C LEU F 89 -7.23 -29.85 -7.64
N ARG F 90 -7.48 -28.56 -7.75
CA ARG F 90 -8.78 -28.01 -7.39
C ARG F 90 -9.77 -28.16 -8.55
N ILE F 91 -10.96 -28.61 -8.22
CA ILE F 91 -12.05 -28.65 -9.18
C ILE F 91 -13.21 -27.83 -8.60
N GLY F 92 -13.66 -26.84 -9.36
CA GLY F 92 -14.64 -25.88 -8.85
C GLY F 92 -15.71 -25.44 -9.82
N THR F 93 -16.58 -24.55 -9.34
CA THR F 93 -17.59 -23.91 -10.18
C THR F 93 -17.18 -22.45 -10.32
N THR F 94 -17.59 -21.82 -11.43
CA THR F 94 -17.12 -20.48 -11.73
C THR F 94 -18.12 -19.61 -12.50
N GLY F 95 -18.02 -18.30 -12.29
CA GLY F 95 -18.76 -17.33 -13.09
C GLY F 95 -17.87 -16.68 -14.13
N ALA F 96 -18.18 -16.93 -15.40
CA ALA F 96 -17.42 -16.37 -16.51
C ALA F 96 -17.73 -14.89 -16.72
N ILE F 97 -16.71 -14.13 -17.10
CA ILE F 97 -16.88 -12.69 -17.39
C ILE F 97 -16.57 -12.30 -18.85
N GLN F 98 -16.44 -13.29 -19.72
CA GLN F 98 -16.26 -13.03 -21.15
C GLN F 98 -17.49 -13.50 -21.93
N PRO F 99 -17.88 -12.75 -22.98
CA PRO F 99 -19.15 -13.00 -23.66
C PRO F 99 -19.23 -14.36 -24.36
N HIS F 100 -18.08 -14.86 -24.85
CA HIS F 100 -18.05 -16.07 -25.68
C HIS F 100 -17.99 -17.36 -24.88
N ILE F 101 -17.64 -17.28 -23.59
CA ILE F 101 -17.58 -18.46 -22.72
C ILE F 101 -18.98 -18.91 -22.30
N ASN F 102 -19.31 -20.14 -22.66
CA ASN F 102 -20.62 -20.73 -22.38
C ASN F 102 -20.60 -21.49 -21.05
N VAL F 103 -21.71 -21.45 -20.32
CA VAL F 103 -21.84 -22.29 -19.13
C VAL F 103 -21.71 -23.77 -19.52
N GLY F 104 -21.00 -24.52 -18.68
CA GLY F 104 -20.66 -25.90 -19.00
C GLY F 104 -19.21 -26.05 -19.42
N ASP F 105 -18.64 -25.00 -19.99
CA ASP F 105 -17.24 -25.02 -20.45
C ASP F 105 -16.29 -25.20 -19.27
N VAL F 106 -15.12 -25.76 -19.56
CA VAL F 106 -14.11 -25.93 -18.54
C VAL F 106 -13.04 -24.85 -18.68
N LEU F 107 -12.67 -24.23 -17.56
CA LEU F 107 -11.65 -23.21 -17.57
C LEU F 107 -10.43 -23.67 -16.78
N VAL F 108 -9.28 -23.68 -17.44
CA VAL F 108 -8.02 -24.05 -16.79
C VAL F 108 -7.29 -22.76 -16.44
N THR F 109 -6.90 -22.65 -15.17
CA THR F 109 -6.25 -21.45 -14.67
C THR F 109 -4.72 -21.59 -14.69
N THR F 110 -4.06 -20.74 -15.48
CA THR F 110 -2.60 -20.65 -15.48
C THR F 110 -2.13 -19.88 -14.25
N ALA F 111 -2.78 -18.75 -13.97
CA ALA F 111 -2.51 -17.97 -12.76
C ALA F 111 -3.72 -17.14 -12.35
N SER F 112 -3.71 -16.65 -11.11
CA SER F 112 -4.87 -15.95 -10.54
C SER F 112 -4.60 -14.51 -10.09
N VAL F 113 -5.57 -13.64 -10.33
CA VAL F 113 -5.58 -12.28 -9.79
C VAL F 113 -5.88 -12.38 -8.29
N ARG F 114 -4.88 -12.03 -7.48
CA ARG F 114 -4.98 -12.19 -6.03
C ARG F 114 -5.89 -11.15 -5.39
N LEU F 115 -7.20 -11.39 -5.46
CA LEU F 115 -8.19 -10.54 -4.81
C LEU F 115 -8.63 -11.17 -3.49
N ASP F 116 -7.72 -11.91 -2.88
CA ASP F 116 -7.98 -12.62 -1.63
C ASP F 116 -7.13 -12.05 -0.49
N GLY F 117 -7.15 -12.70 0.66
CA GLY F 117 -6.35 -12.28 1.80
C GLY F 117 -5.36 -13.32 2.30
N ALA F 118 -5.70 -14.60 2.13
CA ALA F 118 -4.85 -15.70 2.62
C ALA F 118 -3.53 -15.85 1.85
N SER F 119 -3.55 -15.56 0.55
CA SER F 119 -2.33 -15.61 -0.26
C SER F 119 -1.19 -14.75 0.33
N LEU F 120 -1.58 -13.61 0.93
CA LEU F 120 -0.62 -12.68 1.55
C LEU F 120 0.05 -13.24 2.80
N HIS F 121 -0.52 -14.32 3.34
CA HIS F 121 0.01 -14.99 4.51
C HIS F 121 1.09 -16.02 4.13
N PHE F 122 1.34 -16.17 2.83
CA PHE F 122 2.35 -17.10 2.33
C PHE F 122 3.42 -16.41 1.48
N ALA F 123 3.03 -15.32 0.83
CA ALA F 123 3.91 -14.54 -0.03
C ALA F 123 3.34 -13.14 -0.25
N PRO F 124 4.23 -12.12 -0.38
CA PRO F 124 3.72 -10.76 -0.61
C PRO F 124 3.12 -10.65 -2.01
N MET F 125 2.30 -9.62 -2.24
CA MET F 125 1.50 -9.49 -3.47
C MET F 125 2.32 -9.56 -4.76
N GLU F 126 3.61 -9.25 -4.67
CA GLU F 126 4.49 -9.29 -5.84
C GLU F 126 4.58 -10.69 -6.45
N PHE F 127 4.49 -11.70 -5.59
CA PHE F 127 4.55 -13.11 -5.98
C PHE F 127 3.32 -13.51 -6.80
N PRO F 128 3.54 -14.20 -7.93
CA PRO F 128 2.43 -14.58 -8.79
C PRO F 128 1.68 -15.82 -8.30
N ALA F 129 0.35 -15.74 -8.29
CA ALA F 129 -0.50 -16.87 -7.94
C ALA F 129 -0.58 -17.83 -9.13
N VAL F 130 0.54 -18.49 -9.39
CA VAL F 130 0.74 -19.27 -10.62
C VAL F 130 0.56 -20.77 -10.38
N ALA F 131 -0.03 -21.45 -11.36
CA ALA F 131 -0.19 -22.89 -11.30
C ALA F 131 1.11 -23.61 -11.66
N ASP F 132 1.27 -24.82 -11.14
CA ASP F 132 2.34 -25.71 -11.54
C ASP F 132 2.22 -26.05 -13.02
N PHE F 133 3.35 -26.16 -13.71
CA PHE F 133 3.37 -26.45 -15.16
C PHE F 133 2.88 -27.86 -15.50
N ALA F 134 3.36 -28.86 -14.76
CA ALA F 134 2.93 -30.24 -14.96
C ALA F 134 1.43 -30.39 -14.74
N CYS F 135 0.91 -29.74 -13.69
CA CYS F 135 -0.51 -29.81 -13.36
C CYS F 135 -1.40 -29.17 -14.42
N THR F 136 -1.02 -27.98 -14.88
CA THR F 136 -1.74 -27.28 -15.94
C THR F 136 -1.69 -28.07 -17.25
N THR F 137 -0.49 -28.55 -17.61
CA THR F 137 -0.30 -29.39 -18.80
C THR F 137 -1.21 -30.62 -18.77
N ALA F 138 -1.19 -31.34 -17.64
CA ALA F 138 -2.05 -32.50 -17.44
C ALA F 138 -3.53 -32.17 -17.59
N LEU F 139 -3.93 -30.99 -17.13
CA LEU F 139 -5.33 -30.55 -17.21
C LEU F 139 -5.73 -30.13 -18.63
N VAL F 140 -4.81 -29.49 -19.34
CA VAL F 140 -5.04 -29.08 -20.73
C VAL F 140 -5.14 -30.30 -21.65
N GLU F 141 -4.19 -31.21 -21.52
CA GLU F 141 -4.16 -32.45 -22.31
C GLU F 141 -5.36 -33.36 -22.06
N ALA F 142 -5.79 -33.41 -20.80
CA ALA F 142 -6.96 -34.18 -20.41
C ALA F 142 -8.21 -33.63 -21.09
N ALA F 143 -8.34 -32.31 -21.13
CA ALA F 143 -9.47 -31.64 -21.76
C ALA F 143 -9.52 -31.89 -23.26
N LYS F 144 -8.35 -31.98 -23.89
CA LYS F 144 -8.25 -32.21 -25.32
C LYS F 144 -8.62 -33.66 -25.66
N SER F 145 -8.11 -34.61 -24.88
CA SER F 145 -8.42 -36.02 -25.09
C SER F 145 -9.87 -36.39 -24.71
N ILE F 146 -10.65 -35.37 -24.35
CA ILE F 146 -12.08 -35.55 -24.05
C ILE F 146 -12.95 -34.72 -25.01
N GLY F 147 -12.33 -33.71 -25.63
CA GLY F 147 -13.00 -32.86 -26.60
C GLY F 147 -13.97 -31.83 -26.01
N ALA F 148 -13.72 -31.43 -24.77
CA ALA F 148 -14.55 -30.42 -24.10
C ALA F 148 -14.14 -29.02 -24.53
N THR F 149 -15.12 -28.11 -24.62
CA THR F 149 -14.84 -26.71 -24.89
C THR F 149 -14.05 -26.13 -23.71
N THR F 150 -12.78 -25.83 -23.96
CA THR F 150 -11.82 -25.49 -22.93
C THR F 150 -11.17 -24.14 -23.20
N HIS F 151 -11.17 -23.27 -22.18
CA HIS F 151 -10.45 -22.01 -22.24
C HIS F 151 -9.39 -21.97 -21.16
N VAL F 152 -8.23 -21.44 -21.50
CA VAL F 152 -7.08 -21.44 -20.59
C VAL F 152 -6.46 -20.04 -20.47
N GLY F 153 -6.38 -19.55 -19.24
CA GLY F 153 -5.87 -18.20 -18.97
C GLY F 153 -5.97 -17.77 -17.52
N VAL F 154 -6.17 -16.46 -17.33
CA VAL F 154 -6.13 -15.83 -16.01
C VAL F 154 -7.50 -15.83 -15.35
N THR F 155 -7.52 -16.03 -14.03
CA THR F 155 -8.73 -16.09 -13.24
C THR F 155 -8.68 -15.06 -12.10
N ALA F 156 -9.79 -14.38 -11.86
CA ALA F 156 -9.89 -13.44 -10.75
C ALA F 156 -10.44 -14.14 -9.52
N SER F 157 -9.60 -14.27 -8.49
CA SER F 157 -9.95 -15.04 -7.31
C SER F 157 -10.29 -14.14 -6.13
N SER F 158 -11.59 -14.07 -5.82
CA SER F 158 -12.15 -13.10 -4.88
C SER F 158 -12.42 -13.67 -3.49
N ASP F 159 -12.20 -12.87 -2.45
CA ASP F 159 -12.52 -13.26 -1.08
C ASP F 159 -14.00 -13.10 -0.73
N THR F 160 -14.78 -12.58 -1.66
CA THR F 160 -16.23 -12.56 -1.50
C THR F 160 -16.92 -13.07 -2.77
N PHE F 161 -18.21 -13.39 -2.64
CA PHE F 161 -19.03 -13.81 -3.76
C PHE F 161 -19.74 -12.63 -4.38
N TYR F 162 -20.03 -11.62 -3.55
CA TYR F 162 -20.84 -10.48 -3.97
C TYR F 162 -20.05 -9.23 -4.37
N PRO F 163 -19.59 -8.40 -3.40
CA PRO F 163 -18.97 -7.14 -3.82
C PRO F 163 -17.64 -7.33 -4.56
N GLY F 164 -16.82 -8.29 -4.13
CA GLY F 164 -15.56 -8.60 -4.78
C GLY F 164 -15.71 -9.07 -6.22
N GLN F 165 -16.87 -9.62 -6.55
CA GLN F 165 -17.20 -10.01 -7.92
C GLN F 165 -18.17 -9.00 -8.55
N GLU F 166 -18.22 -7.81 -7.97
CA GLU F 166 -19.10 -6.71 -8.38
C GLU F 166 -20.56 -7.13 -8.63
N ARG F 167 -21.16 -7.76 -7.62
CA ARG F 167 -22.58 -8.05 -7.67
C ARG F 167 -23.37 -6.92 -6.99
N TYR F 168 -24.40 -6.44 -7.68
CA TYR F 168 -25.18 -5.30 -7.21
C TYR F 168 -26.53 -5.68 -6.64
N ASP F 169 -27.00 -6.89 -6.99
CA ASP F 169 -28.26 -7.42 -6.48
C ASP F 169 -28.11 -7.88 -5.05
N THR F 170 -27.86 -6.93 -4.15
CA THR F 170 -27.54 -7.25 -2.76
C THR F 170 -28.40 -6.43 -1.80
N TYR F 171 -28.25 -6.74 -0.50
CA TYR F 171 -28.95 -6.03 0.55
C TYR F 171 -28.71 -4.52 0.51
N SER F 172 -27.43 -4.12 0.44
CA SER F 172 -27.04 -2.71 0.39
C SER F 172 -27.14 -2.13 -1.03
N GLY F 173 -26.83 -2.97 -2.02
CA GLY F 173 -26.86 -2.56 -3.42
C GLY F 173 -25.67 -1.73 -3.85
N ARG F 174 -24.67 -1.63 -2.98
CA ARG F 174 -23.47 -0.84 -3.25
C ARG F 174 -22.21 -1.70 -3.28
N VAL F 175 -21.17 -1.16 -3.90
CA VAL F 175 -19.88 -1.82 -4.04
C VAL F 175 -18.79 -0.83 -3.66
N VAL F 176 -17.92 -1.24 -2.73
CA VAL F 176 -16.82 -0.40 -2.25
C VAL F 176 -15.97 0.11 -3.42
N ARG F 177 -15.34 1.28 -3.23
CA ARG F 177 -14.56 1.95 -4.28
C ARG F 177 -13.62 1.02 -5.05
N ARG F 178 -12.82 0.25 -4.33
CA ARG F 178 -11.84 -0.68 -4.91
C ARG F 178 -12.40 -1.53 -6.06
N PHE F 179 -13.66 -1.95 -5.92
CA PHE F 179 -14.27 -2.89 -6.88
C PHE F 179 -15.31 -2.28 -7.82
N LYS F 180 -15.59 -0.98 -7.69
CA LYS F 180 -16.47 -0.31 -8.65
C LYS F 180 -15.84 -0.33 -10.03
N GLY F 181 -16.56 -0.90 -11.00
CA GLY F 181 -16.07 -1.00 -12.37
C GLY F 181 -14.89 -1.93 -12.57
N SER F 182 -14.65 -2.81 -11.60
CA SER F 182 -13.51 -3.74 -11.65
C SER F 182 -13.77 -4.91 -12.59
N MET F 183 -15.05 -5.24 -12.80
CA MET F 183 -15.45 -6.35 -13.66
C MET F 183 -15.04 -6.06 -15.10
N GLU F 184 -15.43 -4.88 -15.60
CA GLU F 184 -15.10 -4.44 -16.95
C GLU F 184 -13.59 -4.30 -17.16
N GLU F 185 -12.86 -4.05 -16.06
CA GLU F 185 -11.41 -3.92 -16.10
C GLU F 185 -10.70 -5.27 -16.29
N TRP F 186 -11.09 -6.27 -15.51
CA TRP F 186 -10.57 -7.63 -15.67
C TRP F 186 -10.92 -8.18 -17.05
N GLN F 187 -12.14 -7.90 -17.49
CA GLN F 187 -12.64 -8.30 -18.80
C GLN F 187 -11.78 -7.72 -19.94
N ALA F 188 -11.46 -6.42 -19.86
CA ALA F 188 -10.58 -5.79 -20.82
C ALA F 188 -9.16 -6.37 -20.76
N MET F 189 -8.80 -6.88 -19.58
CA MET F 189 -7.49 -7.50 -19.36
C MET F 189 -7.44 -8.98 -19.76
N GLY F 190 -8.55 -9.49 -20.30
CA GLY F 190 -8.61 -10.86 -20.78
C GLY F 190 -8.80 -11.92 -19.72
N VAL F 191 -9.13 -11.50 -18.49
CA VAL F 191 -9.46 -12.42 -17.41
C VAL F 191 -10.76 -13.17 -17.77
N MET F 192 -10.73 -14.50 -17.59
CA MET F 192 -11.85 -15.36 -18.01
C MET F 192 -13.03 -15.38 -17.04
N ASN F 193 -12.74 -15.39 -15.74
CA ASN F 193 -13.74 -15.79 -14.75
C ASN F 193 -13.49 -15.36 -13.31
N TYR F 194 -14.52 -15.54 -12.49
CA TYR F 194 -14.45 -15.35 -11.04
C TYR F 194 -14.57 -16.70 -10.33
N GLU F 195 -13.72 -16.92 -9.33
CA GLU F 195 -13.90 -18.01 -8.36
C GLU F 195 -13.29 -17.56 -7.02
N MET F 196 -13.22 -18.45 -6.03
CA MET F 196 -12.93 -18.00 -4.66
C MET F 196 -11.80 -18.71 -3.89
N GLU F 197 -10.99 -19.52 -4.57
CA GLU F 197 -9.97 -20.34 -3.87
C GLU F 197 -8.62 -20.46 -4.58
N SER F 198 -8.60 -20.20 -5.89
CA SER F 198 -7.39 -20.41 -6.69
C SER F 198 -6.21 -19.55 -6.25
N ALA F 199 -6.45 -18.29 -5.92
CA ALA F 199 -5.38 -17.37 -5.53
C ALA F 199 -4.59 -17.90 -4.33
N THR F 200 -5.29 -18.18 -3.24
CA THR F 200 -4.65 -18.72 -2.03
C THR F 200 -4.04 -20.11 -2.25
N LEU F 201 -4.77 -20.99 -2.93
CA LEU F 201 -4.24 -22.31 -3.29
C LEU F 201 -2.96 -22.21 -4.12
N LEU F 202 -3.01 -21.42 -5.19
CA LEU F 202 -1.87 -21.31 -6.12
C LEU F 202 -0.66 -20.66 -5.47
N THR F 203 -0.89 -19.62 -4.67
CA THR F 203 0.19 -18.90 -3.98
C THR F 203 0.84 -19.75 -2.90
N MET F 204 0.03 -20.39 -2.07
CA MET F 204 0.55 -21.19 -0.95
C MET F 204 1.31 -22.43 -1.41
N CYS F 205 0.91 -23.00 -2.54
CA CYS F 205 1.60 -24.18 -3.09
C CYS F 205 2.90 -23.81 -3.79
N ALA F 206 2.82 -22.82 -4.68
CA ALA F 206 3.98 -22.36 -5.44
C ALA F 206 5.12 -21.86 -4.55
N SER F 207 4.77 -21.38 -3.36
CA SER F 207 5.77 -20.80 -2.45
C SER F 207 6.23 -21.78 -1.37
N GLN F 208 5.76 -23.02 -1.44
CA GLN F 208 6.11 -24.04 -0.46
C GLN F 208 6.51 -25.38 -1.09
N GLY F 209 6.89 -25.36 -2.36
CA GLY F 209 7.39 -26.53 -3.08
C GLY F 209 6.32 -27.58 -3.36
N LEU F 210 5.06 -27.15 -3.34
CA LEU F 210 3.93 -28.01 -3.63
C LEU F 210 3.41 -27.72 -5.03
N ARG F 211 2.98 -28.75 -5.74
CA ARG F 211 2.42 -28.59 -7.08
C ARG F 211 0.92 -28.37 -7.00
N ALA F 212 0.40 -27.45 -7.82
CA ALA F 212 -1.05 -27.19 -7.83
C ALA F 212 -1.60 -26.88 -9.22
N GLY F 213 -2.78 -27.43 -9.49
CA GLY F 213 -3.53 -27.15 -10.71
C GLY F 213 -4.92 -26.68 -10.37
N MET F 214 -5.56 -25.99 -11.32
CA MET F 214 -6.86 -25.38 -11.05
C MET F 214 -7.77 -25.44 -12.28
N VAL F 215 -8.93 -26.06 -12.09
CA VAL F 215 -9.92 -26.19 -13.15
C VAL F 215 -11.33 -26.01 -12.57
N ALA F 216 -12.21 -25.42 -13.36
CA ALA F 216 -13.57 -25.14 -12.93
C ALA F 216 -14.57 -25.22 -14.07
N GLY F 217 -15.82 -25.50 -13.74
CA GLY F 217 -16.93 -25.48 -14.71
C GLY F 217 -17.72 -24.21 -14.56
N VAL F 218 -18.10 -23.61 -15.69
CA VAL F 218 -18.87 -22.36 -15.71
C VAL F 218 -20.34 -22.64 -15.40
N ILE F 219 -20.87 -21.96 -14.40
CA ILE F 219 -22.28 -22.10 -14.03
C ILE F 219 -23.13 -20.84 -14.31
N VAL F 220 -22.46 -19.73 -14.59
CA VAL F 220 -23.12 -18.46 -14.90
C VAL F 220 -22.21 -17.55 -15.75
N ASN F 221 -22.81 -16.82 -16.70
CA ASN F 221 -22.07 -15.82 -17.46
C ASN F 221 -22.42 -14.41 -17.03
N ARG F 222 -21.44 -13.72 -16.46
CA ARG F 222 -21.66 -12.46 -15.76
C ARG F 222 -21.89 -11.26 -16.67
N THR F 223 -21.64 -11.42 -17.96
CA THR F 223 -21.97 -10.38 -18.95
C THR F 223 -23.47 -10.41 -19.27
N GLN F 224 -24.19 -11.34 -18.61
CA GLN F 224 -25.62 -11.54 -18.85
C GLN F 224 -26.43 -11.45 -17.55
N GLN F 225 -25.97 -12.14 -16.52
CA GLN F 225 -26.66 -12.16 -15.21
C GLN F 225 -25.71 -12.36 -14.03
N GLU F 226 -26.19 -12.05 -12.83
CA GLU F 226 -25.40 -12.19 -11.60
C GLU F 226 -25.62 -13.54 -10.94
N ILE F 227 -26.87 -14.00 -10.94
CA ILE F 227 -27.25 -15.27 -10.35
C ILE F 227 -27.74 -16.20 -11.46
N PRO F 228 -27.23 -17.45 -11.49
CA PRO F 228 -27.74 -18.42 -12.46
C PRO F 228 -29.11 -18.99 -12.07
N ASN F 229 -29.77 -19.61 -13.04
CA ASN F 229 -31.01 -20.34 -12.80
C ASN F 229 -30.82 -21.80 -13.17
N ALA F 230 -29.97 -22.02 -14.18
CA ALA F 230 -29.72 -23.34 -14.79
C ALA F 230 -29.43 -24.45 -13.78
N GLU F 231 -29.82 -25.67 -14.12
CA GLU F 231 -29.69 -26.81 -13.21
C GLU F 231 -28.25 -27.26 -12.98
N THR F 232 -28.02 -27.92 -11.84
CA THR F 232 -26.67 -28.17 -11.32
C THR F 232 -26.22 -29.64 -11.24
N MET F 233 -27.14 -30.57 -10.98
CA MET F 233 -26.79 -31.92 -10.51
C MET F 233 -26.90 -33.13 -11.49
N LYS F 234 -26.76 -32.86 -12.78
CA LYS F 234 -27.25 -33.76 -13.81
C LYS F 234 -25.81 -33.97 -14.11
N GLN F 235 -25.52 -34.41 -15.31
CA GLN F 235 -24.16 -34.32 -15.83
C GLN F 235 -23.45 -33.27 -16.72
N THR F 236 -23.75 -32.00 -16.50
CA THR F 236 -23.29 -30.91 -17.34
C THR F 236 -21.86 -30.46 -16.98
N GLU F 237 -21.66 -30.10 -15.71
CA GLU F 237 -20.35 -29.70 -15.19
C GLU F 237 -19.50 -30.90 -14.77
N SER F 238 -19.95 -32.09 -15.17
CA SER F 238 -19.19 -33.32 -14.98
C SER F 238 -18.00 -33.38 -15.94
N HIS F 239 -18.02 -32.52 -16.97
CA HIS F 239 -16.90 -32.39 -17.91
C HIS F 239 -15.63 -31.98 -17.18
N ALA F 240 -15.74 -30.98 -16.32
CA ALA F 240 -14.61 -30.48 -15.53
C ALA F 240 -14.13 -31.55 -14.54
N VAL F 241 -15.09 -32.29 -13.99
CA VAL F 241 -14.81 -33.37 -13.05
C VAL F 241 -14.08 -34.52 -13.75
N LYS F 242 -14.57 -34.89 -14.94
CA LYS F 242 -13.97 -35.98 -15.70
C LYS F 242 -12.52 -35.67 -16.08
N ILE F 243 -12.25 -34.43 -16.48
CA ILE F 243 -10.88 -34.03 -16.86
C ILE F 243 -9.91 -33.91 -15.67
N VAL F 244 -10.43 -33.58 -14.49
CA VAL F 244 -9.57 -33.48 -13.29
C VAL F 244 -9.17 -34.87 -12.78
N VAL F 245 -10.06 -35.85 -12.97
CA VAL F 245 -9.76 -37.24 -12.68
C VAL F 245 -8.74 -37.77 -13.70
N GLU F 246 -8.98 -37.48 -14.98
CA GLU F 246 -8.07 -37.86 -16.05
C GLU F 246 -6.70 -37.17 -15.94
N ALA F 247 -6.71 -35.93 -15.46
CA ALA F 247 -5.47 -35.19 -15.23
C ALA F 247 -4.69 -35.79 -14.07
N ALA F 248 -5.42 -36.19 -13.03
CA ALA F 248 -4.82 -36.84 -11.85
C ALA F 248 -4.09 -38.12 -12.24
N ARG F 249 -4.65 -38.87 -13.20
CA ARG F 249 -4.03 -40.07 -13.75
C ARG F 249 -2.61 -39.80 -14.24
N ARG F 250 -2.46 -38.75 -15.04
CA ARG F 250 -1.17 -38.39 -15.65
C ARG F 250 -0.15 -37.90 -14.64
N LEU F 251 -0.63 -37.41 -13.50
CA LEU F 251 0.25 -36.82 -12.48
C LEU F 251 0.72 -37.81 -11.41
N LEU F 252 0.35 -39.08 -11.57
CA LEU F 252 0.74 -40.13 -10.61
C LEU F 252 2.08 -40.76 -10.97
P PO4 G . 16.09 11.12 -23.18
O1 PO4 G . 15.06 11.55 -22.16
O2 PO4 G . 15.76 11.78 -24.50
O3 PO4 G . 17.49 11.50 -22.74
O4 PO4 G . 16.02 9.62 -23.34
N1 URA H . 9.79 11.89 -23.37
C2 URA H . 8.82 11.38 -22.59
O2 URA H . 9.13 10.64 -21.62
N3 URA H . 7.53 11.68 -22.82
C4 URA H . 7.18 12.47 -23.84
O4 URA H . 5.98 12.73 -24.05
C5 URA H . 8.17 13.01 -24.67
C6 URA H . 9.49 12.69 -24.40
P PO4 I . -12.34 19.95 19.07
O1 PO4 I . -13.28 21.12 18.91
O2 PO4 I . -12.94 18.74 18.40
O3 PO4 I . -11.01 20.27 18.42
O4 PO4 I . -12.14 19.66 20.54
P PO4 J . -15.39 -21.40 15.29
O1 PO4 J . -14.55 -20.16 15.45
O2 PO4 J . -16.83 -21.07 15.59
O3 PO4 J . -15.30 -21.91 13.87
O4 PO4 J . -14.88 -22.47 16.23
N1 URA K . -9.21 -20.58 16.35
C2 URA K . -8.14 -19.92 15.87
O2 URA K . -8.27 -19.18 14.88
N3 URA K . -6.94 -20.06 16.46
C4 URA K . -6.78 -20.84 17.53
O4 URA K . -5.66 -20.97 18.08
C5 URA K . -7.87 -21.54 18.04
C6 URA K . -9.10 -21.38 17.42
P PO4 L . 19.58 -9.88 -21.08
O1 PO4 L . 19.71 -8.38 -20.96
O2 PO4 L . 18.79 -10.44 -19.92
O3 PO4 L . 18.86 -10.18 -22.37
O4 PO4 L . 20.97 -10.48 -21.11
N1 URA M . 20.82 -10.60 -15.17
C2 URA M . 20.41 -10.22 -13.94
O2 URA M . 19.43 -9.46 -13.83
N3 URA M . 21.05 -10.64 -12.84
C4 URA M . 22.10 -11.46 -12.94
O4 URA M . 22.69 -11.85 -11.90
C5 URA M . 22.55 -11.88 -14.18
C6 URA M . 21.88 -11.43 -15.32
P PO4 N . 8.77 24.49 15.91
O1 PO4 N . 8.41 25.67 15.03
O2 PO4 N . 7.50 23.79 16.34
O3 PO4 N . 9.65 23.54 15.15
O4 PO4 N . 9.49 24.99 17.14
N1 URA O . 11.60 18.93 17.09
C2 URA O . 11.40 17.63 16.75
O2 URA O . 10.39 17.33 16.07
N3 URA O . 12.27 16.69 17.12
C4 URA O . 13.35 17.00 17.85
O4 URA O . 14.16 16.11 18.20
C5 URA O . 13.58 18.32 18.21
C6 URA O . 12.66 19.30 17.82
P PO4 P . -16.54 -24.52 -5.74
O1 PO4 P . -17.87 -24.85 -6.36
O2 PO4 P . -15.76 -23.61 -6.65
O3 PO4 P . -16.77 -23.84 -4.41
O4 PO4 P . -15.75 -25.78 -5.52
N1 URA Q . -18.21 -19.28 -7.92
C2 URA Q . -17.96 -17.94 -7.88
O2 URA Q . -17.07 -17.50 -7.13
N3 URA Q . -18.67 -17.09 -8.63
C4 URA Q . -19.64 -17.54 -9.45
O4 URA Q . -20.28 -16.73 -10.14
C5 URA Q . -19.91 -18.89 -9.51
C6 URA Q . -19.17 -19.76 -8.72
#